data_5Z0V
#
_entry.id   5Z0V
#
_cell.length_a   63.104
_cell.length_b   223.076
_cell.length_c   85.165
_cell.angle_alpha   90.00
_cell.angle_beta   109.99
_cell.angle_gamma   90.00
#
_symmetry.space_group_name_H-M   'P 1 21 1'
#
loop_
_entity.id
_entity.type
_entity.pdbx_description
1 polymer 'Extracellular solute-binding protein family 1,viral genome protein'
2 branched alpha-D-glucopyranose-(1-4)-alpha-D-glucopyranose
3 water water
#
_entity_poly.entity_id   1
_entity_poly.type   'polypeptide(L)'
_entity_poly.pdbx_seq_one_letter_code
;MKIEEGKLVIWINGDKGYNGLAEVGKKFEKDTGIKVTVEHPDKLEEKFPQVAATGDGPDIIFWAHDRFGGYAQSGLLAEI
TPDKAFQDKLYPFTWDAVRYNGKLIAYPIAVEALSLIYNKDLLPNPPKTWEEIPALDKELKAKGKSALMFNLQEPYFTWP
LIAADGGYAFKYENGKYDIKDVGVDNAGAKAGLTFLVDLIKNKHMNADTDYSIAEAAFNKGETAMTINGPWAWSNIDTSK
VNYGVTVLPTFKGQPSKPFVGVLSAGIDAASPNKELAKEFLENYLLTDEGLEAVNKDKPLGAVALKSYEEELAKDPRIAA
TMENAQKGEIMPNIPQMSAFWYAVRTAVINAASGRQTVDEALKDAQTRITVSPFGGLKRLPAGLLLGHGPIRMVLAILAF
LRFTAIKPSLGLINRWGSVGKKEAMEIIKKFKKDLAAMLRIINAR
;
_entity_poly.pdbx_strand_id   A,B,C,D
#
loop_
_chem_comp.id
_chem_comp.type
_chem_comp.name
_chem_comp.formula
GLC D-saccharide, alpha linking alpha-D-glucopyranose 'C6 H12 O6'
#
# COMPACT_ATOMS: atom_id res chain seq x y z
N LYS A 2 -9.50 22.41 28.90
CA LYS A 2 -8.93 23.20 29.97
C LYS A 2 -9.67 24.51 30.21
N ILE A 3 -10.02 25.21 29.14
CA ILE A 3 -10.75 26.45 29.32
C ILE A 3 -12.11 26.08 29.85
N GLU A 4 -12.53 26.78 30.90
CA GLU A 4 -13.82 26.54 31.52
C GLU A 4 -14.47 27.88 31.79
N GLU A 5 -15.79 27.88 31.86
CA GLU A 5 -16.51 29.12 32.09
C GLU A 5 -16.52 29.46 33.58
N GLY A 6 -16.30 30.73 33.88
CA GLY A 6 -16.15 31.22 35.23
C GLY A 6 -14.75 31.20 35.78
N LYS A 7 -13.74 30.96 34.95
CA LYS A 7 -12.34 30.96 35.36
C LYS A 7 -11.51 31.53 34.23
N LEU A 8 -10.29 31.96 34.55
CA LEU A 8 -9.33 32.46 33.58
C LEU A 8 -8.06 31.62 33.60
N VAL A 9 -7.59 31.24 32.41
CA VAL A 9 -6.33 30.53 32.23
C VAL A 9 -5.39 31.42 31.44
N ILE A 10 -4.22 31.70 32.02
CA ILE A 10 -3.25 32.64 31.46
C ILE A 10 -1.98 31.88 31.10
N TRP A 11 -1.43 32.20 29.93
CA TRP A 11 -0.15 31.66 29.49
C TRP A 11 0.86 32.79 29.40
N ILE A 12 2.04 32.58 29.98
CA ILE A 12 3.10 33.58 29.97
C ILE A 12 4.43 32.85 29.91
N ASN A 13 5.44 33.51 29.36
CA ASN A 13 6.73 32.88 29.15
C ASN A 13 7.44 32.61 30.47
N GLY A 14 8.25 31.55 30.49
CA GLY A 14 8.87 31.09 31.73
C GLY A 14 9.91 32.01 32.29
N ASP A 15 10.46 32.92 31.49
CA ASP A 15 11.48 33.85 31.96
C ASP A 15 10.87 35.12 32.55
N LYS A 16 9.55 35.27 32.51
CA LYS A 16 8.87 36.42 33.08
C LYS A 16 8.37 36.11 34.49
N GLY A 17 7.96 37.16 35.19
CA GLY A 17 7.52 37.04 36.57
C GLY A 17 6.14 36.45 36.74
N TYR A 18 5.99 35.16 36.43
CA TYR A 18 4.65 34.55 36.50
C TYR A 18 4.18 34.33 37.93
N ASN A 19 5.08 34.27 38.91
CA ASN A 19 4.63 34.20 40.29
C ASN A 19 4.01 35.53 40.73
N GLY A 20 4.62 36.64 40.33
CA GLY A 20 4.01 37.94 40.60
C GLY A 20 2.65 38.09 39.94
N LEU A 21 2.53 37.63 38.69
CA LEU A 21 1.23 37.65 38.03
C LEU A 21 0.23 36.75 38.75
N ALA A 22 0.70 35.62 39.27
CA ALA A 22 -0.18 34.75 40.04
C ALA A 22 -0.71 35.43 41.29
N GLU A 23 0.03 36.39 41.85
CA GLU A 23 -0.46 37.11 43.03
C GLU A 23 -1.59 38.07 42.70
N VAL A 24 -1.50 38.76 41.57
CA VAL A 24 -2.63 39.60 41.18
C VAL A 24 -3.83 38.73 40.80
N GLY A 25 -3.57 37.53 40.26
CA GLY A 25 -4.67 36.61 39.99
C GLY A 25 -5.34 36.13 41.26
N LYS A 26 -4.57 35.90 42.32
CA LYS A 26 -5.17 35.59 43.61
C LYS A 26 -5.98 36.75 44.14
N LYS A 27 -5.48 37.99 43.94
CA LYS A 27 -6.24 39.16 44.34
C LYS A 27 -7.54 39.27 43.55
N PHE A 28 -7.48 38.99 42.24
CA PHE A 28 -8.70 38.98 41.44
C PHE A 28 -9.69 37.95 41.95
N GLU A 29 -9.22 36.75 42.29
CA GLU A 29 -10.11 35.69 42.75
C GLU A 29 -10.79 36.06 44.05
N LYS A 30 -10.06 36.63 45.00
CA LYS A 30 -10.63 37.02 46.28
C LYS A 30 -11.72 38.07 46.08
N ASP A 31 -11.53 38.98 45.13
CA ASP A 31 -12.50 40.05 44.91
C ASP A 31 -13.73 39.59 44.15
N THR A 32 -13.60 38.55 43.32
CA THR A 32 -14.65 38.19 42.37
C THR A 32 -15.11 36.74 42.43
N GLY A 33 -14.35 35.83 43.05
CA GLY A 33 -14.66 34.42 42.99
C GLY A 33 -14.26 33.71 41.72
N ILE A 34 -13.58 34.38 40.80
CA ILE A 34 -13.08 33.75 39.58
C ILE A 34 -11.64 33.33 39.81
N LYS A 35 -11.40 32.02 39.77
CA LYS A 35 -10.05 31.50 39.94
C LYS A 35 -9.20 31.84 38.72
N VAL A 36 -7.98 32.31 38.96
CA VAL A 36 -7.01 32.62 37.92
C VAL A 36 -5.88 31.60 38.02
N THR A 37 -5.53 30.99 36.89
CA THR A 37 -4.48 29.98 36.84
C THR A 37 -3.45 30.43 35.80
N VAL A 38 -2.20 30.58 36.23
CA VAL A 38 -1.11 31.01 35.37
C VAL A 38 -0.24 29.82 35.01
N GLU A 39 0.03 29.65 33.72
CA GLU A 39 0.84 28.54 33.23
C GLU A 39 1.94 29.10 32.34
N HIS A 40 3.08 28.40 32.32
CA HIS A 40 4.20 28.81 31.48
C HIS A 40 4.71 27.62 30.67
N PRO A 41 3.94 27.18 29.67
CA PRO A 41 4.42 26.08 28.83
C PRO A 41 5.50 26.56 27.87
N ASP A 42 6.35 25.63 27.45
CA ASP A 42 7.39 25.96 26.49
C ASP A 42 6.79 26.07 25.10
N LYS A 43 7.40 26.92 24.27
CA LYS A 43 6.93 27.15 22.90
C LYS A 43 5.47 27.60 22.90
N LEU A 44 5.08 28.38 23.91
CA LEU A 44 3.67 28.78 24.02
C LEU A 44 3.25 29.63 22.83
N GLU A 45 4.18 30.39 22.25
CA GLU A 45 3.85 31.19 21.08
C GLU A 45 3.57 30.30 19.87
N GLU A 46 4.16 29.11 19.82
CA GLU A 46 3.84 28.15 18.77
C GLU A 46 2.62 27.32 19.12
N LYS A 47 2.43 27.00 20.39
CA LYS A 47 1.32 26.14 20.79
C LYS A 47 -0.02 26.84 20.70
N PHE A 48 -0.05 28.15 20.95
CA PHE A 48 -1.33 28.86 21.00
C PHE A 48 -2.14 28.71 19.70
N PRO A 49 -1.59 28.97 18.51
CA PRO A 49 -2.38 28.77 17.29
C PRO A 49 -2.88 27.35 17.11
N GLN A 50 -2.21 26.36 17.69
CA GLN A 50 -2.67 24.98 17.58
C GLN A 50 -3.84 24.69 18.51
N VAL A 51 -3.96 25.42 19.62
CA VAL A 51 -4.96 25.14 20.64
C VAL A 51 -6.02 26.23 20.75
N ALA A 52 -5.87 27.35 20.04
CA ALA A 52 -6.84 28.42 20.12
C ALA A 52 -8.22 27.94 19.66
N ALA A 53 -9.24 28.31 20.42
CA ALA A 53 -10.63 27.98 20.17
C ALA A 53 -10.93 26.49 20.28
N THR A 54 -10.09 25.74 21.01
CA THR A 54 -10.34 24.32 21.25
C THR A 54 -10.72 24.01 22.67
N GLY A 55 -10.66 24.99 23.58
CA GLY A 55 -10.83 24.73 24.99
C GLY A 55 -9.62 24.17 25.69
N ASP A 56 -8.56 23.83 24.95
CA ASP A 56 -7.31 23.37 25.52
C ASP A 56 -6.29 24.49 25.67
N GLY A 57 -6.66 25.72 25.34
CA GLY A 57 -5.74 26.83 25.39
C GLY A 57 -6.08 27.82 26.48
N PRO A 58 -5.33 28.92 26.53
CA PRO A 58 -5.58 29.94 27.55
C PRO A 58 -6.64 30.92 27.10
N ASP A 59 -7.24 31.58 28.09
CA ASP A 59 -8.07 32.74 27.78
C ASP A 59 -7.22 33.95 27.46
N ILE A 60 -6.02 34.04 28.03
CA ILE A 60 -5.13 35.18 27.85
C ILE A 60 -3.73 34.66 27.56
N ILE A 61 -3.09 35.22 26.54
CA ILE A 61 -1.74 34.84 26.12
C ILE A 61 -0.84 36.06 26.25
N PHE A 62 0.31 35.87 26.91
CA PHE A 62 1.29 36.93 27.09
C PHE A 62 2.49 36.64 26.20
N TRP A 63 2.76 37.54 25.26
CA TRP A 63 3.94 37.44 24.43
C TRP A 63 4.24 38.82 23.85
N ALA A 64 5.41 38.95 23.25
CA ALA A 64 5.73 40.15 22.50
C ALA A 64 4.74 40.33 21.34
N HIS A 65 4.52 41.59 20.97
CA HIS A 65 3.47 41.94 20.02
C HIS A 65 3.68 41.35 18.63
N ASP A 66 4.90 40.92 18.28
CA ASP A 66 5.17 40.52 16.90
C ASP A 66 4.39 39.28 16.47
N ARG A 67 4.04 38.41 17.42
CA ARG A 67 3.31 37.19 17.07
C ARG A 67 1.80 37.40 16.99
N PHE A 68 1.30 38.53 17.52
CA PHE A 68 -0.14 38.70 17.66
C PHE A 68 -0.82 39.05 16.33
N GLY A 69 -0.10 39.66 15.40
CA GLY A 69 -0.70 39.95 14.10
C GLY A 69 -1.06 38.70 13.34
N GLY A 70 -0.19 37.68 13.41
CA GLY A 70 -0.52 36.41 12.81
C GLY A 70 -1.71 35.75 13.46
N TYR A 71 -1.80 35.83 14.79
CA TYR A 71 -2.98 35.32 15.48
C TYR A 71 -4.23 36.03 15.00
N ALA A 72 -4.15 37.35 14.83
CA ALA A 72 -5.32 38.13 14.40
C ALA A 72 -5.74 37.78 12.98
N GLN A 73 -4.76 37.55 12.10
CA GLN A 73 -5.08 37.23 10.71
C GLN A 73 -5.86 35.94 10.59
N SER A 74 -5.67 35.02 11.52
CA SER A 74 -6.46 33.79 11.57
C SER A 74 -7.73 33.95 12.38
N GLY A 75 -7.99 35.13 12.93
CA GLY A 75 -9.18 35.35 13.74
C GLY A 75 -9.13 34.71 15.10
N LEU A 76 -7.94 34.54 15.67
CA LEU A 76 -7.80 33.90 16.97
C LEU A 76 -7.86 34.88 18.12
N LEU A 77 -7.68 36.18 17.85
CA LEU A 77 -7.66 37.19 18.88
C LEU A 77 -8.99 37.94 18.94
N ALA A 78 -9.46 38.17 20.16
CA ALA A 78 -10.62 39.02 20.38
C ALA A 78 -10.22 40.47 20.18
N GLU A 79 -11.11 41.26 19.58
CA GLU A 79 -10.85 42.68 19.44
C GLU A 79 -11.02 43.38 20.78
N ILE A 80 -10.08 44.27 21.10
CA ILE A 80 -10.05 44.96 22.38
C ILE A 80 -10.88 46.24 22.26
N THR A 81 -11.58 46.60 23.33
CA THR A 81 -12.47 47.77 23.34
C THR A 81 -12.27 48.57 24.62
N PRO A 82 -11.13 49.23 24.78
CA PRO A 82 -10.93 50.07 25.95
C PRO A 82 -11.53 51.45 25.75
N ASP A 83 -12.05 52.01 26.83
CA ASP A 83 -12.52 53.38 26.75
C ASP A 83 -11.33 54.31 26.50
N LYS A 84 -11.64 55.50 25.97
CA LYS A 84 -10.57 56.46 25.72
C LYS A 84 -9.88 56.88 27.02
N ALA A 85 -10.61 56.88 28.13
CA ALA A 85 -10.01 57.22 29.42
C ALA A 85 -8.93 56.23 29.81
N PHE A 86 -9.21 54.93 29.65
CA PHE A 86 -8.19 53.91 29.91
C PHE A 86 -7.06 53.98 28.90
N GLN A 87 -7.40 54.29 27.66
CA GLN A 87 -6.42 54.33 26.58
C GLN A 87 -5.29 55.30 26.88
N ASP A 88 -5.60 56.43 27.53
CA ASP A 88 -4.60 57.44 27.85
C ASP A 88 -3.77 57.09 29.07
N LYS A 89 -4.12 56.03 29.79
CA LYS A 89 -3.29 55.55 30.88
C LYS A 89 -2.03 54.88 30.37
N LEU A 90 -1.98 54.55 29.07
CA LEU A 90 -0.84 53.87 28.47
C LEU A 90 -0.21 54.77 27.41
N TYR A 91 1.08 54.59 27.18
CA TYR A 91 1.77 55.42 26.21
C TYR A 91 1.24 55.15 24.81
N PRO A 92 0.99 56.20 24.01
CA PRO A 92 0.40 55.99 22.68
C PRO A 92 1.19 55.04 21.78
N PHE A 93 2.53 55.04 21.88
CA PHE A 93 3.32 54.21 20.98
C PHE A 93 3.20 52.73 21.30
N THR A 94 2.98 52.36 22.56
CA THR A 94 2.76 50.95 22.87
C THR A 94 1.44 50.47 22.31
N TRP A 95 0.45 51.37 22.21
CA TRP A 95 -0.80 51.02 21.53
C TRP A 95 -0.55 50.74 20.06
N ASP A 96 0.42 51.43 19.44
CA ASP A 96 0.73 51.18 18.04
C ASP A 96 1.28 49.78 17.83
N ALA A 97 1.98 49.24 18.83
CA ALA A 97 2.51 47.89 18.72
C ALA A 97 1.39 46.86 18.71
N VAL A 98 0.24 47.18 19.29
CA VAL A 98 -0.85 46.23 19.38
C VAL A 98 -1.98 46.61 18.41
N ARG A 99 -1.71 47.49 17.45
CA ARG A 99 -2.67 47.81 16.41
C ARG A 99 -2.37 46.98 15.18
N TYR A 100 -3.40 46.34 14.63
CA TYR A 100 -3.26 45.55 13.42
C TYR A 100 -4.53 45.66 12.60
N ASN A 101 -4.39 46.12 11.36
CA ASN A 101 -5.52 46.41 10.49
C ASN A 101 -6.54 47.30 11.20
N GLY A 102 -6.05 48.44 11.66
CA GLY A 102 -6.88 49.45 12.28
C GLY A 102 -7.58 49.04 13.56
N LYS A 103 -7.31 47.84 14.04
CA LYS A 103 -7.96 47.30 15.24
C LYS A 103 -6.94 47.05 16.33
N LEU A 104 -7.32 47.27 17.58
CA LEU A 104 -6.50 46.87 18.71
C LEU A 104 -6.84 45.44 19.08
N ILE A 105 -5.82 44.60 19.24
CA ILE A 105 -6.02 43.18 19.45
C ILE A 105 -5.28 42.67 20.68
N ALA A 106 -4.74 43.59 21.48
CA ALA A 106 -4.05 43.21 22.70
C ALA A 106 -3.84 44.45 23.56
N TYR A 107 -3.54 44.21 24.85
CA TYR A 107 -3.15 45.23 25.81
C TYR A 107 -1.64 45.31 25.94
N PRO A 108 -1.04 46.48 25.78
CA PRO A 108 0.41 46.60 26.01
C PRO A 108 0.71 46.59 27.50
N ILE A 109 1.77 45.88 27.86
CA ILE A 109 2.19 45.74 29.25
C ILE A 109 3.51 46.45 29.50
N ALA A 110 4.56 46.07 28.77
CA ALA A 110 5.88 46.62 29.01
C ALA A 110 6.69 46.63 27.72
N VAL A 111 7.64 47.55 27.64
CA VAL A 111 8.55 47.67 26.52
C VAL A 111 9.87 47.03 26.92
N GLU A 112 10.31 46.05 26.15
CA GLU A 112 11.53 45.30 26.45
C GLU A 112 12.54 45.52 25.34
N ALA A 113 13.79 45.72 25.75
CA ALA A 113 14.89 45.89 24.81
C ALA A 113 16.13 45.27 25.42
N LEU A 114 16.90 44.59 24.59
CA LEU A 114 18.13 43.97 25.06
C LEU A 114 19.12 45.06 25.48
N SER A 115 19.95 44.73 26.46
CA SER A 115 20.95 45.66 26.93
C SER A 115 22.22 44.90 27.26
N LEU A 116 23.33 45.64 27.32
CA LEU A 116 24.62 45.06 27.67
C LEU A 116 24.75 45.03 29.18
N ILE A 117 24.96 43.84 29.73
CA ILE A 117 25.09 43.65 31.17
C ILE A 117 26.50 43.17 31.43
N TYR A 118 27.24 43.91 32.26
CA TYR A 118 28.66 43.68 32.44
C TYR A 118 29.01 43.62 33.92
N ASN A 119 30.03 42.82 34.22
CA ASN A 119 30.54 42.68 35.58
C ASN A 119 31.47 43.86 35.85
N LYS A 120 31.03 44.78 36.70
CA LYS A 120 31.82 45.97 36.97
C LYS A 120 33.14 45.62 37.64
N ASP A 121 33.20 44.49 38.35
CA ASP A 121 34.44 44.09 39.01
C ASP A 121 35.46 43.54 38.01
N LEU A 122 34.98 42.83 36.99
CA LEU A 122 35.84 42.23 35.98
C LEU A 122 36.13 43.19 34.84
N LEU A 123 35.31 44.20 34.67
CA LEU A 123 35.42 45.15 33.57
C LEU A 123 34.72 46.45 33.94
N PRO A 124 35.45 47.44 34.46
CA PRO A 124 34.81 48.69 34.87
C PRO A 124 34.42 49.60 33.71
N ASN A 125 35.00 49.42 32.52
CA ASN A 125 34.71 50.26 31.36
C ASN A 125 34.28 49.36 30.21
N PRO A 126 32.98 49.10 30.07
CA PRO A 126 32.52 48.20 29.03
C PRO A 126 32.83 48.73 27.66
N PRO A 127 32.99 47.85 26.67
CA PRO A 127 33.36 48.29 25.32
C PRO A 127 32.24 49.07 24.64
N LYS A 128 32.66 50.04 23.84
CA LYS A 128 31.75 50.84 23.04
C LYS A 128 31.51 50.24 21.66
N THR A 129 32.43 49.42 21.18
CA THR A 129 32.33 48.78 19.88
C THR A 129 32.46 47.27 20.06
N TRP A 130 31.83 46.53 19.16
CA TRP A 130 31.98 45.08 19.16
C TRP A 130 33.43 44.70 18.91
N GLU A 131 34.13 45.47 18.08
CA GLU A 131 35.49 45.13 17.68
C GLU A 131 36.47 45.19 18.84
N GLU A 132 36.13 45.84 19.95
CA GLU A 132 37.02 45.84 21.11
C GLU A 132 37.02 44.52 21.86
N ILE A 133 36.05 43.64 21.61
CA ILE A 133 35.84 42.46 22.46
C ILE A 133 36.82 41.33 22.16
N PRO A 134 37.17 41.05 20.89
CA PRO A 134 38.22 40.04 20.66
C PRO A 134 39.50 40.31 21.43
N ALA A 135 40.02 41.55 21.34
CA ALA A 135 41.18 41.91 22.14
C ALA A 135 40.87 41.84 23.63
N LEU A 136 39.63 42.16 24.01
CA LEU A 136 39.23 42.13 25.41
C LEU A 136 39.08 40.70 25.91
N ASP A 137 38.70 39.77 25.05
CA ASP A 137 38.55 38.38 25.46
C ASP A 137 39.89 37.73 25.78
N LYS A 138 40.88 37.89 24.90
CA LYS A 138 42.18 37.26 25.10
C LYS A 138 42.78 37.62 26.46
N GLU A 139 42.55 38.86 26.91
CA GLU A 139 43.16 39.30 28.17
C GLU A 139 42.44 38.66 29.34
N LEU A 140 41.11 38.54 29.28
CA LEU A 140 40.39 37.86 30.35
C LEU A 140 40.60 36.35 30.30
N LYS A 141 40.79 35.79 29.09
CA LYS A 141 41.09 34.37 28.99
C LYS A 141 42.42 34.04 29.65
N ALA A 142 43.35 35.00 29.66
CA ALA A 142 44.61 34.78 30.37
C ALA A 142 44.41 34.66 31.87
N LYS A 143 43.32 35.23 32.40
CA LYS A 143 43.00 35.13 33.80
C LYS A 143 41.94 34.06 34.07
N GLY A 144 41.64 33.22 33.08
CA GLY A 144 40.65 32.18 33.26
C GLY A 144 39.21 32.60 33.11
N LYS A 145 38.96 33.76 32.52
CA LYS A 145 37.62 34.30 32.37
C LYS A 145 37.28 34.45 30.90
N SER A 146 36.11 35.01 30.62
CA SER A 146 35.68 35.24 29.25
C SER A 146 35.01 36.60 29.15
N ALA A 147 35.06 37.18 27.95
CA ALA A 147 34.51 38.51 27.77
C ALA A 147 33.00 38.50 27.68
N LEU A 148 32.44 37.68 26.79
CA LEU A 148 31.02 37.74 26.48
C LEU A 148 30.44 36.38 26.11
N MET A 149 29.29 36.04 26.69
CA MET A 149 28.51 34.87 26.35
C MET A 149 27.04 35.21 26.44
N PHE A 150 26.29 34.91 25.38
CA PHE A 150 24.86 35.14 25.35
C PHE A 150 24.20 34.05 24.53
N ASN A 151 22.87 34.02 24.56
CA ASN A 151 22.08 32.97 23.94
C ASN A 151 22.16 33.12 22.42
N LEU A 152 22.98 32.28 21.79
CA LEU A 152 23.12 32.27 20.34
C LEU A 152 22.02 31.50 19.62
N GLN A 153 21.18 30.76 20.33
CA GLN A 153 20.21 29.89 19.68
C GLN A 153 18.88 30.57 19.40
N GLU A 154 18.71 31.82 19.80
CA GLU A 154 17.56 32.61 19.40
C GLU A 154 18.03 33.86 18.69
N PRO A 155 17.55 34.11 17.47
CA PRO A 155 18.05 35.27 16.72
C PRO A 155 17.73 36.60 17.34
N TYR A 156 16.76 36.65 18.26
CA TYR A 156 16.46 37.88 19.01
C TYR A 156 17.73 38.48 19.61
N PHE A 157 18.64 37.62 20.07
CA PHE A 157 19.88 38.09 20.67
C PHE A 157 20.96 38.36 19.64
N THR A 158 20.90 37.67 18.51
CA THR A 158 21.88 37.86 17.45
C THR A 158 21.54 39.03 16.53
N TRP A 159 20.27 39.41 16.49
CA TRP A 159 19.83 40.46 15.58
C TRP A 159 20.41 41.84 15.83
N PRO A 160 20.65 42.30 17.07
CA PRO A 160 21.15 43.68 17.23
C PRO A 160 22.43 43.94 16.47
N LEU A 161 23.31 42.96 16.37
CA LEU A 161 24.54 43.14 15.60
C LEU A 161 24.29 43.01 14.10
N ILE A 162 23.32 42.18 13.70
CA ILE A 162 23.02 42.02 12.28
C ILE A 162 22.42 43.30 11.71
N ALA A 163 21.49 43.91 12.43
CA ALA A 163 20.79 45.09 11.94
C ALA A 163 21.63 46.36 11.99
N ALA A 164 22.81 46.32 12.62
CA ALA A 164 23.60 47.53 12.82
C ALA A 164 23.90 48.24 11.50
N ASP A 165 24.41 47.50 10.50
CA ASP A 165 24.85 48.09 9.25
C ASP A 165 23.81 47.95 8.14
N GLY A 166 22.54 47.79 8.48
CA GLY A 166 21.50 47.86 7.48
C GLY A 166 20.67 46.61 7.35
N GLY A 167 20.95 45.56 8.11
CA GLY A 167 20.04 44.41 8.11
C GLY A 167 18.68 44.85 8.61
N TYR A 168 17.64 44.34 7.97
CA TYR A 168 16.28 44.69 8.36
C TYR A 168 15.35 43.56 7.97
N ALA A 169 14.19 43.54 8.62
CA ALA A 169 13.21 42.51 8.32
C ALA A 169 12.54 42.84 7.00
N PHE A 170 11.56 43.72 7.05
CA PHE A 170 10.86 44.19 5.87
C PHE A 170 11.02 45.71 5.81
N LYS A 171 11.33 46.24 4.64
CA LYS A 171 11.49 47.68 4.53
C LYS A 171 10.20 48.37 4.93
N TYR A 172 10.32 49.59 5.46
CA TYR A 172 9.15 50.35 5.88
C TYR A 172 8.94 51.50 4.89
N GLU A 173 7.91 51.39 4.06
CA GLU A 173 7.60 52.43 3.08
C GLU A 173 6.26 53.10 3.37
N ASN A 174 6.28 54.41 3.59
CA ASN A 174 5.08 55.19 3.83
C ASN A 174 4.18 54.66 4.94
N GLY A 175 4.77 54.21 6.03
CA GLY A 175 4.00 53.68 7.14
C GLY A 175 3.43 52.29 6.92
N LYS A 176 3.96 51.57 5.93
CA LYS A 176 3.51 50.22 5.63
C LYS A 176 4.71 49.30 5.49
N TYR A 177 4.50 48.01 5.71
CA TYR A 177 5.62 47.07 5.61
C TYR A 177 5.55 46.32 4.29
N ASP A 178 6.68 46.24 3.58
CA ASP A 178 6.75 45.63 2.26
C ASP A 178 7.22 44.19 2.37
N ILE A 179 6.30 43.25 2.12
CA ILE A 179 6.58 41.83 2.29
C ILE A 179 7.58 41.33 1.26
N LYS A 180 7.68 42.01 0.13
CA LYS A 180 8.54 41.56 -0.95
C LYS A 180 9.94 42.16 -0.92
N ASP A 181 10.17 43.23 -0.16
CA ASP A 181 11.50 43.80 -0.02
C ASP A 181 12.05 43.37 1.33
N VAL A 182 12.81 42.28 1.33
CA VAL A 182 13.36 41.69 2.54
C VAL A 182 14.85 42.02 2.59
N GLY A 183 15.30 42.55 3.72
CA GLY A 183 16.68 42.99 3.85
C GLY A 183 17.57 42.14 4.73
N VAL A 184 17.29 40.83 4.77
CA VAL A 184 18.13 39.90 5.53
C VAL A 184 19.41 39.56 4.78
N ASP A 185 19.53 39.99 3.53
CA ASP A 185 20.63 39.57 2.66
C ASP A 185 21.45 40.76 2.15
N ASN A 186 21.39 41.91 2.80
CA ASN A 186 22.16 43.04 2.32
C ASN A 186 23.58 42.99 2.89
N ALA A 187 24.39 43.99 2.53
CA ALA A 187 25.80 43.97 2.92
C ALA A 187 25.94 44.06 4.43
N GLY A 188 25.14 44.89 5.07
CA GLY A 188 25.24 45.04 6.52
C GLY A 188 24.85 43.77 7.26
N ALA A 189 23.81 43.08 6.78
CA ALA A 189 23.45 41.80 7.37
C ALA A 189 24.60 40.81 7.26
N LYS A 190 25.17 40.67 6.05
CA LYS A 190 26.34 39.82 5.88
C LYS A 190 27.48 40.29 6.77
N ALA A 191 27.66 41.61 6.88
CA ALA A 191 28.76 42.15 7.67
C ALA A 191 28.62 41.80 9.14
N GLY A 192 27.41 41.93 9.68
CA GLY A 192 27.23 41.70 11.11
C GLY A 192 27.38 40.24 11.51
N LEU A 193 26.78 39.32 10.74
CA LEU A 193 26.86 37.91 11.09
C LEU A 193 28.24 37.33 10.83
N THR A 194 28.98 37.89 9.86
CA THR A 194 30.36 37.47 9.65
C THR A 194 31.18 37.76 10.90
N PHE A 195 31.00 38.94 11.50
CA PHE A 195 31.69 39.28 12.74
C PHE A 195 31.39 38.25 13.82
N LEU A 196 30.15 37.77 13.89
CA LEU A 196 29.78 36.84 14.94
C LEU A 196 30.41 35.48 14.71
N VAL A 197 30.51 35.05 13.45
CA VAL A 197 31.13 33.78 13.14
C VAL A 197 32.63 33.83 13.42
N ASP A 198 33.26 34.96 13.10
CA ASP A 198 34.68 35.14 13.40
C ASP A 198 34.96 34.95 14.89
N LEU A 199 34.07 35.48 15.74
CA LEU A 199 34.20 35.27 17.17
C LEU A 199 34.20 33.78 17.52
N ILE A 200 33.41 32.98 16.81
CA ILE A 200 33.35 31.56 17.10
C ILE A 200 34.55 30.83 16.53
N LYS A 201 34.98 31.19 15.31
CA LYS A 201 36.21 30.66 14.76
C LYS A 201 37.38 30.94 15.71
N ASN A 202 37.54 32.20 16.10
CA ASN A 202 38.65 32.63 16.94
C ASN A 202 38.43 32.31 18.40
N LYS A 203 37.51 31.39 18.69
CA LYS A 203 37.32 30.82 20.02
C LYS A 203 37.07 31.90 21.08
N HIS A 204 36.38 32.98 20.69
CA HIS A 204 35.90 33.97 21.64
C HIS A 204 34.49 33.65 22.13
N MET A 205 33.76 32.82 21.38
CA MET A 205 32.46 32.32 21.79
C MET A 205 32.28 30.93 21.22
N ASN A 206 31.36 30.18 21.82
CA ASN A 206 31.02 28.84 21.38
C ASN A 206 29.64 28.85 20.76
N ALA A 207 29.51 28.23 19.59
CA ALA A 207 28.25 28.24 18.85
C ALA A 207 27.12 27.54 19.61
N ASP A 208 27.44 26.69 20.59
CA ASP A 208 26.42 25.93 21.29
C ASP A 208 25.82 26.68 22.47
N THR A 209 26.34 27.86 22.81
CA THR A 209 25.90 28.56 24.00
C THR A 209 24.43 28.91 23.91
N ASP A 210 23.70 28.64 24.99
CA ASP A 210 22.27 28.89 25.06
C ASP A 210 21.97 29.82 26.23
N TYR A 211 20.66 30.00 26.51
CA TYR A 211 20.25 30.90 27.58
C TYR A 211 20.73 30.38 28.93
N SER A 212 20.58 29.07 29.17
CA SER A 212 20.91 28.51 30.47
C SER A 212 22.42 28.59 30.74
N ILE A 213 23.23 28.28 29.73
CA ILE A 213 24.68 28.32 29.90
C ILE A 213 25.15 29.76 30.10
N ALA A 214 24.67 30.67 29.27
CA ALA A 214 25.10 32.07 29.35
C ALA A 214 24.78 32.67 30.71
N GLU A 215 23.55 32.46 31.19
CA GLU A 215 23.14 33.10 32.44
C GLU A 215 23.85 32.48 33.64
N ALA A 216 24.14 31.18 33.60
CA ALA A 216 24.86 30.56 34.70
C ALA A 216 26.26 31.13 34.85
N ALA A 217 26.97 31.33 33.75
CA ALA A 217 28.35 31.84 33.82
C ALA A 217 28.39 33.25 34.36
N PHE A 218 27.51 34.13 33.88
CA PHE A 218 27.54 35.52 34.36
C PHE A 218 27.17 35.58 35.83
N ASN A 219 26.18 34.80 36.26
CA ASN A 219 25.84 34.80 37.67
C ASN A 219 26.89 34.11 38.52
N LYS A 220 27.79 33.34 37.90
CA LYS A 220 28.92 32.74 38.60
C LYS A 220 30.21 33.52 38.41
N GLY A 221 30.14 34.68 37.77
CA GLY A 221 31.34 35.49 37.58
C GLY A 221 32.35 34.91 36.62
N GLU A 222 31.93 34.06 35.69
CA GLU A 222 32.84 33.44 34.74
C GLU A 222 32.97 34.23 33.45
N THR A 223 32.01 35.09 33.15
CA THR A 223 32.07 35.93 31.97
C THR A 223 31.85 37.38 32.40
N ALA A 224 32.50 38.29 31.67
CA ALA A 224 32.40 39.71 32.01
C ALA A 224 31.13 40.33 31.49
N MET A 225 30.63 39.88 30.34
CA MET A 225 29.51 40.53 29.67
C MET A 225 28.49 39.49 29.20
N THR A 226 27.23 39.91 29.17
CA THR A 226 26.17 39.13 28.54
C THR A 226 25.17 40.09 27.92
N ILE A 227 24.29 39.54 27.09
CA ILE A 227 23.19 40.31 26.48
C ILE A 227 21.87 39.66 26.87
N ASN A 228 21.00 40.45 27.51
CA ASN A 228 19.72 39.95 28.01
C ASN A 228 18.81 41.13 28.30
N GLY A 229 17.55 40.82 28.58
CA GLY A 229 16.54 41.82 28.85
C GLY A 229 16.30 42.02 30.33
N PRO A 230 15.39 42.94 30.66
CA PRO A 230 15.20 43.31 32.09
C PRO A 230 14.76 42.17 32.97
N TRP A 231 14.08 41.16 32.43
CA TRP A 231 13.64 40.02 33.23
C TRP A 231 14.82 39.31 33.91
N ALA A 232 16.02 39.44 33.34
CA ALA A 232 17.19 38.73 33.86
C ALA A 232 17.76 39.35 35.12
N TRP A 233 17.43 40.60 35.43
CA TRP A 233 18.11 41.30 36.51
C TRP A 233 17.87 40.65 37.86
N SER A 234 16.76 39.92 38.01
CA SER A 234 16.41 39.36 39.32
C SER A 234 17.41 38.32 39.78
N ASN A 235 17.86 37.46 38.88
CA ASN A 235 18.82 36.42 39.27
C ASN A 235 20.21 36.98 39.48
N ILE A 236 20.55 38.08 38.80
CA ILE A 236 21.85 38.71 39.03
C ILE A 236 21.86 39.42 40.38
N ASP A 237 20.73 39.97 40.82
CA ASP A 237 20.66 40.58 42.14
C ASP A 237 21.02 39.57 43.24
N THR A 238 20.33 38.43 43.26
CA THR A 238 20.57 37.43 44.29
C THR A 238 22.00 36.90 44.23
N SER A 239 22.55 36.74 43.03
CA SER A 239 23.89 36.20 42.89
C SER A 239 24.95 37.12 43.49
N LYS A 240 24.57 38.34 43.85
CA LYS A 240 25.43 39.35 44.45
C LYS A 240 26.61 39.75 43.56
N VAL A 241 26.61 39.31 42.30
CA VAL A 241 27.54 39.89 41.34
C VAL A 241 27.18 41.36 41.19
N ASN A 242 28.17 42.24 41.34
CA ASN A 242 27.93 43.67 41.21
C ASN A 242 28.09 44.05 39.75
N TYR A 243 26.96 44.33 39.11
CA TYR A 243 26.83 44.42 37.66
C TYR A 243 26.32 45.78 37.25
N GLY A 244 26.38 46.04 35.95
CA GLY A 244 25.80 47.24 35.38
C GLY A 244 25.07 46.92 34.09
N VAL A 245 24.20 47.85 33.70
CA VAL A 245 23.39 47.73 32.50
C VAL A 245 23.62 48.98 31.66
N THR A 246 24.11 48.79 30.44
CA THR A 246 24.51 49.91 29.59
C THR A 246 24.07 49.63 28.16
N VAL A 247 24.57 50.45 27.23
CA VAL A 247 24.24 50.33 25.82
C VAL A 247 25.04 49.22 25.18
N LEU A 248 24.43 48.53 24.22
CA LEU A 248 25.14 47.52 23.49
C LEU A 248 26.25 48.15 22.65
N PRO A 249 27.38 47.47 22.50
CA PRO A 249 28.48 48.06 21.72
C PRO A 249 28.07 48.30 20.28
N THR A 250 28.75 49.25 19.65
CA THR A 250 28.48 49.60 18.26
C THR A 250 29.34 48.73 17.33
N PHE A 251 28.91 48.66 16.07
CA PHE A 251 29.60 47.84 15.07
C PHE A 251 29.71 48.63 13.78
N LYS A 252 30.95 48.78 13.29
CA LYS A 252 31.24 49.62 12.12
C LYS A 252 30.72 51.04 12.31
N GLY A 253 30.91 51.58 13.52
CA GLY A 253 30.50 52.93 13.85
C GLY A 253 29.01 53.16 14.00
N GLN A 254 28.15 52.22 13.55
CA GLN A 254 26.70 52.29 13.66
C GLN A 254 26.23 51.56 14.91
N PRO A 255 25.22 52.10 15.59
CA PRO A 255 24.76 51.49 16.84
C PRO A 255 24.10 50.14 16.59
N SER A 256 24.02 49.35 17.66
CA SER A 256 23.24 48.12 17.59
C SER A 256 21.75 48.46 17.60
N LYS A 257 20.98 47.79 16.74
CA LYS A 257 19.54 48.05 16.59
C LYS A 257 18.77 46.80 17.00
N PRO A 258 18.55 46.61 18.30
CA PRO A 258 17.77 45.45 18.74
C PRO A 258 16.31 45.61 18.34
N PHE A 259 15.69 44.50 17.96
CA PHE A 259 14.25 44.50 17.78
C PHE A 259 13.57 44.65 19.14
N VAL A 260 12.71 45.65 19.27
CA VAL A 260 12.07 45.96 20.54
C VAL A 260 10.73 45.24 20.61
N GLY A 261 10.48 44.58 21.73
CA GLY A 261 9.24 43.85 21.95
C GLY A 261 8.39 44.57 22.98
N VAL A 262 7.10 44.65 22.69
CA VAL A 262 6.11 45.18 23.63
C VAL A 262 5.34 43.97 24.16
N LEU A 263 5.64 43.59 25.39
CA LEU A 263 4.95 42.47 26.00
C LEU A 263 3.47 42.77 26.08
N SER A 264 2.65 41.87 25.54
CA SER A 264 1.24 42.16 25.34
C SER A 264 0.40 40.96 25.76
N ALA A 265 -0.86 41.25 26.12
CA ALA A 265 -1.81 40.24 26.54
C ALA A 265 -2.97 40.23 25.56
N GLY A 266 -3.11 39.14 24.82
CA GLY A 266 -4.22 38.95 23.92
C GLY A 266 -5.26 38.03 24.52
N ILE A 267 -6.48 38.15 24.03
CA ILE A 267 -7.60 37.37 24.53
C ILE A 267 -8.10 36.49 23.40
N ASP A 268 -8.39 35.22 23.72
CA ASP A 268 -8.86 34.29 22.72
C ASP A 268 -10.23 34.74 22.22
N ALA A 269 -10.37 34.83 20.89
CA ALA A 269 -11.58 35.35 20.29
C ALA A 269 -12.80 34.50 20.61
N ALA A 270 -12.61 33.25 21.04
CA ALA A 270 -13.72 32.35 21.34
C ALA A 270 -13.90 32.13 22.82
N SER A 271 -13.21 32.90 23.66
CA SER A 271 -13.29 32.66 25.10
C SER A 271 -14.66 33.06 25.63
N PRO A 272 -15.30 32.23 26.46
CA PRO A 272 -16.51 32.66 27.17
C PRO A 272 -16.25 33.68 28.27
N ASN A 273 -14.99 33.97 28.59
CA ASN A 273 -14.63 34.83 29.72
C ASN A 273 -13.98 36.11 29.24
N LYS A 274 -14.33 36.55 28.03
CA LYS A 274 -13.75 37.79 27.49
C LYS A 274 -14.01 38.97 28.40
N GLU A 275 -15.24 39.11 28.90
CA GLU A 275 -15.56 40.19 29.83
C GLU A 275 -14.70 40.09 31.08
N LEU A 276 -14.55 38.89 31.63
CA LEU A 276 -13.66 38.70 32.77
C LEU A 276 -12.23 39.02 32.40
N ALA A 277 -11.80 38.63 31.20
CA ALA A 277 -10.45 38.94 30.74
C ALA A 277 -10.23 40.44 30.61
N LYS A 278 -11.17 41.15 29.98
CA LYS A 278 -11.06 42.60 29.87
C LYS A 278 -11.02 43.26 31.24
N GLU A 279 -11.78 42.73 32.19
CA GLU A 279 -11.87 43.34 33.51
C GLU A 279 -10.59 43.08 34.30
N PHE A 280 -10.04 41.87 34.20
CA PHE A 280 -8.78 41.56 34.85
C PHE A 280 -7.64 42.40 34.27
N LEU A 281 -7.55 42.47 32.94
CA LEU A 281 -6.45 43.18 32.31
C LEU A 281 -6.50 44.68 32.59
N GLU A 282 -7.68 45.29 32.47
CA GLU A 282 -7.78 46.73 32.60
C GLU A 282 -7.71 47.18 34.05
N ASN A 283 -8.35 46.46 34.97
CA ASN A 283 -8.56 46.95 36.32
C ASN A 283 -7.64 46.35 37.38
N TYR A 284 -6.92 45.28 37.08
CA TYR A 284 -6.08 44.67 38.10
C TYR A 284 -4.59 44.69 37.76
N LEU A 285 -4.20 44.25 36.56
CA LEU A 285 -2.77 44.15 36.28
C LEU A 285 -2.22 45.46 35.75
N LEU A 286 -2.91 46.09 34.79
CA LEU A 286 -2.43 47.37 34.25
C LEU A 286 -2.79 48.50 35.23
N THR A 287 -2.30 48.33 36.45
CA THR A 287 -2.34 49.32 37.51
C THR A 287 -0.97 49.36 38.16
N ASP A 288 -0.75 50.40 38.97
CA ASP A 288 0.50 50.51 39.71
C ASP A 288 0.74 49.27 40.56
N GLU A 289 -0.29 48.85 41.30
CA GLU A 289 -0.18 47.72 42.21
C GLU A 289 0.00 46.41 41.45
N GLY A 290 -0.71 46.25 40.33
CA GLY A 290 -0.62 45.01 39.57
C GLY A 290 0.74 44.80 38.93
N LEU A 291 1.26 45.85 38.26
CA LEU A 291 2.54 45.72 37.59
C LEU A 291 3.71 45.71 38.57
N GLU A 292 3.57 46.36 39.73
CA GLU A 292 4.61 46.25 40.74
C GLU A 292 4.71 44.84 41.30
N ALA A 293 3.59 44.13 41.40
CA ALA A 293 3.62 42.74 41.86
C ALA A 293 4.39 41.87 40.88
N VAL A 294 4.19 42.08 39.58
CA VAL A 294 4.94 41.34 38.57
C VAL A 294 6.39 41.81 38.54
N ASN A 295 6.61 43.12 38.61
CA ASN A 295 7.96 43.66 38.53
C ASN A 295 8.83 43.19 39.69
N LYS A 296 8.24 43.04 40.88
CA LYS A 296 9.01 42.55 42.02
C LYS A 296 9.47 41.11 41.79
N ASP A 297 8.70 40.32 41.06
CA ASP A 297 9.11 38.95 40.77
C ASP A 297 10.26 38.92 39.77
N LYS A 298 10.01 39.42 38.56
CA LYS A 298 11.05 39.66 37.56
C LYS A 298 10.72 40.98 36.89
N PRO A 299 11.72 41.83 36.67
CA PRO A 299 11.45 43.17 36.13
C PRO A 299 10.82 43.14 34.75
N LEU A 300 9.77 43.96 34.58
CA LEU A 300 9.06 44.05 33.31
C LEU A 300 9.79 44.92 32.29
N GLY A 301 10.69 45.78 32.74
CA GLY A 301 11.29 46.77 31.87
C GLY A 301 10.59 48.11 31.98
N ALA A 302 10.42 48.80 30.85
CA ALA A 302 9.74 50.08 30.83
C ALA A 302 8.27 49.82 30.57
N VAL A 303 7.44 49.91 31.61
CA VAL A 303 6.05 49.52 31.47
C VAL A 303 5.29 50.55 30.64
N ALA A 304 4.23 50.08 29.97
CA ALA A 304 3.39 50.95 29.15
C ALA A 304 2.50 51.85 29.99
N LEU A 305 2.36 51.57 31.28
CA LEU A 305 1.49 52.36 32.15
C LEU A 305 2.24 53.60 32.62
N LYS A 306 1.74 54.78 32.23
CA LYS A 306 2.46 56.02 32.46
C LYS A 306 2.79 56.21 33.94
N SER A 307 1.79 56.02 34.80
CA SER A 307 1.95 56.36 36.21
C SER A 307 3.08 55.57 36.85
N TYR A 308 3.13 54.25 36.60
CA TYR A 308 4.16 53.43 37.22
C TYR A 308 5.52 53.59 36.55
N GLU A 309 5.57 53.88 35.25
CA GLU A 309 6.86 53.97 34.58
C GLU A 309 7.57 55.27 34.93
N GLU A 310 6.81 56.30 35.32
CA GLU A 310 7.41 57.54 35.78
C GLU A 310 8.15 57.36 37.10
N GLU A 311 7.86 56.29 37.83
CA GLU A 311 8.71 55.86 38.94
C GLU A 311 9.84 54.95 38.48
N LEU A 312 9.56 54.07 37.51
CA LEU A 312 10.58 53.15 37.02
C LEU A 312 11.72 53.87 36.32
N ALA A 313 11.45 55.01 35.68
CA ALA A 313 12.44 55.68 34.84
C ALA A 313 13.60 56.29 35.62
N LYS A 314 13.53 56.34 36.95
CA LYS A 314 14.63 56.89 37.74
C LYS A 314 15.68 55.85 38.05
N ASP A 315 15.47 54.63 37.58
CA ASP A 315 16.47 53.57 37.69
C ASP A 315 17.37 53.63 36.47
N PRO A 316 18.69 53.74 36.63
CA PRO A 316 19.57 53.80 35.46
C PRO A 316 19.46 52.62 34.52
N ARG A 317 19.13 51.43 35.03
CA ARG A 317 18.97 50.29 34.13
C ARG A 317 17.77 50.47 33.22
N ILE A 318 16.70 51.09 33.73
CA ILE A 318 15.55 51.37 32.88
C ILE A 318 15.91 52.44 31.86
N ALA A 319 16.75 53.40 32.26
CA ALA A 319 17.25 54.39 31.31
C ALA A 319 18.06 53.73 30.20
N ALA A 320 18.93 52.79 30.56
CA ALA A 320 19.70 52.07 29.54
C ALA A 320 18.77 51.25 28.64
N THR A 321 17.79 50.57 29.24
CA THR A 321 16.81 49.84 28.46
C THR A 321 16.04 50.77 27.54
N MET A 322 15.64 51.92 28.04
CA MET A 322 14.94 52.87 27.19
C MET A 322 15.87 53.35 26.08
N GLU A 323 17.15 53.49 26.42
CA GLU A 323 18.13 54.06 25.49
C GLU A 323 18.42 53.10 24.34
N ASN A 324 18.68 51.83 24.67
CA ASN A 324 18.84 50.82 23.62
C ASN A 324 17.56 50.66 22.81
N ALA A 325 16.41 50.84 23.44
CA ALA A 325 15.14 50.72 22.72
C ALA A 325 15.05 51.79 21.64
N GLN A 326 15.55 53.00 21.90
CA GLN A 326 15.51 54.05 20.90
C GLN A 326 16.49 53.77 19.77
N LYS A 327 17.66 53.22 20.09
CA LYS A 327 18.63 52.89 19.05
C LYS A 327 18.11 51.80 18.12
N GLY A 328 17.24 50.93 18.63
CA GLY A 328 16.60 49.92 17.81
C GLY A 328 15.30 50.41 17.21
N GLU A 329 14.48 49.46 16.78
CA GLU A 329 13.17 49.75 16.21
C GLU A 329 12.14 48.80 16.78
N ILE A 330 10.91 49.29 16.95
CA ILE A 330 9.81 48.42 17.34
C ILE A 330 9.60 47.35 16.26
N MET A 331 9.35 46.13 16.70
CA MET A 331 9.12 45.04 15.77
C MET A 331 7.84 45.28 14.99
N PRO A 332 7.79 44.90 13.72
CA PRO A 332 6.50 44.79 13.04
C PRO A 332 5.69 43.69 13.69
N ASN A 333 4.38 43.83 13.68
CA ASN A 333 3.51 42.78 14.19
C ASN A 333 2.82 42.01 13.06
N ILE A 334 3.25 42.21 11.82
CA ILE A 334 2.62 41.61 10.65
C ILE A 334 2.82 40.11 10.67
N PRO A 335 1.93 39.33 10.05
CA PRO A 335 2.01 37.86 10.15
C PRO A 335 3.31 37.27 9.63
N GLN A 336 3.96 37.94 8.68
CA GLN A 336 5.19 37.40 8.11
C GLN A 336 6.36 37.44 9.09
N MET A 337 6.20 38.12 10.23
CA MET A 337 7.25 38.11 11.24
C MET A 337 7.50 36.70 11.75
N SER A 338 6.46 35.86 11.75
CA SER A 338 6.65 34.47 12.12
C SER A 338 7.63 33.78 11.17
N ALA A 339 7.46 34.01 9.87
CA ALA A 339 8.41 33.49 8.89
C ALA A 339 9.79 34.12 9.06
N PHE A 340 9.84 35.43 9.33
CA PHE A 340 11.12 36.11 9.45
C PHE A 340 11.96 35.53 10.58
N TRP A 341 11.36 35.33 11.76
CA TRP A 341 12.11 34.83 12.90
C TRP A 341 12.55 33.39 12.68
N TYR A 342 11.66 32.55 12.18
CA TYR A 342 12.05 31.18 11.87
C TYR A 342 13.18 31.13 10.86
N ALA A 343 13.24 32.12 9.96
CA ALA A 343 14.23 32.07 8.89
C ALA A 343 15.61 32.47 9.38
N VAL A 344 15.71 33.58 10.12
CA VAL A 344 17.01 34.02 10.60
C VAL A 344 17.51 33.18 11.76
N ARG A 345 16.66 32.36 12.37
CA ARG A 345 17.13 31.40 13.35
C ARG A 345 17.96 30.31 12.68
N THR A 346 17.45 29.76 11.58
CA THR A 346 18.21 28.77 10.82
C THR A 346 19.52 29.36 10.32
N ALA A 347 19.47 30.56 9.76
CA ALA A 347 20.66 31.17 9.16
C ALA A 347 21.75 31.39 10.21
N VAL A 348 21.38 31.92 11.37
CA VAL A 348 22.39 32.21 12.39
C VAL A 348 22.96 30.92 12.99
N ILE A 349 22.12 29.89 13.14
CA ILE A 349 22.60 28.63 13.69
C ILE A 349 23.52 27.93 12.70
N ASN A 350 23.14 27.88 11.43
CA ASN A 350 23.94 27.14 10.45
C ASN A 350 25.27 27.83 10.18
N ALA A 351 25.28 29.15 10.09
CA ALA A 351 26.55 29.85 9.91
C ALA A 351 27.44 29.70 11.14
N ALA A 352 26.84 29.79 12.33
CA ALA A 352 27.61 29.64 13.56
C ALA A 352 28.11 28.22 13.74
N SER A 353 27.34 27.23 13.32
CA SER A 353 27.76 25.84 13.42
C SER A 353 28.63 25.41 12.25
N GLY A 354 28.76 26.24 11.20
CA GLY A 354 29.67 25.99 10.11
C GLY A 354 29.10 25.24 8.92
N ARG A 355 27.80 24.95 8.93
CA ARG A 355 27.18 24.14 7.89
C ARG A 355 27.00 24.88 6.58
N GLN A 356 26.93 26.20 6.62
CA GLN A 356 26.89 27.00 5.42
C GLN A 356 27.74 28.24 5.61
N THR A 357 28.03 28.89 4.50
CA THR A 357 28.69 30.18 4.52
C THR A 357 27.69 31.24 4.99
N VAL A 358 28.21 32.37 5.45
CA VAL A 358 27.34 33.48 5.83
C VAL A 358 26.51 33.94 4.65
N ASP A 359 27.12 34.03 3.46
CA ASP A 359 26.40 34.60 2.33
C ASP A 359 25.31 33.67 1.83
N GLU A 360 25.57 32.37 1.81
CA GLU A 360 24.56 31.40 1.38
C GLU A 360 23.47 31.22 2.41
N ALA A 361 23.83 31.30 3.69
CA ALA A 361 22.85 31.09 4.75
C ALA A 361 21.77 32.17 4.73
N LEU A 362 22.18 33.42 4.57
CA LEU A 362 21.23 34.53 4.54
C LEU A 362 20.48 34.62 3.22
N LYS A 363 21.09 34.21 2.11
CA LYS A 363 20.37 34.18 0.84
C LYS A 363 19.23 33.16 0.87
N ASP A 364 19.52 31.95 1.36
CA ASP A 364 18.45 30.98 1.53
C ASP A 364 17.45 31.45 2.58
N ALA A 365 17.94 32.07 3.65
CA ALA A 365 17.06 32.68 4.64
C ALA A 365 16.13 33.70 4.00
N GLN A 366 16.65 34.48 3.05
CA GLN A 366 15.82 35.49 2.39
C GLN A 366 14.78 34.84 1.48
N THR A 367 15.11 33.73 0.83
CA THR A 367 14.16 33.11 -0.08
C THR A 367 12.97 32.51 0.68
N ARG A 368 13.23 31.88 1.83
CA ARG A 368 12.14 31.33 2.62
C ARG A 368 11.17 32.40 3.07
N ILE A 369 11.68 33.59 3.42
CA ILE A 369 10.81 34.67 3.87
C ILE A 369 9.88 35.10 2.73
N THR A 370 10.43 35.33 1.54
CA THR A 370 9.62 35.81 0.43
C THR A 370 8.71 34.74 -0.15
N VAL A 371 8.94 33.46 0.18
CA VAL A 371 8.09 32.38 -0.32
C VAL A 371 7.01 31.98 0.69
N SER A 372 7.14 32.39 1.95
CA SER A 372 6.15 32.01 2.96
C SER A 372 4.71 32.42 2.65
N PRO A 373 4.42 33.53 1.96
CA PRO A 373 3.02 33.83 1.63
C PRO A 373 2.30 32.72 0.86
N PHE A 374 3.00 31.92 0.06
CA PHE A 374 2.33 30.94 -0.77
C PHE A 374 1.86 29.72 0.01
N GLY A 375 2.13 29.63 1.31
CA GLY A 375 1.64 28.53 2.10
C GLY A 375 2.61 27.36 2.15
N GLY A 376 2.37 26.48 3.12
CA GLY A 376 3.17 25.29 3.31
C GLY A 376 2.96 24.19 2.30
N LEU A 377 2.08 24.35 1.33
CA LEU A 377 1.79 23.28 0.38
C LEU A 377 1.71 23.78 -1.04
N LYS A 378 2.58 23.24 -1.90
CA LYS A 378 2.58 23.52 -3.33
C LYS A 378 1.53 22.71 -4.06
N ARG A 379 1.37 21.45 -3.66
CA ARG A 379 0.42 20.50 -4.23
C ARG A 379 0.42 19.27 -3.34
N LEU A 380 -0.62 18.48 -3.46
CA LEU A 380 -0.75 17.29 -2.62
C LEU A 380 0.39 16.33 -2.94
N PRO A 381 0.94 15.63 -1.94
CA PRO A 381 1.99 14.65 -2.21
C PRO A 381 1.62 13.71 -3.34
N ALA A 382 2.63 13.31 -4.12
CA ALA A 382 2.41 12.41 -5.24
C ALA A 382 1.72 11.13 -4.75
N GLY A 383 0.69 10.72 -5.48
CA GLY A 383 -0.02 9.50 -5.15
C GLY A 383 -0.96 9.59 -3.96
N LEU A 384 -1.18 10.79 -3.42
CA LEU A 384 -2.08 10.93 -2.28
C LEU A 384 -3.52 10.63 -2.69
N LEU A 385 -3.95 11.13 -3.86
CA LEU A 385 -5.28 10.85 -4.36
C LEU A 385 -5.43 9.43 -4.86
N LEU A 386 -4.38 8.61 -4.81
CA LEU A 386 -4.49 7.19 -5.09
C LEU A 386 -4.22 6.34 -3.85
N GLY A 387 -4.22 6.96 -2.67
CA GLY A 387 -4.14 6.23 -1.41
C GLY A 387 -2.76 6.12 -0.81
N HIS A 388 -1.73 6.68 -1.44
CA HIS A 388 -0.37 6.57 -0.94
C HIS A 388 -0.04 7.76 -0.05
N GLY A 389 0.42 7.48 1.16
CA GLY A 389 0.75 8.51 2.12
C GLY A 389 0.44 8.08 3.54
N PRO A 390 0.82 8.89 4.52
CA PRO A 390 0.49 8.56 5.91
C PRO A 390 -1.02 8.48 6.12
N ILE A 391 -1.42 7.67 7.10
CA ILE A 391 -2.81 7.29 7.24
C ILE A 391 -3.68 8.52 7.49
N ARG A 392 -3.19 9.48 8.27
CA ARG A 392 -4.02 10.63 8.61
C ARG A 392 -4.31 11.49 7.39
N MET A 393 -3.28 11.72 6.56
CA MET A 393 -3.47 12.61 5.41
C MET A 393 -4.37 11.98 4.35
N VAL A 394 -4.36 10.65 4.22
CA VAL A 394 -5.25 9.99 3.26
C VAL A 394 -6.69 10.05 3.73
N LEU A 395 -6.93 9.85 5.02
CA LEU A 395 -8.29 10.02 5.52
C LEU A 395 -8.73 11.47 5.45
N ALA A 396 -7.79 12.41 5.60
CA ALA A 396 -8.11 13.81 5.40
C ALA A 396 -8.56 14.07 3.97
N ILE A 397 -7.86 13.49 2.99
CA ILE A 397 -8.25 13.71 1.60
C ILE A 397 -9.55 12.97 1.28
N LEU A 398 -9.81 11.85 1.94
CA LEU A 398 -11.10 11.17 1.76
C LEU A 398 -12.24 12.03 2.29
N ALA A 399 -12.04 12.62 3.47
CA ALA A 399 -13.02 13.56 4.00
C ALA A 399 -13.22 14.72 3.04
N PHE A 400 -12.14 15.22 2.45
CA PHE A 400 -12.23 16.32 1.50
C PHE A 400 -13.08 15.95 0.29
N LEU A 401 -12.88 14.74 -0.24
CA LEU A 401 -13.65 14.33 -1.41
C LEU A 401 -15.11 14.10 -1.06
N ARG A 402 -15.40 13.74 0.19
CA ARG A 402 -16.78 13.64 0.63
C ARG A 402 -17.42 15.02 0.76
N PHE A 403 -16.67 15.98 1.31
CA PHE A 403 -17.19 17.35 1.42
C PHE A 403 -17.59 17.90 0.05
N THR A 404 -16.80 17.59 -0.97
CA THR A 404 -16.96 18.15 -2.30
C THR A 404 -17.75 17.25 -3.24
N ALA A 405 -18.18 16.08 -2.77
CA ALA A 405 -18.90 15.09 -3.59
C ALA A 405 -18.09 14.75 -4.84
N ILE A 406 -16.85 14.32 -4.62
CA ILE A 406 -15.95 13.89 -5.68
C ILE A 406 -15.66 12.41 -5.48
N LYS A 407 -15.73 11.65 -6.56
CA LYS A 407 -15.49 10.21 -6.47
C LYS A 407 -14.03 9.95 -6.14
N PRO A 408 -13.74 9.16 -5.12
CA PRO A 408 -12.34 8.82 -4.82
C PRO A 408 -11.83 7.70 -5.71
N SER A 409 -10.52 7.65 -5.86
CA SER A 409 -9.89 6.59 -6.63
C SER A 409 -10.01 5.26 -5.90
N LEU A 410 -9.72 4.18 -6.64
CA LEU A 410 -9.79 2.85 -6.04
C LEU A 410 -8.68 2.63 -5.02
N GLY A 411 -7.53 3.28 -5.22
CA GLY A 411 -6.49 3.21 -4.20
C GLY A 411 -6.94 3.80 -2.89
N LEU A 412 -7.63 4.94 -2.96
CA LEU A 412 -8.17 5.57 -1.75
C LEU A 412 -9.22 4.70 -1.07
N ILE A 413 -10.09 4.06 -1.84
CA ILE A 413 -11.19 3.30 -1.27
C ILE A 413 -10.71 2.10 -0.47
N ASN A 414 -9.70 1.39 -0.96
CA ASN A 414 -9.20 0.21 -0.24
C ASN A 414 -8.26 0.58 0.91
N ARG A 415 -7.50 1.66 0.79
CA ARG A 415 -6.83 2.17 1.97
C ARG A 415 -7.85 2.47 3.06
N TRP A 416 -9.02 2.98 2.65
CA TRP A 416 -10.15 3.16 3.55
C TRP A 416 -10.64 1.83 4.09
N GLY A 417 -10.52 0.75 3.32
CA GLY A 417 -10.95 -0.56 3.78
C GLY A 417 -9.94 -1.28 4.63
N SER A 418 -8.67 -0.90 4.55
CA SER A 418 -7.58 -1.60 5.23
C SER A 418 -7.13 -0.92 6.51
N VAL A 419 -7.62 0.29 6.77
CA VAL A 419 -7.20 1.04 7.95
C VAL A 419 -7.75 0.38 9.21
N GLY A 420 -7.03 0.54 10.32
CA GLY A 420 -7.50 -0.03 11.57
C GLY A 420 -8.83 0.59 11.94
N LYS A 421 -9.71 -0.22 12.52
CA LYS A 421 -11.08 0.22 12.75
C LYS A 421 -11.13 1.48 13.58
N LYS A 422 -10.40 1.52 14.70
CA LYS A 422 -10.45 2.68 15.57
C LYS A 422 -9.28 3.62 15.40
N GLU A 423 -8.14 3.15 14.89
CA GLU A 423 -7.10 4.08 14.47
C GLU A 423 -7.68 5.12 13.53
N ALA A 424 -8.65 4.71 12.71
CA ALA A 424 -9.39 5.66 11.89
C ALA A 424 -10.44 6.42 12.69
N MET A 425 -11.11 5.76 13.64
CA MET A 425 -12.16 6.44 14.38
C MET A 425 -11.62 7.59 15.23
N GLU A 426 -10.44 7.44 15.83
CA GLU A 426 -9.91 8.55 16.59
C GLU A 426 -9.30 9.62 15.71
N ILE A 427 -8.73 9.25 14.56
CA ILE A 427 -8.27 10.24 13.60
C ILE A 427 -9.44 11.10 13.12
N ILE A 428 -10.60 10.47 12.90
CA ILE A 428 -11.75 11.20 12.39
C ILE A 428 -12.40 12.03 13.48
N LYS A 429 -12.31 11.61 14.75
CA LYS A 429 -12.81 12.45 15.83
C LYS A 429 -11.99 13.71 16.01
N LYS A 430 -10.67 13.63 15.83
CA LYS A 430 -9.87 14.85 15.80
C LYS A 430 -10.34 15.76 14.68
N PHE A 431 -10.68 15.17 13.52
CA PHE A 431 -11.27 15.94 12.44
C PHE A 431 -12.58 16.58 12.89
N LYS A 432 -13.39 15.84 13.65
CA LYS A 432 -14.64 16.39 14.17
C LYS A 432 -14.40 17.62 15.03
N LYS A 433 -13.34 17.62 15.82
CA LYS A 433 -13.07 18.74 16.71
C LYS A 433 -12.25 19.84 16.06
N ASP A 434 -11.46 19.52 15.02
CA ASP A 434 -10.85 20.58 14.24
C ASP A 434 -11.90 21.49 13.63
N LEU A 435 -12.96 20.91 13.07
CA LEU A 435 -14.06 21.71 12.54
C LEU A 435 -14.81 22.42 13.65
N ALA A 436 -14.95 21.79 14.81
CA ALA A 436 -15.52 22.47 15.96
C ALA A 436 -14.74 23.74 16.29
N ALA A 437 -13.41 23.66 16.24
CA ALA A 437 -12.59 24.85 16.46
C ALA A 437 -12.81 25.88 15.35
N MET A 438 -12.86 25.43 14.10
CA MET A 438 -13.14 26.35 13.00
C MET A 438 -14.47 27.06 13.21
N LEU A 439 -15.47 26.33 13.70
CA LEU A 439 -16.77 26.95 13.94
C LEU A 439 -16.70 28.02 15.03
N ARG A 440 -15.98 27.74 16.11
CA ARG A 440 -15.87 28.72 17.19
C ARG A 440 -15.12 29.96 16.73
N ILE A 441 -14.07 29.77 15.94
CA ILE A 441 -13.33 30.90 15.37
C ILE A 441 -14.27 31.76 14.53
N ILE A 442 -15.09 31.12 13.70
CA ILE A 442 -15.95 31.86 12.80
C ILE A 442 -17.04 32.60 13.58
N ASN A 443 -17.66 31.89 14.53
CA ASN A 443 -18.77 32.44 15.31
C ASN A 443 -18.31 33.51 16.29
N ALA A 444 -17.00 33.63 16.51
CA ALA A 444 -16.42 34.57 17.46
C ALA A 444 -16.31 36.00 16.93
N ARG A 445 -16.70 36.27 15.68
CA ARG A 445 -16.58 37.62 15.16
C ARG A 445 -17.73 38.51 15.64
N GLU B 5 34.99 -17.44 22.05
CA GLU B 5 34.20 -17.59 20.83
C GLU B 5 33.63 -16.26 20.33
N GLY B 6 34.17 -15.16 20.85
CA GLY B 6 33.72 -13.84 20.44
C GLY B 6 34.81 -13.16 19.65
N LYS B 7 34.44 -12.62 18.50
CA LYS B 7 35.41 -11.96 17.64
C LYS B 7 34.76 -10.84 16.86
N LEU B 8 35.60 -9.99 16.26
CA LEU B 8 35.07 -8.88 15.47
C LEU B 8 35.71 -8.92 14.09
N VAL B 9 34.87 -8.80 13.06
CA VAL B 9 35.31 -8.71 11.68
C VAL B 9 34.88 -7.34 11.18
N ILE B 10 35.85 -6.54 10.74
CA ILE B 10 35.62 -5.16 10.36
C ILE B 10 35.92 -4.98 8.89
N TRP B 11 35.05 -4.24 8.20
CA TRP B 11 35.25 -3.89 6.80
C TRP B 11 35.41 -2.39 6.70
N ILE B 12 36.44 -1.95 5.97
CA ILE B 12 36.72 -0.53 5.75
C ILE B 12 37.34 -0.42 4.36
N ASN B 13 37.15 0.72 3.72
CA ASN B 13 37.64 0.87 2.35
C ASN B 13 39.16 0.88 2.33
N GLY B 14 39.72 0.43 1.21
CA GLY B 14 41.15 0.23 1.10
C GLY B 14 41.97 1.50 1.09
N ASP B 15 41.36 2.65 0.80
CA ASP B 15 42.09 3.90 0.76
C ASP B 15 42.15 4.60 2.11
N LYS B 16 41.51 4.05 3.14
CA LYS B 16 41.58 4.60 4.48
C LYS B 16 42.65 3.87 5.29
N GLY B 17 42.98 4.44 6.45
CA GLY B 17 44.06 3.91 7.26
C GLY B 17 43.69 2.64 8.00
N TYR B 18 43.51 1.53 7.27
CA TYR B 18 43.08 0.29 7.89
C TYR B 18 44.18 -0.35 8.73
N ASN B 19 45.45 -0.06 8.47
CA ASN B 19 46.49 -0.57 9.35
C ASN B 19 46.44 0.12 10.70
N GLY B 20 46.19 1.43 10.72
CA GLY B 20 45.98 2.10 11.99
C GLY B 20 44.77 1.57 12.72
N LEU B 21 43.66 1.32 12.02
CA LEU B 21 42.51 0.71 12.65
C LEU B 21 42.84 -0.69 13.13
N ALA B 22 43.64 -1.43 12.36
CA ALA B 22 44.10 -2.75 12.79
C ALA B 22 44.94 -2.63 14.05
N GLU B 23 45.57 -1.47 14.26
CA GLU B 23 46.34 -1.25 15.47
C GLU B 23 45.42 -1.10 16.68
N VAL B 24 44.26 -0.46 16.48
CA VAL B 24 43.30 -0.34 17.57
C VAL B 24 42.72 -1.70 17.92
N GLY B 25 42.56 -2.59 16.94
CA GLY B 25 42.12 -3.94 17.24
C GLY B 25 43.16 -4.71 18.04
N LYS B 26 44.43 -4.53 17.70
CA LYS B 26 45.50 -5.20 18.43
C LYS B 26 45.58 -4.74 19.88
N LYS B 27 45.20 -3.49 20.15
CA LYS B 27 45.08 -3.08 21.55
C LYS B 27 43.83 -3.66 22.19
N PHE B 28 42.70 -3.63 21.46
CA PHE B 28 41.47 -4.24 21.96
C PHE B 28 41.68 -5.72 22.24
N GLU B 29 42.38 -6.42 21.35
CA GLU B 29 42.63 -7.84 21.54
C GLU B 29 43.48 -8.09 22.77
N LYS B 30 44.52 -7.27 22.99
CA LYS B 30 45.37 -7.43 24.17
C LYS B 30 44.56 -7.25 25.45
N ASP B 31 43.63 -6.30 25.46
CA ASP B 31 42.85 -5.99 26.65
C ASP B 31 41.72 -6.98 26.89
N THR B 32 41.24 -7.64 25.84
CA THR B 32 40.02 -8.44 25.92
C THR B 32 40.19 -9.89 25.51
N GLY B 33 41.25 -10.25 24.79
CA GLY B 33 41.32 -11.58 24.24
C GLY B 33 40.42 -11.80 23.05
N ILE B 34 39.76 -10.75 22.58
CA ILE B 34 38.88 -10.82 21.42
C ILE B 34 39.70 -10.46 20.19
N LYS B 35 39.82 -11.40 19.25
CA LYS B 35 40.62 -11.17 18.06
C LYS B 35 39.84 -10.34 17.05
N VAL B 36 40.45 -9.27 16.57
CA VAL B 36 39.84 -8.34 15.63
C VAL B 36 40.55 -8.48 14.28
N THR B 37 39.77 -8.62 13.22
CA THR B 37 40.30 -8.79 11.87
C THR B 37 39.77 -7.68 10.98
N VAL B 38 40.69 -6.92 10.38
CA VAL B 38 40.35 -5.78 9.53
C VAL B 38 40.53 -6.20 8.08
N GLU B 39 39.50 -5.97 7.27
CA GLU B 39 39.51 -6.31 5.85
C GLU B 39 39.09 -5.10 5.04
N HIS B 40 39.61 -5.02 3.81
CA HIS B 40 39.27 -3.95 2.87
C HIS B 40 38.89 -4.53 1.51
N PRO B 41 37.75 -5.19 1.41
CA PRO B 41 37.31 -5.72 0.11
C PRO B 41 36.80 -4.64 -0.81
N ASP B 42 36.87 -4.92 -2.11
CA ASP B 42 36.36 -4.00 -3.12
C ASP B 42 34.85 -4.06 -3.19
N LYS B 43 34.25 -2.91 -3.55
CA LYS B 43 32.80 -2.77 -3.64
C LYS B 43 32.11 -3.26 -2.37
N LEU B 44 32.76 -3.02 -1.22
CA LEU B 44 32.21 -3.46 0.05
C LEU B 44 30.87 -2.81 0.35
N GLU B 45 30.64 -1.59 -0.15
CA GLU B 45 29.34 -0.96 0.03
C GLU B 45 28.25 -1.69 -0.75
N GLU B 46 28.62 -2.33 -1.85
CA GLU B 46 27.69 -3.17 -2.61
C GLU B 46 27.62 -4.59 -2.07
N LYS B 47 28.73 -5.12 -1.54
CA LYS B 47 28.74 -6.50 -1.07
C LYS B 47 27.99 -6.66 0.25
N PHE B 48 28.01 -5.64 1.12
CA PHE B 48 27.46 -5.81 2.46
C PHE B 48 25.98 -6.24 2.48
N PRO B 49 25.06 -5.59 1.76
CA PRO B 49 23.67 -6.07 1.80
C PRO B 49 23.51 -7.51 1.33
N GLN B 50 24.44 -8.01 0.53
CA GLN B 50 24.40 -9.40 0.08
C GLN B 50 24.86 -10.37 1.15
N VAL B 51 25.68 -9.91 2.10
CA VAL B 51 26.29 -10.79 3.09
C VAL B 51 25.80 -10.51 4.52
N ALA B 52 25.02 -9.46 4.74
CA ALA B 52 24.54 -9.18 6.08
C ALA B 52 23.68 -10.32 6.60
N ALA B 53 23.91 -10.69 7.86
CA ALA B 53 23.18 -11.75 8.55
C ALA B 53 23.42 -13.15 7.98
N THR B 54 24.54 -13.36 7.28
CA THR B 54 24.86 -14.68 6.78
C THR B 54 26.02 -15.35 7.50
N GLY B 55 26.72 -14.63 8.37
CA GLY B 55 27.92 -15.13 9.01
C GLY B 55 29.17 -15.06 8.16
N ASP B 56 29.05 -14.70 6.88
CA ASP B 56 30.20 -14.48 6.01
C ASP B 56 30.57 -13.01 5.91
N GLY B 57 29.88 -12.14 6.64
CA GLY B 57 30.10 -10.71 6.53
C GLY B 57 30.75 -10.10 7.76
N PRO B 58 30.86 -8.79 7.77
CA PRO B 58 31.51 -8.11 8.89
C PRO B 58 30.52 -7.88 10.03
N ASP B 59 31.09 -7.74 11.22
CA ASP B 59 30.32 -7.25 12.36
C ASP B 59 30.18 -5.74 12.34
N ILE B 60 31.16 -5.04 11.76
CA ILE B 60 31.21 -3.59 11.73
C ILE B 60 31.51 -3.16 10.30
N ILE B 61 30.77 -2.18 9.80
CA ILE B 61 30.92 -1.72 8.43
C ILE B 61 31.33 -0.25 8.47
N PHE B 62 32.39 0.09 7.74
CA PHE B 62 32.86 1.47 7.64
C PHE B 62 32.60 1.99 6.23
N TRP B 63 31.76 3.01 6.12
CA TRP B 63 31.52 3.70 4.87
C TRP B 63 30.97 5.08 5.16
N ALA B 64 30.91 5.91 4.14
CA ALA B 64 30.23 7.19 4.26
C ALA B 64 28.76 6.97 4.58
N HIS B 65 28.17 7.91 5.30
CA HIS B 65 26.83 7.74 5.85
C HIS B 65 25.76 7.60 4.76
N ASP B 66 26.05 8.00 3.53
CA ASP B 66 25.00 8.05 2.52
C ASP B 66 24.45 6.68 2.18
N ARG B 67 25.22 5.62 2.40
CA ARG B 67 24.77 4.27 2.09
C ARG B 67 23.97 3.61 3.20
N PHE B 68 24.00 4.14 4.42
CA PHE B 68 23.42 3.42 5.55
C PHE B 68 21.91 3.45 5.57
N GLY B 69 21.28 4.46 4.95
CA GLY B 69 19.82 4.50 4.93
C GLY B 69 19.22 3.35 4.14
N GLY B 70 19.85 2.99 3.01
CA GLY B 70 19.41 1.82 2.27
C GLY B 70 19.58 0.55 3.07
N TYR B 71 20.71 0.43 3.78
CA TYR B 71 20.88 -0.69 4.70
C TYR B 71 19.80 -0.67 5.78
N ALA B 72 19.50 0.52 6.30
CA ALA B 72 18.53 0.62 7.39
C ALA B 72 17.12 0.25 6.94
N GLN B 73 16.72 0.69 5.75
CA GLN B 73 15.37 0.37 5.29
C GLN B 73 15.19 -1.13 5.08
N SER B 74 16.26 -1.85 4.81
CA SER B 74 16.21 -3.30 4.73
C SER B 74 16.37 -3.98 6.09
N GLY B 75 16.58 -3.20 7.15
CA GLY B 75 16.71 -3.76 8.48
C GLY B 75 18.01 -4.50 8.72
N LEU B 76 19.09 -4.11 8.04
CA LEU B 76 20.35 -4.80 8.16
C LEU B 76 21.26 -4.24 9.24
N LEU B 77 21.00 -3.03 9.71
CA LEU B 77 21.83 -2.36 10.70
C LEU B 77 21.26 -2.46 12.09
N ALA B 78 22.12 -2.74 13.06
CA ALA B 78 21.72 -2.66 14.46
C ALA B 78 21.59 -1.20 14.87
N GLU B 79 20.54 -0.86 15.58
CA GLU B 79 20.36 0.48 16.10
C GLU B 79 21.22 0.68 17.33
N ILE B 80 21.99 1.77 17.36
CA ILE B 80 22.94 2.05 18.42
C ILE B 80 22.26 2.88 19.50
N THR B 81 22.71 2.71 20.74
CA THR B 81 22.10 3.36 21.91
C THR B 81 23.18 3.90 22.83
N PRO B 82 23.83 5.01 22.45
CA PRO B 82 24.81 5.61 23.34
C PRO B 82 24.14 6.48 24.39
N ASP B 83 24.69 6.46 25.60
CA ASP B 83 24.17 7.35 26.63
C ASP B 83 24.46 8.80 26.28
N LYS B 84 23.86 9.72 27.04
CA LYS B 84 24.02 11.13 26.72
C LYS B 84 25.46 11.59 26.91
N ALA B 85 26.18 11.03 27.87
CA ALA B 85 27.56 11.42 28.09
C ALA B 85 28.41 11.14 26.86
N PHE B 86 28.26 9.95 26.27
CA PHE B 86 28.98 9.64 25.05
C PHE B 86 28.50 10.48 23.89
N GLN B 87 27.19 10.74 23.82
CA GLN B 87 26.62 11.52 22.74
C GLN B 87 27.26 12.90 22.66
N ASP B 88 27.60 13.49 23.81
CA ASP B 88 28.18 14.83 23.84
C ASP B 88 29.66 14.87 23.51
N LYS B 89 30.33 13.71 23.38
CA LYS B 89 31.72 13.74 22.95
C LYS B 89 31.86 14.02 21.46
N LEU B 90 30.79 13.88 20.68
CA LEU B 90 30.85 14.09 19.24
C LEU B 90 29.96 15.26 18.84
N TYR B 91 30.31 15.87 17.71
CA TYR B 91 29.61 17.06 17.24
C TYR B 91 28.17 16.70 16.87
N PRO B 92 27.19 17.50 17.29
CA PRO B 92 25.79 17.16 17.01
C PRO B 92 25.44 16.99 15.54
N PHE B 93 26.06 17.75 14.62
CA PHE B 93 25.63 17.63 13.23
C PHE B 93 26.06 16.28 12.64
N THR B 94 27.16 15.72 13.12
CA THR B 94 27.56 14.39 12.65
C THR B 94 26.58 13.32 13.12
N TRP B 95 25.96 13.50 14.29
CA TRP B 95 24.90 12.59 14.71
C TRP B 95 23.71 12.64 13.75
N ASP B 96 23.42 13.82 13.19
CA ASP B 96 22.33 13.93 12.23
C ASP B 96 22.63 13.15 10.95
N ALA B 97 23.91 12.97 10.61
CA ALA B 97 24.25 12.23 9.40
C ALA B 97 23.89 10.76 9.50
N VAL B 98 23.86 10.22 10.71
CA VAL B 98 23.57 8.81 10.95
C VAL B 98 22.21 8.59 11.60
N ARG B 99 21.33 9.59 11.54
CA ARG B 99 19.95 9.44 11.98
C ARG B 99 19.09 9.10 10.76
N TYR B 100 18.23 8.09 10.90
CA TYR B 100 17.34 7.68 9.83
C TYR B 100 16.03 7.23 10.46
N ASN B 101 14.93 7.91 10.12
CA ASN B 101 13.63 7.69 10.78
C ASN B 101 13.76 7.69 12.30
N GLY B 102 14.30 8.79 12.82
CA GLY B 102 14.39 9.00 14.25
C GLY B 102 15.25 8.02 15.02
N LYS B 103 15.92 7.10 14.34
CA LYS B 103 16.77 6.12 14.99
C LYS B 103 18.20 6.31 14.50
N LEU B 104 19.17 6.10 15.39
CA LEU B 104 20.58 6.14 15.03
C LEU B 104 21.03 4.78 14.52
N ILE B 105 21.77 4.78 13.41
CA ILE B 105 22.13 3.54 12.74
C ILE B 105 23.64 3.37 12.58
N ALA B 106 24.44 4.26 13.16
CA ALA B 106 25.89 4.14 13.05
C ALA B 106 26.55 5.14 13.98
N TYR B 107 27.84 4.92 14.23
CA TYR B 107 28.67 5.88 14.94
C TYR B 107 29.38 6.76 13.93
N PRO B 108 29.25 8.09 14.02
CA PRO B 108 30.03 8.94 13.12
C PRO B 108 31.49 9.00 13.55
N ILE B 109 32.38 8.96 12.57
CA ILE B 109 33.82 8.92 12.82
C ILE B 109 34.51 10.20 12.38
N ALA B 110 34.36 10.57 11.10
CA ALA B 110 35.09 11.71 10.57
C ALA B 110 34.30 12.36 9.45
N VAL B 111 34.54 13.65 9.26
CA VAL B 111 33.94 14.44 8.20
C VAL B 111 34.96 14.60 7.10
N GLU B 112 34.64 14.14 5.89
CA GLU B 112 35.57 14.20 4.77
C GLU B 112 34.97 15.00 3.63
N ALA B 113 35.80 15.85 3.03
CA ALA B 113 35.39 16.68 1.90
C ALA B 113 36.58 16.85 0.94
N LEU B 114 36.28 16.83 -0.36
CA LEU B 114 37.32 17.01 -1.36
C LEU B 114 37.88 18.43 -1.32
N SER B 115 39.16 18.55 -1.69
CA SER B 115 39.84 19.83 -1.72
C SER B 115 40.77 19.88 -2.92
N LEU B 116 41.18 21.09 -3.29
CA LEU B 116 42.13 21.28 -4.37
C LEU B 116 43.54 21.11 -3.83
N ILE B 117 44.30 20.18 -4.40
CA ILE B 117 45.67 19.89 -3.99
C ILE B 117 46.58 20.28 -5.14
N TYR B 118 47.54 21.16 -4.87
CA TYR B 118 48.36 21.73 -5.94
C TYR B 118 49.84 21.61 -5.60
N ASN B 119 50.64 21.46 -6.66
CA ASN B 119 52.09 21.37 -6.54
C ASN B 119 52.64 22.79 -6.45
N LYS B 120 53.13 23.17 -5.26
CA LYS B 120 53.57 24.55 -5.06
C LYS B 120 54.76 24.91 -5.94
N ASP B 121 55.58 23.92 -6.32
CA ASP B 121 56.72 24.21 -7.19
C ASP B 121 56.29 24.39 -8.64
N LEU B 122 55.27 23.67 -9.10
CA LEU B 122 54.83 23.80 -10.47
C LEU B 122 53.83 24.93 -10.64
N LEU B 123 53.18 25.35 -9.58
CA LEU B 123 52.20 26.41 -9.68
C LEU B 123 52.03 27.03 -8.30
N PRO B 124 52.78 28.09 -7.98
CA PRO B 124 52.70 28.67 -6.64
C PRO B 124 51.41 29.40 -6.37
N ASN B 125 50.64 29.75 -7.40
CA ASN B 125 49.40 30.49 -7.24
C ASN B 125 48.31 29.68 -7.91
N PRO B 126 47.62 28.82 -7.15
CA PRO B 126 46.60 27.98 -7.76
C PRO B 126 45.47 28.81 -8.30
N PRO B 127 44.80 28.35 -9.36
CA PRO B 127 43.71 29.13 -9.97
C PRO B 127 42.51 29.24 -9.05
N LYS B 128 41.90 30.42 -9.03
CA LYS B 128 40.71 30.64 -8.22
C LYS B 128 39.43 30.24 -8.93
N THR B 129 39.45 30.12 -10.26
CA THR B 129 38.27 29.75 -11.02
C THR B 129 38.61 28.64 -12.01
N TRP B 130 37.60 27.82 -12.32
CA TRP B 130 37.75 26.76 -13.30
C TRP B 130 38.08 27.32 -14.68
N GLU B 131 37.55 28.49 -15.01
CA GLU B 131 37.72 29.06 -16.34
C GLU B 131 39.16 29.44 -16.63
N GLU B 132 40.01 29.57 -15.60
CA GLU B 132 41.43 29.83 -15.79
C GLU B 132 42.21 28.61 -16.24
N ILE B 133 41.62 27.43 -16.15
CA ILE B 133 42.36 26.17 -16.24
C ILE B 133 42.75 25.82 -17.67
N PRO B 134 41.90 26.01 -18.68
CA PRO B 134 42.38 25.80 -20.06
C PRO B 134 43.61 26.61 -20.41
N ALA B 135 43.62 27.90 -20.11
CA ALA B 135 44.78 28.73 -20.42
C ALA B 135 46.01 28.28 -19.65
N LEU B 136 45.84 27.83 -18.41
CA LEU B 136 46.98 27.38 -17.62
C LEU B 136 47.47 26.00 -18.07
N ASP B 137 46.57 25.14 -18.55
CA ASP B 137 47.01 23.85 -19.06
C ASP B 137 47.85 24.02 -20.32
N LYS B 138 47.38 24.84 -21.25
CA LYS B 138 48.14 25.10 -22.47
C LYS B 138 49.55 25.54 -22.17
N GLU B 139 49.73 26.39 -21.15
CA GLU B 139 51.05 26.94 -20.89
C GLU B 139 51.93 25.94 -20.13
N LEU B 140 51.36 25.16 -19.21
CA LEU B 140 52.17 24.12 -18.57
C LEU B 140 52.48 23.00 -19.54
N LYS B 141 51.61 22.76 -20.52
CA LYS B 141 51.95 21.76 -21.54
C LYS B 141 53.18 22.21 -22.32
N ALA B 142 53.39 23.52 -22.45
CA ALA B 142 54.62 24.03 -23.05
C ALA B 142 55.83 23.74 -22.19
N LYS B 143 55.65 23.53 -20.88
CA LYS B 143 56.73 23.18 -19.98
C LYS B 143 56.77 21.69 -19.68
N GLY B 144 56.04 20.88 -20.43
CA GLY B 144 56.05 19.44 -20.27
C GLY B 144 55.15 18.91 -19.18
N LYS B 145 54.21 19.70 -18.69
CA LYS B 145 53.35 19.31 -17.58
C LYS B 145 51.89 19.35 -18.01
N SER B 146 51.01 19.13 -17.04
CA SER B 146 49.58 19.21 -17.23
C SER B 146 48.98 19.93 -16.03
N ALA B 147 47.84 20.58 -16.25
CA ALA B 147 47.25 21.40 -15.19
C ALA B 147 46.52 20.56 -14.15
N LEU B 148 45.63 19.68 -14.59
CA LEU B 148 44.70 19.05 -13.66
C LEU B 148 44.43 17.62 -14.08
N MET B 149 44.45 16.71 -13.11
CA MET B 149 44.08 15.32 -13.31
C MET B 149 43.36 14.83 -12.06
N PHE B 150 42.16 14.30 -12.22
CA PHE B 150 41.47 13.70 -11.09
C PHE B 150 40.58 12.56 -11.59
N ASN B 151 40.07 11.79 -10.64
CA ASN B 151 39.34 10.56 -10.94
C ASN B 151 38.02 10.91 -11.62
N LEU B 152 37.98 10.76 -12.94
CA LEU B 152 36.77 11.02 -13.70
C LEU B 152 35.77 9.87 -13.65
N GLN B 153 36.17 8.70 -13.14
CA GLN B 153 35.33 7.52 -13.19
C GLN B 153 34.44 7.37 -11.97
N GLU B 154 34.54 8.26 -11.00
CA GLU B 154 33.63 8.28 -9.86
C GLU B 154 32.93 9.63 -9.80
N PRO B 155 31.59 9.66 -9.80
CA PRO B 155 30.90 10.96 -9.81
C PRO B 155 31.13 11.77 -8.56
N TYR B 156 31.55 11.14 -7.46
CA TYR B 156 31.92 11.87 -6.25
C TYR B 156 32.92 12.97 -6.55
N PHE B 157 33.84 12.73 -7.48
CA PHE B 157 34.86 13.71 -7.81
C PHE B 157 34.38 14.73 -8.83
N THR B 158 33.42 14.36 -9.69
CA THR B 158 32.89 15.27 -10.69
C THR B 158 31.77 16.14 -10.14
N TRP B 159 31.12 15.70 -9.06
CA TRP B 159 29.95 16.42 -8.57
C TRP B 159 30.21 17.85 -8.10
N PRO B 160 31.35 18.19 -7.47
CA PRO B 160 31.50 19.60 -7.03
C PRO B 160 31.38 20.60 -8.16
N LEU B 161 31.85 20.26 -9.36
CA LEU B 161 31.69 21.18 -10.49
C LEU B 161 30.29 21.10 -11.06
N ILE B 162 29.66 19.93 -10.99
CA ILE B 162 28.29 19.78 -11.50
C ILE B 162 27.32 20.58 -10.65
N ALA B 163 27.43 20.45 -9.33
CA ALA B 163 26.54 21.12 -8.38
C ALA B 163 26.85 22.60 -8.19
N ALA B 164 28.00 23.07 -8.70
CA ALA B 164 28.42 24.44 -8.42
C ALA B 164 27.36 25.47 -8.82
N ASP B 165 26.85 25.36 -10.04
CA ASP B 165 25.92 26.35 -10.59
C ASP B 165 24.46 25.89 -10.50
N GLY B 166 24.14 24.97 -9.58
CA GLY B 166 22.75 24.66 -9.30
C GLY B 166 22.35 23.21 -9.48
N GLY B 167 23.23 22.32 -9.91
CA GLY B 167 22.89 20.90 -9.90
C GLY B 167 22.68 20.41 -8.49
N TYR B 168 21.72 19.50 -8.32
CA TYR B 168 21.46 18.94 -7.00
C TYR B 168 20.89 17.54 -7.16
N ALA B 169 20.99 16.76 -6.09
CA ALA B 169 20.49 15.40 -6.06
C ALA B 169 18.97 15.38 -5.92
N PHE B 170 18.49 15.52 -4.69
CA PHE B 170 17.06 15.54 -4.40
C PHE B 170 16.68 16.85 -3.73
N LYS B 171 15.51 17.37 -4.10
CA LYS B 171 15.00 18.59 -3.50
C LYS B 171 14.72 18.35 -2.02
N TYR B 172 15.02 19.35 -1.19
CA TYR B 172 14.80 19.29 0.25
C TYR B 172 14.07 20.55 0.68
N GLU B 173 12.91 20.41 1.32
CA GLU B 173 12.16 21.61 1.73
C GLU B 173 11.90 21.83 3.22
N ASN B 174 11.24 20.87 3.88
CA ASN B 174 10.95 21.04 5.29
C ASN B 174 11.32 19.78 6.06
N GLY B 175 12.61 19.49 6.13
CA GLY B 175 13.13 18.33 6.84
C GLY B 175 12.98 17.01 6.11
N LYS B 176 12.55 17.06 4.85
CA LYS B 176 12.34 15.88 4.05
C LYS B 176 12.88 16.11 2.66
N TYR B 177 13.30 15.02 2.05
CA TYR B 177 13.80 15.03 0.68
C TYR B 177 12.69 14.58 -0.26
N ASP B 178 12.55 15.27 -1.38
CA ASP B 178 11.52 14.97 -2.37
C ASP B 178 12.17 14.04 -3.40
N ILE B 179 11.84 12.75 -3.32
CA ILE B 179 12.51 11.74 -4.14
C ILE B 179 12.13 11.81 -5.61
N LYS B 180 11.12 12.59 -5.95
CA LYS B 180 10.73 12.76 -7.36
C LYS B 180 11.19 14.09 -7.94
N ASP B 181 11.70 15.01 -7.11
CA ASP B 181 12.21 16.28 -7.59
C ASP B 181 13.73 16.11 -7.72
N VAL B 182 14.17 15.78 -8.92
CA VAL B 182 15.57 15.48 -9.22
C VAL B 182 16.18 16.63 -10.00
N GLY B 183 17.35 17.10 -9.53
CA GLY B 183 18.00 18.23 -10.15
C GLY B 183 19.28 17.90 -10.88
N VAL B 184 19.42 16.69 -11.41
CA VAL B 184 20.62 16.37 -12.20
C VAL B 184 20.51 16.85 -13.64
N ASP B 185 19.34 17.32 -14.06
CA ASP B 185 19.10 17.66 -15.46
C ASP B 185 18.70 19.13 -15.61
N ASN B 186 19.00 19.97 -14.62
CA ASN B 186 18.65 21.37 -14.71
C ASN B 186 19.75 22.14 -15.44
N ALA B 187 19.57 23.46 -15.55
CA ALA B 187 20.50 24.27 -16.34
C ALA B 187 21.90 24.28 -15.72
N GLY B 188 21.99 24.41 -14.40
CA GLY B 188 23.29 24.47 -13.77
C GLY B 188 24.07 23.17 -13.86
N ALA B 189 23.38 22.03 -13.68
CA ALA B 189 24.03 20.74 -13.83
C ALA B 189 24.59 20.56 -15.23
N LYS B 190 23.78 20.85 -16.25
CA LYS B 190 24.26 20.80 -17.63
C LYS B 190 25.45 21.73 -17.83
N ALA B 191 25.41 22.92 -17.22
CA ALA B 191 26.48 23.89 -17.40
C ALA B 191 27.80 23.37 -16.85
N GLY B 192 27.78 22.77 -15.67
CA GLY B 192 29.01 22.28 -15.08
C GLY B 192 29.57 21.08 -15.82
N LEU B 193 28.71 20.13 -16.20
CA LEU B 193 29.20 18.94 -16.88
C LEU B 193 29.58 19.26 -18.31
N THR B 194 28.98 20.29 -18.92
CA THR B 194 29.40 20.76 -20.23
C THR B 194 30.83 21.29 -20.18
N PHE B 195 31.14 22.10 -19.16
CA PHE B 195 32.48 22.64 -19.01
C PHE B 195 33.52 21.52 -18.97
N LEU B 196 33.20 20.43 -18.27
CA LEU B 196 34.18 19.35 -18.13
C LEU B 196 34.37 18.60 -19.43
N VAL B 197 33.30 18.42 -20.21
CA VAL B 197 33.45 17.73 -21.48
C VAL B 197 34.25 18.60 -22.45
N ASP B 198 34.03 19.92 -22.42
CA ASP B 198 34.88 20.83 -23.19
C ASP B 198 36.34 20.69 -22.80
N LEU B 199 36.63 20.53 -21.50
CA LEU B 199 38.00 20.28 -21.07
C LEU B 199 38.55 19.03 -21.74
N ILE B 200 37.72 18.00 -21.89
CA ILE B 200 38.17 16.77 -22.53
C ILE B 200 38.20 16.92 -24.04
N LYS B 201 37.25 17.69 -24.60
CA LYS B 201 37.26 17.94 -26.04
C LYS B 201 38.51 18.70 -26.45
N ASN B 202 38.96 19.65 -25.63
CA ASN B 202 40.11 20.48 -25.93
C ASN B 202 41.42 19.92 -25.38
N LYS B 203 41.47 18.62 -25.09
CA LYS B 203 42.70 17.94 -24.69
C LYS B 203 43.35 18.58 -23.46
N HIS B 204 42.53 19.12 -22.55
CA HIS B 204 43.06 19.56 -21.26
C HIS B 204 42.96 18.49 -20.19
N MET B 205 42.10 17.49 -20.39
CA MET B 205 42.02 16.31 -19.54
C MET B 205 41.58 15.14 -20.39
N ASN B 206 41.84 13.94 -19.88
CA ASN B 206 41.52 12.70 -20.58
C ASN B 206 40.35 12.00 -19.92
N ALA B 207 39.37 11.58 -20.74
CA ALA B 207 38.20 10.88 -20.22
C ALA B 207 38.57 9.57 -19.56
N ASP B 208 39.78 9.08 -19.79
CA ASP B 208 40.25 7.78 -19.31
C ASP B 208 40.78 7.83 -17.89
N THR B 209 40.97 9.03 -17.32
CA THR B 209 41.62 9.14 -16.01
C THR B 209 40.78 8.51 -14.91
N ASP B 210 41.45 7.77 -14.03
CA ASP B 210 40.85 7.12 -12.87
C ASP B 210 41.57 7.62 -11.61
N TYR B 211 41.26 7.01 -10.47
CA TYR B 211 41.89 7.42 -9.23
C TYR B 211 43.39 7.13 -9.23
N SER B 212 43.77 5.91 -9.61
CA SER B 212 45.17 5.50 -9.49
C SER B 212 46.08 6.27 -10.45
N ILE B 213 45.62 6.52 -11.68
CA ILE B 213 46.46 7.25 -12.64
C ILE B 213 46.68 8.67 -12.16
N ALA B 214 45.62 9.34 -11.70
CA ALA B 214 45.71 10.73 -11.28
C ALA B 214 46.68 10.89 -10.12
N GLU B 215 46.56 10.04 -9.09
CA GLU B 215 47.40 10.22 -7.91
C GLU B 215 48.85 9.87 -8.22
N ALA B 216 49.09 8.93 -9.13
CA ALA B 216 50.45 8.66 -9.56
C ALA B 216 51.05 9.87 -10.26
N ALA B 217 50.25 10.55 -11.09
CA ALA B 217 50.74 11.72 -11.80
C ALA B 217 51.08 12.86 -10.83
N PHE B 218 50.21 13.12 -9.86
CA PHE B 218 50.48 14.20 -8.94
C PHE B 218 51.68 13.90 -8.04
N ASN B 219 51.78 12.66 -7.55
CA ASN B 219 52.92 12.32 -6.70
C ASN B 219 54.23 12.23 -7.47
N LYS B 220 54.19 12.18 -8.79
CA LYS B 220 55.39 12.18 -9.61
C LYS B 220 55.72 13.56 -10.17
N GLY B 221 54.99 14.59 -9.77
CA GLY B 221 55.24 15.93 -10.27
C GLY B 221 54.92 16.15 -11.73
N GLU B 222 54.01 15.37 -12.30
CA GLU B 222 53.64 15.53 -13.70
C GLU B 222 52.41 16.41 -13.89
N THR B 223 51.58 16.57 -12.87
CA THR B 223 50.41 17.41 -12.96
C THR B 223 50.43 18.42 -11.82
N ALA B 224 49.89 19.61 -12.10
CA ALA B 224 49.95 20.69 -11.12
C ALA B 224 48.88 20.54 -10.06
N MET B 225 47.71 20.01 -10.41
CA MET B 225 46.60 19.96 -9.48
C MET B 225 45.92 18.60 -9.55
N THR B 226 45.33 18.21 -8.43
CA THR B 226 44.44 17.07 -8.37
C THR B 226 43.33 17.41 -7.37
N ILE B 227 42.28 16.60 -7.38
CA ILE B 227 41.16 16.75 -6.46
C ILE B 227 41.06 15.44 -5.68
N ASN B 228 41.14 15.53 -4.36
CA ASN B 228 41.16 14.33 -3.54
C ASN B 228 40.82 14.72 -2.11
N GLY B 229 40.59 13.70 -1.29
CA GLY B 229 40.24 13.89 0.09
C GLY B 229 41.43 13.72 1.01
N PRO B 230 41.22 13.89 2.32
CA PRO B 230 42.36 13.87 3.25
C PRO B 230 43.13 12.57 3.26
N TRP B 231 42.49 11.46 2.89
CA TRP B 231 43.19 10.18 2.85
C TRP B 231 44.40 10.21 1.93
N ALA B 232 44.41 11.10 0.93
CA ALA B 232 45.50 11.14 -0.03
C ALA B 232 46.77 11.79 0.52
N TRP B 233 46.66 12.59 1.59
CA TRP B 233 47.80 13.41 2.01
C TRP B 233 48.98 12.57 2.45
N SER B 234 48.75 11.35 2.91
CA SER B 234 49.83 10.54 3.45
C SER B 234 50.83 10.18 2.36
N ASN B 235 50.35 9.82 1.17
CA ASN B 235 51.24 9.44 0.09
C ASN B 235 51.90 10.65 -0.58
N ILE B 236 51.28 11.83 -0.54
CA ILE B 236 51.95 13.01 -1.08
C ILE B 236 53.12 13.40 -0.19
N ASP B 237 52.97 13.21 1.13
CA ASP B 237 54.09 13.41 2.03
C ASP B 237 55.24 12.50 1.65
N THR B 238 54.94 11.20 1.46
CA THR B 238 55.98 10.23 1.12
C THR B 238 56.69 10.59 -0.18
N SER B 239 55.95 11.02 -1.20
CA SER B 239 56.52 11.34 -2.50
C SER B 239 57.41 12.58 -2.49
N LYS B 240 57.38 13.38 -1.42
CA LYS B 240 58.18 14.60 -1.28
C LYS B 240 57.80 15.67 -2.29
N VAL B 241 56.63 15.57 -2.93
CA VAL B 241 56.06 16.69 -3.66
C VAL B 241 55.68 17.77 -2.66
N ASN B 242 56.06 19.00 -2.94
CA ASN B 242 55.75 20.14 -2.08
C ASN B 242 54.37 20.66 -2.48
N TYR B 243 53.37 20.38 -1.65
CA TYR B 243 51.99 20.58 -2.03
C TYR B 243 51.27 21.51 -1.06
N GLY B 244 50.08 21.93 -1.47
CA GLY B 244 49.20 22.69 -0.61
C GLY B 244 47.78 22.21 -0.80
N VAL B 245 46.94 22.55 0.18
CA VAL B 245 45.53 22.18 0.17
C VAL B 245 44.72 23.44 0.37
N THR B 246 43.87 23.77 -0.61
CA THR B 246 43.12 25.01 -0.59
C THR B 246 41.71 24.73 -1.10
N VAL B 247 40.96 25.80 -1.35
CA VAL B 247 39.57 25.69 -1.79
C VAL B 247 39.51 25.40 -3.29
N LEU B 248 38.48 24.67 -3.68
CA LEU B 248 38.25 24.37 -5.08
C LEU B 248 37.92 25.64 -5.86
N PRO B 249 38.32 25.71 -7.13
CA PRO B 249 38.02 26.88 -7.94
C PRO B 249 36.52 27.06 -8.13
N THR B 250 36.13 28.30 -8.41
CA THR B 250 34.73 28.63 -8.64
C THR B 250 34.38 28.43 -10.11
N PHE B 251 33.08 28.29 -10.37
CA PHE B 251 32.56 28.07 -11.71
C PHE B 251 31.37 28.99 -11.92
N LYS B 252 31.45 29.83 -12.95
CA LYS B 252 30.46 30.88 -13.19
C LYS B 252 30.30 31.72 -11.93
N GLY B 253 31.42 32.03 -11.29
CA GLY B 253 31.45 32.80 -10.07
C GLY B 253 30.98 32.08 -8.83
N GLN B 254 30.39 30.90 -8.96
CA GLN B 254 29.84 30.14 -7.85
C GLN B 254 30.87 29.16 -7.30
N PRO B 255 30.96 28.98 -5.99
CA PRO B 255 31.95 28.04 -5.44
C PRO B 255 31.59 26.60 -5.79
N SER B 256 32.62 25.75 -5.82
CA SER B 256 32.39 24.33 -6.03
C SER B 256 31.78 23.73 -4.77
N LYS B 257 30.79 22.86 -4.96
CA LYS B 257 29.96 22.34 -3.87
C LYS B 257 30.10 20.83 -3.76
N PRO B 258 31.14 20.36 -3.07
CA PRO B 258 31.32 18.92 -2.89
C PRO B 258 30.26 18.32 -1.99
N PHE B 259 29.84 17.10 -2.32
CA PHE B 259 29.05 16.32 -1.38
C PHE B 259 29.93 15.90 -0.22
N VAL B 260 29.50 16.21 0.99
CA VAL B 260 30.30 15.95 2.18
C VAL B 260 29.89 14.59 2.75
N GLY B 261 30.88 13.75 3.04
CA GLY B 261 30.66 12.43 3.58
C GLY B 261 31.08 12.36 5.04
N VAL B 262 30.26 11.72 5.85
CA VAL B 262 30.60 11.43 7.23
C VAL B 262 30.86 9.93 7.32
N LEU B 263 32.12 9.54 7.39
CA LEU B 263 32.46 8.13 7.54
C LEU B 263 31.89 7.62 8.86
N SER B 264 31.14 6.52 8.78
CA SER B 264 30.38 6.05 9.92
C SER B 264 30.59 4.54 10.07
N ALA B 265 30.41 4.06 11.30
CA ALA B 265 30.59 2.64 11.61
C ALA B 265 29.25 2.07 12.03
N GLY B 266 28.70 1.19 11.21
CA GLY B 266 27.47 0.52 11.51
C GLY B 266 27.71 -0.92 11.95
N ILE B 267 26.72 -1.46 12.65
CA ILE B 267 26.81 -2.81 13.20
C ILE B 267 25.71 -3.67 12.57
N ASP B 268 26.08 -4.90 12.22
CA ASP B 268 25.13 -5.83 11.63
C ASP B 268 24.04 -6.16 12.64
N ALA B 269 22.78 -6.00 12.24
CA ALA B 269 21.66 -6.19 13.17
C ALA B 269 21.56 -7.62 13.68
N ALA B 270 22.12 -8.58 12.96
CA ALA B 270 22.06 -9.98 13.34
C ALA B 270 23.38 -10.51 13.88
N SER B 271 24.34 -9.63 14.17
CA SER B 271 25.66 -10.07 14.57
C SER B 271 25.64 -10.69 15.96
N PRO B 272 26.33 -11.81 16.16
CA PRO B 272 26.49 -12.33 17.54
C PRO B 272 27.34 -11.47 18.46
N ASN B 273 28.00 -10.43 17.95
CA ASN B 273 28.94 -9.62 18.72
C ASN B 273 28.55 -8.14 18.78
N LYS B 274 27.24 -7.85 18.76
CA LYS B 274 26.81 -6.45 18.75
C LYS B 274 27.35 -5.69 19.96
N GLU B 275 27.43 -6.34 21.11
CA GLU B 275 27.92 -5.63 22.29
C GLU B 275 29.44 -5.54 22.31
N LEU B 276 30.13 -6.52 21.74
CA LEU B 276 31.58 -6.39 21.55
C LEU B 276 31.87 -5.27 20.55
N ALA B 277 31.08 -5.18 19.48
CA ALA B 277 31.27 -4.13 18.50
C ALA B 277 31.07 -2.75 19.12
N LYS B 278 29.97 -2.57 19.87
CA LYS B 278 29.72 -1.29 20.52
C LYS B 278 30.79 -0.96 21.55
N GLU B 279 31.39 -1.98 22.18
CA GLU B 279 32.49 -1.71 23.12
C GLU B 279 33.74 -1.24 22.39
N PHE B 280 34.09 -1.89 21.28
CA PHE B 280 35.27 -1.50 20.52
C PHE B 280 35.12 -0.07 20.00
N LEU B 281 33.97 0.23 19.41
CA LEU B 281 33.76 1.54 18.81
C LEU B 281 33.74 2.64 19.86
N GLU B 282 33.03 2.43 20.97
CA GLU B 282 32.85 3.48 21.96
C GLU B 282 34.09 3.70 22.83
N ASN B 283 34.76 2.62 23.27
CA ASN B 283 35.81 2.75 24.26
C ASN B 283 37.21 2.64 23.67
N TYR B 284 37.35 2.21 22.42
CA TYR B 284 38.67 2.06 21.82
C TYR B 284 38.87 2.94 20.59
N LEU B 285 37.92 2.98 19.67
CA LEU B 285 38.17 3.73 18.44
C LEU B 285 37.80 5.20 18.59
N LEU B 286 36.62 5.51 19.11
CA LEU B 286 36.19 6.89 19.28
C LEU B 286 36.70 7.48 20.61
N THR B 287 38.03 7.47 20.72
CA THR B 287 38.77 8.19 21.74
C THR B 287 39.92 8.90 21.05
N ASP B 288 40.57 9.82 21.75
CA ASP B 288 41.72 10.52 21.16
C ASP B 288 42.75 9.53 20.66
N GLU B 289 43.11 8.55 21.50
CA GLU B 289 44.14 7.59 21.13
C GLU B 289 43.69 6.72 19.96
N GLY B 290 42.40 6.37 19.92
CA GLY B 290 41.91 5.52 18.85
C GLY B 290 41.95 6.20 17.49
N LEU B 291 41.45 7.43 17.42
CA LEU B 291 41.43 8.12 16.13
C LEU B 291 42.82 8.60 15.73
N GLU B 292 43.70 8.85 16.70
CA GLU B 292 45.09 9.13 16.36
C GLU B 292 45.78 7.92 15.74
N ALA B 293 45.41 6.70 16.16
CA ALA B 293 45.99 5.51 15.56
C ALA B 293 45.62 5.39 14.09
N VAL B 294 44.37 5.68 13.74
CA VAL B 294 43.94 5.65 12.35
C VAL B 294 44.52 6.84 11.58
N ASN B 295 44.51 8.03 12.19
CA ASN B 295 44.88 9.24 11.46
C ASN B 295 46.33 9.21 10.99
N LYS B 296 47.25 8.72 11.83
CA LYS B 296 48.65 8.70 11.43
C LYS B 296 48.91 7.68 10.34
N ASP B 297 48.01 6.72 10.13
CA ASP B 297 48.12 5.86 8.97
C ASP B 297 47.68 6.61 7.71
N LYS B 298 46.41 7.02 7.66
CA LYS B 298 45.91 7.91 6.63
C LYS B 298 44.96 8.90 7.27
N PRO B 299 45.03 10.19 6.91
CA PRO B 299 44.22 11.20 7.59
C PRO B 299 42.73 10.96 7.43
N LEU B 300 42.01 11.08 8.54
CA LEU B 300 40.57 10.89 8.55
C LEU B 300 39.80 12.10 8.05
N GLY B 301 40.43 13.28 8.06
CA GLY B 301 39.72 14.52 7.81
C GLY B 301 39.35 15.20 9.11
N ALA B 302 38.15 15.77 9.20
CA ALA B 302 37.69 16.43 10.41
C ALA B 302 36.92 15.41 11.25
N VAL B 303 37.56 14.93 12.33
CA VAL B 303 36.95 13.85 13.10
C VAL B 303 35.76 14.38 13.89
N ALA B 304 34.82 13.47 14.18
CA ALA B 304 33.61 13.81 14.92
C ALA B 304 33.86 13.98 16.42
N LEU B 305 34.99 13.51 16.93
CA LEU B 305 35.26 13.59 18.36
C LEU B 305 35.79 14.96 18.71
N LYS B 306 35.07 15.69 19.57
CA LYS B 306 35.37 17.10 19.82
C LYS B 306 36.81 17.30 20.27
N SER B 307 37.28 16.50 21.23
CA SER B 307 38.58 16.73 21.82
C SER B 307 39.70 16.61 20.78
N TYR B 308 39.65 15.61 19.92
CA TYR B 308 40.74 15.40 18.96
C TYR B 308 40.71 16.39 17.81
N GLU B 309 39.51 16.82 17.38
CA GLU B 309 39.43 17.72 16.23
C GLU B 309 39.79 19.16 16.58
N GLU B 310 39.62 19.55 17.85
CA GLU B 310 40.03 20.91 18.22
C GLU B 310 41.54 21.10 18.17
N GLU B 311 42.31 20.01 18.20
CA GLU B 311 43.73 20.10 17.83
C GLU B 311 43.94 19.92 16.33
N LEU B 312 43.17 19.03 15.69
CA LEU B 312 43.32 18.84 14.25
C LEU B 312 42.94 20.08 13.47
N ALA B 313 42.03 20.89 14.02
CA ALA B 313 41.52 22.06 13.30
C ALA B 313 42.58 23.14 13.11
N LYS B 314 43.72 23.02 13.76
CA LYS B 314 44.82 23.96 13.62
C LYS B 314 45.71 23.63 12.43
N ASP B 315 45.38 22.58 11.67
CA ASP B 315 46.11 22.24 10.46
C ASP B 315 45.53 23.03 9.28
N PRO B 316 46.34 23.80 8.55
CA PRO B 316 45.79 24.54 7.40
C PRO B 316 45.13 23.63 6.38
N ARG B 317 45.57 22.37 6.27
CA ARG B 317 44.92 21.41 5.38
C ARG B 317 43.52 21.07 5.88
N ILE B 318 43.36 20.90 7.19
CA ILE B 318 42.04 20.61 7.75
C ILE B 318 41.16 21.85 7.73
N ALA B 319 41.73 23.03 7.93
CA ALA B 319 40.96 24.26 7.77
C ALA B 319 40.40 24.38 6.37
N ALA B 320 41.21 24.05 5.36
CA ALA B 320 40.74 24.04 3.98
C ALA B 320 39.67 22.99 3.77
N THR B 321 39.86 21.80 4.36
CA THR B 321 38.85 20.74 4.25
C THR B 321 37.50 21.21 4.79
N MET B 322 37.50 21.79 5.99
CA MET B 322 36.26 22.30 6.57
C MET B 322 35.66 23.39 5.69
N GLU B 323 36.51 24.23 5.08
CA GLU B 323 35.99 25.30 4.25
C GLU B 323 35.34 24.75 2.98
N ASN B 324 35.99 23.78 2.33
CA ASN B 324 35.34 23.11 1.20
C ASN B 324 34.10 22.36 1.64
N ALA B 325 34.12 21.75 2.83
CA ALA B 325 32.96 21.05 3.33
C ALA B 325 31.81 22.01 3.59
N GLN B 326 32.13 23.20 4.07
CA GLN B 326 31.10 24.20 4.36
C GLN B 326 30.52 24.78 3.07
N LYS B 327 31.34 24.96 2.05
CA LYS B 327 30.82 25.38 0.74
C LYS B 327 29.95 24.30 0.12
N GLY B 328 30.20 23.04 0.45
CA GLY B 328 29.37 21.93 0.01
C GLY B 328 28.23 21.66 0.97
N GLU B 329 27.64 20.47 0.85
CA GLU B 329 26.51 20.07 1.68
C GLU B 329 26.62 18.61 2.07
N ILE B 330 26.00 18.28 3.22
CA ILE B 330 25.93 16.90 3.67
C ILE B 330 25.14 16.05 2.69
N MET B 331 25.61 14.84 2.45
CA MET B 331 24.90 13.92 1.57
C MET B 331 23.59 13.48 2.22
N PRO B 332 22.53 13.30 1.45
CA PRO B 332 21.36 12.60 1.98
C PRO B 332 21.72 11.16 2.28
N ASN B 333 21.04 10.60 3.28
CA ASN B 333 21.20 9.18 3.60
C ASN B 333 20.02 8.35 3.16
N ILE B 334 19.12 8.89 2.34
CA ILE B 334 17.92 8.17 1.93
C ILE B 334 18.34 6.99 1.06
N PRO B 335 17.57 5.90 1.00
CA PRO B 335 18.00 4.74 0.20
C PRO B 335 18.20 5.06 -1.26
N GLN B 336 17.52 6.09 -1.79
CA GLN B 336 17.64 6.42 -3.21
C GLN B 336 19.01 6.96 -3.58
N MET B 337 19.87 7.27 -2.60
CA MET B 337 21.21 7.74 -2.92
C MET B 337 22.01 6.70 -3.70
N SER B 338 21.76 5.42 -3.44
CA SER B 338 22.42 4.38 -4.21
C SER B 338 22.08 4.50 -5.69
N ALA B 339 20.80 4.70 -6.00
CA ALA B 339 20.40 4.93 -7.38
C ALA B 339 20.98 6.22 -7.93
N PHE B 340 21.00 7.29 -7.11
CA PHE B 340 21.47 8.58 -7.58
C PHE B 340 22.91 8.51 -8.07
N TRP B 341 23.78 7.86 -7.29
CA TRP B 341 25.20 7.82 -7.64
C TRP B 341 25.40 7.03 -8.92
N TYR B 342 24.87 5.81 -8.96
CA TYR B 342 25.06 4.93 -10.10
C TYR B 342 24.54 5.57 -11.39
N ALA B 343 23.42 6.30 -11.31
CA ALA B 343 22.88 6.96 -12.49
C ALA B 343 23.78 8.12 -12.94
N VAL B 344 24.28 8.91 -12.00
CA VAL B 344 25.14 10.03 -12.36
C VAL B 344 26.51 9.52 -12.80
N ARG B 345 26.97 8.41 -12.23
CA ARG B 345 28.21 7.80 -12.71
C ARG B 345 28.13 7.47 -14.19
N THR B 346 27.00 6.93 -14.63
CA THR B 346 26.81 6.62 -16.04
C THR B 346 26.85 7.90 -16.88
N ALA B 347 26.16 8.94 -16.42
CA ALA B 347 26.10 10.19 -17.17
C ALA B 347 27.47 10.81 -17.33
N VAL B 348 28.27 10.79 -16.26
CA VAL B 348 29.58 11.44 -16.30
C VAL B 348 30.51 10.70 -17.25
N ILE B 349 30.42 9.36 -17.27
CA ILE B 349 31.25 8.58 -18.17
C ILE B 349 30.81 8.75 -19.62
N ASN B 350 29.49 8.72 -19.87
CA ASN B 350 28.99 8.76 -21.24
C ASN B 350 29.27 10.10 -21.91
N ALA B 351 29.03 11.20 -21.20
CA ALA B 351 29.29 12.51 -21.78
C ALA B 351 30.79 12.73 -21.98
N ALA B 352 31.61 12.30 -21.01
CA ALA B 352 33.05 12.53 -21.10
C ALA B 352 33.67 11.71 -22.23
N SER B 353 33.17 10.51 -22.48
CA SER B 353 33.69 9.67 -23.56
C SER B 353 33.05 9.97 -24.91
N GLY B 354 31.98 10.75 -24.95
CA GLY B 354 31.37 11.16 -26.20
C GLY B 354 30.22 10.32 -26.70
N ARG B 355 29.78 9.31 -25.95
CA ARG B 355 28.67 8.47 -26.39
C ARG B 355 27.32 9.14 -26.26
N GLN B 356 27.19 10.16 -25.41
CA GLN B 356 25.97 10.96 -25.39
C GLN B 356 26.33 12.42 -25.24
N THR B 357 25.35 13.27 -25.56
CA THR B 357 25.47 14.68 -25.29
C THR B 357 25.28 14.91 -23.79
N VAL B 358 25.74 16.07 -23.32
CA VAL B 358 25.47 16.44 -21.94
C VAL B 358 23.98 16.40 -21.67
N ASP B 359 23.18 16.80 -22.66
CA ASP B 359 21.74 16.82 -22.51
C ASP B 359 21.14 15.42 -22.52
N GLU B 360 21.69 14.52 -23.35
CA GLU B 360 21.15 13.16 -23.39
C GLU B 360 21.50 12.40 -22.11
N ALA B 361 22.74 12.55 -21.65
CA ALA B 361 23.21 11.80 -20.50
C ALA B 361 22.47 12.20 -19.24
N LEU B 362 22.28 13.50 -19.03
CA LEU B 362 21.63 13.94 -17.81
C LEU B 362 20.13 13.66 -17.86
N LYS B 363 19.53 13.64 -19.05
CA LYS B 363 18.13 13.24 -19.15
C LYS B 363 17.96 11.76 -18.76
N ASP B 364 18.82 10.89 -19.30
CA ASP B 364 18.76 9.48 -18.93
C ASP B 364 19.12 9.27 -17.47
N ALA B 365 20.12 9.99 -16.97
CA ALA B 365 20.43 9.93 -15.55
C ALA B 365 19.20 10.29 -14.70
N GLN B 366 18.45 11.29 -15.14
CA GLN B 366 17.26 11.71 -14.38
C GLN B 366 16.17 10.64 -14.43
N THR B 367 16.03 9.97 -15.58
CA THR B 367 15.02 8.92 -15.69
C THR B 367 15.39 7.73 -14.82
N ARG B 368 16.65 7.28 -14.91
CA ARG B 368 17.08 6.14 -14.12
C ARG B 368 16.84 6.36 -12.63
N ILE B 369 16.92 7.61 -12.17
CA ILE B 369 16.61 7.89 -10.76
C ILE B 369 15.15 7.60 -10.46
N THR B 370 14.25 8.15 -11.26
CA THR B 370 12.82 8.01 -10.98
C THR B 370 12.28 6.62 -11.30
N VAL B 371 13.03 5.78 -12.00
CA VAL B 371 12.58 4.40 -12.25
C VAL B 371 13.18 3.41 -11.26
N SER B 372 14.23 3.77 -10.54
CA SER B 372 14.84 2.85 -9.58
C SER B 372 13.90 2.40 -8.47
N PRO B 373 13.00 3.24 -7.93
CA PRO B 373 12.03 2.74 -6.94
C PRO B 373 11.17 1.59 -7.44
N PHE B 374 11.14 1.35 -8.75
CA PHE B 374 10.38 0.23 -9.30
C PHE B 374 11.08 -1.10 -9.12
N GLY B 375 12.40 -1.12 -8.96
CA GLY B 375 13.10 -2.33 -8.65
C GLY B 375 13.94 -2.84 -9.81
N GLY B 376 14.86 -3.74 -9.48
CA GLY B 376 15.73 -4.35 -10.46
C GLY B 376 15.08 -5.35 -11.39
N LEU B 377 13.78 -5.61 -11.26
CA LEU B 377 13.12 -6.61 -12.09
C LEU B 377 11.79 -6.06 -12.58
N LYS B 378 11.66 -5.87 -13.90
CA LYS B 378 10.42 -5.37 -14.54
C LYS B 378 9.20 -6.31 -14.57
N ARG B 379 9.45 -7.53 -15.02
CA ARG B 379 8.46 -8.61 -15.12
C ARG B 379 9.20 -9.94 -15.10
N LEU B 380 8.54 -11.04 -14.74
CA LEU B 380 9.31 -12.29 -14.78
C LEU B 380 9.89 -12.47 -16.19
N PRO B 381 11.13 -12.95 -16.29
CA PRO B 381 11.74 -13.17 -17.60
C PRO B 381 10.84 -13.97 -18.51
N ALA B 382 10.85 -13.62 -19.78
CA ALA B 382 10.03 -14.31 -20.77
C ALA B 382 10.31 -15.80 -20.80
N GLY B 383 9.25 -16.59 -20.77
CA GLY B 383 9.37 -18.03 -20.88
C GLY B 383 9.88 -18.74 -19.65
N LEU B 384 10.08 -18.03 -18.54
CA LEU B 384 10.58 -18.69 -17.34
C LEU B 384 9.54 -19.63 -16.74
N LEU B 385 8.28 -19.19 -16.66
CA LEU B 385 7.26 -20.07 -16.11
C LEU B 385 6.88 -21.20 -17.05
N LEU B 386 7.47 -21.27 -18.24
CA LEU B 386 7.29 -22.40 -19.14
C LEU B 386 8.56 -23.24 -19.28
N GLY B 387 9.52 -23.06 -18.38
CA GLY B 387 10.69 -23.91 -18.31
C GLY B 387 11.94 -23.42 -19.00
N HIS B 388 11.90 -22.24 -19.60
CA HIS B 388 13.04 -21.70 -20.34
C HIS B 388 13.89 -20.80 -19.45
N GLY B 389 15.19 -21.08 -19.41
CA GLY B 389 16.11 -20.25 -18.67
C GLY B 389 17.21 -21.05 -18.00
N PRO B 390 18.21 -20.35 -17.43
CA PRO B 390 19.25 -21.05 -16.68
C PRO B 390 18.61 -21.76 -15.50
N ILE B 391 19.17 -22.91 -15.13
CA ILE B 391 18.49 -23.77 -14.16
C ILE B 391 18.39 -23.08 -12.81
N ARG B 392 19.47 -22.43 -12.36
CA ARG B 392 19.47 -21.85 -11.02
C ARG B 392 18.30 -20.89 -10.83
N MET B 393 17.93 -20.18 -11.89
CA MET B 393 16.73 -19.36 -11.86
C MET B 393 15.46 -20.20 -12.01
N VAL B 394 15.56 -21.34 -12.70
CA VAL B 394 14.39 -22.20 -12.87
C VAL B 394 14.03 -22.88 -11.56
N LEU B 395 15.03 -23.32 -10.80
CA LEU B 395 14.73 -23.90 -9.49
C LEU B 395 14.25 -22.84 -8.51
N ALA B 396 14.74 -21.61 -8.64
CA ALA B 396 14.23 -20.52 -7.80
C ALA B 396 12.75 -20.31 -8.04
N ILE B 397 12.33 -20.29 -9.31
CA ILE B 397 10.91 -20.08 -9.58
C ILE B 397 10.10 -21.31 -9.18
N LEU B 398 10.70 -22.50 -9.23
CA LEU B 398 10.02 -23.68 -8.71
C LEU B 398 9.82 -23.57 -7.21
N ALA B 399 10.83 -23.06 -6.49
CA ALA B 399 10.66 -22.81 -5.06
C ALA B 399 9.52 -21.83 -4.82
N PHE B 400 9.41 -20.79 -5.65
CA PHE B 400 8.32 -19.84 -5.48
C PHE B 400 6.97 -20.51 -5.67
N LEU B 401 6.87 -21.40 -6.66
CA LEU B 401 5.60 -22.09 -6.91
C LEU B 401 5.26 -23.08 -5.81
N ARG B 402 6.26 -23.68 -5.17
CA ARG B 402 5.97 -24.55 -4.03
C ARG B 402 5.59 -23.74 -2.80
N PHE B 403 6.31 -22.64 -2.55
CA PHE B 403 5.95 -21.77 -1.44
C PHE B 403 4.50 -21.32 -1.54
N THR B 404 4.05 -21.06 -2.77
CA THR B 404 2.74 -20.51 -3.04
C THR B 404 1.69 -21.56 -3.37
N ALA B 405 2.08 -22.83 -3.42
CA ALA B 405 1.17 -23.93 -3.78
C ALA B 405 0.48 -23.65 -5.11
N ILE B 406 1.29 -23.34 -6.12
CA ILE B 406 0.81 -23.10 -7.48
C ILE B 406 1.41 -24.18 -8.37
N LYS B 407 0.57 -24.81 -9.18
CA LYS B 407 1.02 -25.94 -9.97
C LYS B 407 1.90 -25.46 -11.12
N PRO B 408 3.16 -25.88 -11.17
CA PRO B 408 4.06 -25.40 -12.23
C PRO B 408 3.63 -25.92 -13.60
N SER B 409 4.10 -25.22 -14.63
CA SER B 409 3.80 -25.62 -15.99
C SER B 409 4.47 -26.95 -16.32
N LEU B 410 4.02 -27.54 -17.42
CA LEU B 410 4.58 -28.83 -17.81
C LEU B 410 6.02 -28.68 -18.29
N GLY B 411 6.37 -27.51 -18.82
CA GLY B 411 7.76 -27.24 -19.16
C GLY B 411 8.65 -27.17 -17.93
N LEU B 412 8.19 -26.49 -16.88
CA LEU B 412 8.96 -26.44 -15.63
C LEU B 412 9.10 -27.83 -15.02
N ILE B 413 8.03 -28.62 -15.05
CA ILE B 413 8.08 -29.97 -14.48
C ILE B 413 9.09 -30.82 -15.22
N ASN B 414 9.26 -30.59 -16.53
CA ASN B 414 10.22 -31.38 -17.28
C ASN B 414 11.65 -30.95 -16.98
N ARG B 415 11.87 -29.65 -16.75
CA ARG B 415 13.18 -29.20 -16.28
C ARG B 415 13.52 -29.81 -14.93
N TRP B 416 12.53 -29.90 -14.04
CA TRP B 416 12.76 -30.47 -12.71
C TRP B 416 13.20 -31.93 -12.78
N GLY B 417 12.78 -32.65 -13.81
CA GLY B 417 13.11 -34.06 -13.95
C GLY B 417 14.47 -34.38 -14.56
N SER B 418 15.07 -33.43 -15.28
CA SER B 418 16.28 -33.71 -16.06
C SER B 418 17.56 -33.31 -15.35
N VAL B 419 17.45 -32.55 -14.25
CA VAL B 419 18.63 -32.01 -13.59
C VAL B 419 19.38 -33.10 -12.83
N GLY B 420 20.69 -32.94 -12.75
CA GLY B 420 21.52 -33.86 -11.99
C GLY B 420 21.23 -33.77 -10.50
N LYS B 421 21.25 -34.94 -9.84
CA LYS B 421 20.95 -34.98 -8.42
C LYS B 421 21.89 -34.07 -7.63
N LYS B 422 23.19 -34.11 -7.95
CA LYS B 422 24.16 -33.42 -7.10
C LYS B 422 24.07 -31.91 -7.27
N GLU B 423 23.84 -31.42 -8.49
CA GLU B 423 23.84 -29.98 -8.72
C GLU B 423 22.56 -29.33 -8.20
N ALA B 424 21.42 -29.99 -8.36
CA ALA B 424 20.17 -29.40 -7.89
C ALA B 424 20.13 -29.31 -6.37
N MET B 425 20.67 -30.32 -5.69
CA MET B 425 20.64 -30.35 -4.23
C MET B 425 21.48 -29.22 -3.64
N GLU B 426 22.68 -29.00 -4.17
CA GLU B 426 23.54 -27.96 -3.61
C GLU B 426 23.01 -26.56 -3.90
N ILE B 427 22.35 -26.37 -5.04
CA ILE B 427 21.74 -25.07 -5.32
C ILE B 427 20.62 -24.80 -4.32
N ILE B 428 19.82 -25.81 -4.00
CA ILE B 428 18.70 -25.59 -3.09
C ILE B 428 19.17 -25.52 -1.64
N LYS B 429 20.28 -26.19 -1.29
CA LYS B 429 20.82 -25.97 0.05
C LYS B 429 21.33 -24.55 0.20
N LYS B 430 21.78 -23.94 -0.89
CA LYS B 430 22.11 -22.51 -0.86
C LYS B 430 20.86 -21.69 -0.60
N PHE B 431 19.76 -22.00 -1.29
CA PHE B 431 18.50 -21.32 -1.03
C PHE B 431 18.12 -21.40 0.44
N LYS B 432 18.35 -22.55 1.07
CA LYS B 432 18.09 -22.68 2.51
C LYS B 432 18.92 -21.67 3.30
N LYS B 433 20.21 -21.57 2.99
CA LYS B 433 21.05 -20.60 3.69
C LYS B 433 20.59 -19.17 3.43
N ASP B 434 19.95 -18.94 2.28
CA ASP B 434 19.35 -17.63 2.01
C ASP B 434 18.15 -17.39 2.92
N LEU B 435 17.30 -18.41 3.10
CA LEU B 435 16.18 -18.26 4.03
C LEU B 435 16.67 -18.15 5.46
N ALA B 436 17.75 -18.85 5.80
CA ALA B 436 18.37 -18.67 7.11
C ALA B 436 18.74 -17.21 7.34
N ALA B 437 19.26 -16.55 6.31
CA ALA B 437 19.60 -15.13 6.42
C ALA B 437 18.35 -14.28 6.59
N MET B 438 17.31 -14.54 5.79
CA MET B 438 16.06 -13.80 5.95
C MET B 438 15.50 -13.94 7.36
N LEU B 439 15.59 -15.13 7.93
CA LEU B 439 15.08 -15.36 9.28
C LEU B 439 15.84 -14.54 10.32
N ARG B 440 17.17 -14.51 10.21
CA ARG B 440 17.98 -13.77 11.18
C ARG B 440 17.70 -12.27 11.11
N ILE B 441 17.55 -11.74 9.91
CA ILE B 441 17.22 -10.32 9.74
C ILE B 441 15.90 -10.00 10.42
N ILE B 442 14.90 -10.87 10.26
CA ILE B 442 13.57 -10.61 10.79
C ILE B 442 13.60 -10.66 12.33
N ASN B 443 14.26 -11.68 12.88
CA ASN B 443 14.32 -11.87 14.33
C ASN B 443 15.19 -10.83 15.02
N ALA B 444 16.02 -10.12 14.28
CA ALA B 444 16.96 -9.19 14.90
C ALA B 444 16.32 -7.87 15.29
N ARG B 445 15.04 -7.69 15.01
CA ARG B 445 14.35 -6.47 15.33
C ARG B 445 13.91 -6.41 16.78
N LYS C 2 5.46 -37.97 12.07
CA LYS C 2 4.61 -39.06 11.58
C LYS C 2 5.45 -40.21 11.07
N ILE C 3 5.94 -40.09 9.84
CA ILE C 3 6.76 -41.14 9.26
C ILE C 3 8.02 -41.26 10.09
N GLU C 4 8.38 -42.50 10.41
CA GLU C 4 9.56 -42.80 11.20
C GLU C 4 10.19 -44.07 10.67
N GLU C 5 11.50 -44.20 10.85
CA GLU C 5 12.19 -45.37 10.34
C GLU C 5 11.84 -46.56 11.21
N GLY C 6 11.56 -47.69 10.56
CA GLY C 6 11.09 -48.85 11.28
C GLY C 6 9.59 -48.92 11.48
N LYS C 7 8.82 -48.09 10.76
CA LYS C 7 7.37 -48.07 10.88
C LYS C 7 6.77 -47.86 9.50
N LEU C 8 5.53 -48.30 9.33
CA LEU C 8 4.79 -48.07 8.09
C LEU C 8 3.49 -47.36 8.39
N VAL C 9 3.22 -46.28 7.64
CA VAL C 9 1.98 -45.53 7.73
C VAL C 9 1.28 -45.63 6.39
N ILE C 10 0.04 -46.10 6.40
CA ILE C 10 -0.72 -46.37 5.18
C ILE C 10 -1.93 -45.45 5.13
N TRP C 11 -2.18 -44.89 3.96
CA TRP C 11 -3.36 -44.07 3.70
C TRP C 11 -4.26 -44.75 2.70
N ILE C 12 -5.54 -44.86 3.04
CA ILE C 12 -6.54 -45.46 2.16
C ILE C 12 -7.86 -44.75 2.40
N ASN C 13 -8.71 -44.72 1.39
CA ASN C 13 -9.95 -43.98 1.49
C ASN C 13 -10.89 -44.63 2.51
N GLY C 14 -11.73 -43.81 3.12
CA GLY C 14 -12.57 -44.25 4.23
C GLY C 14 -13.66 -45.22 3.84
N ASP C 15 -14.00 -45.31 2.56
CA ASP C 15 -15.05 -46.21 2.10
C ASP C 15 -14.54 -47.61 1.79
N LYS C 16 -13.24 -47.84 1.88
CA LYS C 16 -12.66 -49.16 1.68
C LYS C 16 -12.45 -49.86 3.02
N GLY C 17 -12.15 -51.15 2.96
CA GLY C 17 -12.02 -51.94 4.16
C GLY C 17 -10.76 -51.70 4.95
N TYR C 18 -10.62 -50.52 5.56
CA TYR C 18 -9.38 -50.20 6.25
C TYR C 18 -9.20 -51.00 7.53
N ASN C 19 -10.28 -51.50 8.13
CA ASN C 19 -10.12 -52.37 9.30
C ASN C 19 -9.52 -53.71 8.90
N GLY C 20 -9.97 -54.26 7.77
CA GLY C 20 -9.35 -55.48 7.26
C GLY C 20 -7.87 -55.29 6.94
N LEU C 21 -7.52 -54.15 6.35
CA LEU C 21 -6.12 -53.85 6.07
C LEU C 21 -5.31 -53.74 7.36
N ALA C 22 -5.90 -53.13 8.39
CA ALA C 22 -5.22 -53.03 9.67
C ALA C 22 -4.95 -54.40 10.28
N GLU C 23 -5.80 -55.38 9.99
CA GLU C 23 -5.55 -56.74 10.46
C GLU C 23 -4.38 -57.36 9.71
N VAL C 24 -4.25 -57.06 8.42
CA VAL C 24 -3.07 -57.51 7.68
C VAL C 24 -1.84 -56.79 8.20
N GLY C 25 -1.99 -55.53 8.60
CA GLY C 25 -0.90 -54.81 9.24
C GLY C 25 -0.56 -55.36 10.61
N LYS C 26 -1.56 -55.89 11.33
CA LYS C 26 -1.30 -56.46 12.64
C LYS C 26 -0.48 -57.74 12.52
N LYS C 27 -0.71 -58.54 11.48
CA LYS C 27 0.09 -59.74 11.31
C LYS C 27 1.50 -59.39 10.84
N PHE C 28 1.62 -58.41 9.94
CA PHE C 28 2.95 -57.95 9.54
C PHE C 28 3.73 -57.46 10.75
N GLU C 29 3.07 -56.72 11.65
CA GLU C 29 3.75 -56.26 12.85
C GLU C 29 4.22 -57.43 13.70
N LYS C 30 3.34 -58.43 13.86
CA LYS C 30 3.70 -59.61 14.63
C LYS C 30 4.86 -60.36 13.99
N ASP C 31 4.89 -60.44 12.67
CA ASP C 31 5.94 -61.20 11.99
C ASP C 31 7.31 -60.55 12.01
N THR C 32 7.36 -59.24 12.09
CA THR C 32 8.60 -58.51 11.91
C THR C 32 8.92 -57.54 13.03
N GLY C 33 7.95 -57.19 13.88
CA GLY C 33 8.14 -56.12 14.83
C GLY C 33 7.99 -54.74 14.23
N ILE C 34 7.57 -54.64 12.97
CA ILE C 34 7.38 -53.38 12.30
C ILE C 34 5.92 -52.98 12.46
N LYS C 35 5.66 -51.89 13.19
CA LYS C 35 4.28 -51.45 13.37
C LYS C 35 3.73 -50.85 12.09
N VAL C 36 2.49 -51.23 11.76
CA VAL C 36 1.77 -50.70 10.62
C VAL C 36 0.56 -49.94 11.13
N THR C 37 0.38 -48.71 10.65
CA THR C 37 -0.71 -47.83 11.07
C THR C 37 -1.51 -47.41 9.84
N VAL C 38 -2.80 -47.70 9.86
CA VAL C 38 -3.70 -47.35 8.77
C VAL C 38 -4.51 -46.12 9.16
N GLU C 39 -4.51 -45.12 8.28
CA GLU C 39 -5.25 -43.88 8.47
C GLU C 39 -6.10 -43.64 7.22
N HIS C 40 -7.26 -43.01 7.41
CA HIS C 40 -8.17 -42.70 6.29
C HIS C 40 -8.58 -41.23 6.36
N PRO C 41 -7.66 -40.32 6.04
CA PRO C 41 -8.02 -38.90 6.00
C PRO C 41 -8.86 -38.57 4.78
N ASP C 42 -9.61 -37.48 4.90
CA ASP C 42 -10.41 -37.01 3.78
C ASP C 42 -9.51 -36.39 2.73
N LYS C 43 -9.94 -36.46 1.47
CA LYS C 43 -9.21 -35.85 0.36
C LYS C 43 -7.74 -36.28 0.34
N LEU C 44 -7.49 -37.55 0.66
CA LEU C 44 -6.11 -38.00 0.80
C LEU C 44 -5.37 -37.95 -0.53
N GLU C 45 -6.08 -38.10 -1.65
CA GLU C 45 -5.42 -38.02 -2.94
C GLU C 45 -4.97 -36.60 -3.24
N GLU C 46 -5.65 -35.59 -2.69
CA GLU C 46 -5.21 -34.22 -2.84
C GLU C 46 -4.15 -33.85 -1.81
N LYS C 47 -4.25 -34.42 -0.61
CA LYS C 47 -3.31 -34.08 0.46
C LYS C 47 -1.94 -34.67 0.20
N PHE C 48 -1.88 -35.84 -0.44
CA PHE C 48 -0.60 -36.53 -0.61
C PHE C 48 0.45 -35.70 -1.32
N PRO C 49 0.20 -35.11 -2.49
CA PRO C 49 1.26 -34.29 -3.11
C PRO C 49 1.71 -33.14 -2.24
N GLN C 50 0.88 -32.67 -1.30
CA GLN C 50 1.30 -31.62 -0.38
C GLN C 50 2.16 -32.15 0.76
N VAL C 51 2.04 -33.43 1.11
CA VAL C 51 2.76 -33.96 2.26
C VAL C 51 3.85 -34.96 1.87
N ALA C 52 3.93 -35.34 0.59
CA ALA C 52 4.94 -36.28 0.15
C ALA C 52 6.34 -35.75 0.40
N ALA C 53 7.22 -36.61 0.93
CA ALA C 53 8.61 -36.32 1.22
C ALA C 53 8.79 -35.28 2.32
N THR C 54 7.78 -35.06 3.16
CA THR C 54 7.87 -34.13 4.28
C THR C 54 7.89 -34.82 5.63
N GLY C 55 7.65 -36.13 5.70
CA GLY C 55 7.48 -36.82 6.96
C GLY C 55 6.10 -36.72 7.57
N ASP C 56 5.20 -35.92 7.00
CA ASP C 56 3.83 -35.82 7.46
C ASP C 56 2.88 -36.68 6.63
N GLY C 57 3.40 -37.45 5.67
CA GLY C 57 2.58 -38.25 4.80
C GLY C 57 2.77 -39.74 5.06
N PRO C 58 2.13 -40.57 4.24
CA PRO C 58 2.23 -42.02 4.42
C PRO C 58 3.45 -42.59 3.71
N ASP C 59 3.85 -43.78 4.17
CA ASP C 59 4.81 -44.56 3.41
C ASP C 59 4.14 -45.24 2.23
N ILE C 60 2.86 -45.56 2.35
CA ILE C 60 2.10 -46.25 1.31
C ILE C 60 0.77 -45.53 1.15
N ILE C 61 0.39 -45.24 -0.10
CA ILE C 61 -0.85 -44.55 -0.42
C ILE C 61 -1.70 -45.46 -1.30
N PHE C 62 -2.97 -45.61 -0.93
CA PHE C 62 -3.92 -46.42 -1.68
C PHE C 62 -4.92 -45.50 -2.37
N TRP C 63 -4.95 -45.55 -3.71
CA TRP C 63 -5.95 -44.83 -4.48
C TRP C 63 -6.06 -45.51 -5.84
N ALA C 64 -7.08 -45.14 -6.59
CA ALA C 64 -7.19 -45.58 -7.97
C ALA C 64 -5.99 -45.08 -8.78
N HIS C 65 -5.63 -45.84 -9.80
CA HIS C 65 -4.39 -45.60 -10.54
C HIS C 65 -4.37 -44.24 -11.24
N ASP C 66 -5.53 -43.62 -11.47
CA ASP C 66 -5.57 -42.43 -12.31
C ASP C 66 -4.79 -41.26 -11.70
N ARG C 67 -4.67 -41.21 -10.38
CA ARG C 67 -3.94 -40.13 -9.73
C ARG C 67 -2.44 -40.37 -9.66
N PHE C 68 -1.98 -41.59 -9.93
CA PHE C 68 -0.59 -41.94 -9.69
C PHE C 68 0.36 -41.36 -10.73
N GLY C 69 -0.12 -41.10 -11.95
CA GLY C 69 0.74 -40.51 -12.96
C GLY C 69 1.20 -39.11 -12.60
N GLY C 70 0.30 -38.31 -12.02
CA GLY C 70 0.70 -37.00 -11.54
C GLY C 70 1.72 -37.07 -10.43
N TYR C 71 1.53 -38.01 -9.50
CA TYR C 71 2.52 -38.23 -8.45
C TYR C 71 3.87 -38.63 -9.05
N ALA C 72 3.85 -39.52 -10.05
CA ALA C 72 5.10 -40.01 -10.64
C ALA C 72 5.85 -38.91 -11.38
N GLN C 73 5.11 -38.04 -12.08
CA GLN C 73 5.76 -36.98 -12.86
C GLN C 73 6.54 -36.02 -11.97
N SER C 74 6.11 -35.84 -10.72
CA SER C 74 6.84 -35.02 -9.76
C SER C 74 7.88 -35.80 -8.98
N GLY C 75 8.02 -37.10 -9.23
CA GLY C 75 8.98 -37.90 -8.51
C GLY C 75 8.60 -38.22 -7.08
N LEU C 76 7.31 -38.30 -6.77
CA LEU C 76 6.88 -38.56 -5.41
C LEU C 76 6.70 -40.05 -5.12
N LEU C 77 6.57 -40.87 -6.15
CA LEU C 77 6.38 -42.29 -5.97
C LEU C 77 7.68 -43.01 -6.26
N ALA C 78 8.03 -43.97 -5.40
CA ALA C 78 9.17 -44.83 -5.66
C ALA C 78 8.83 -45.82 -6.76
N GLU C 79 9.79 -46.04 -7.65
CA GLU C 79 9.62 -47.03 -8.71
C GLU C 79 9.78 -48.42 -8.12
N ILE C 80 8.79 -49.29 -8.34
CA ILE C 80 8.78 -50.62 -7.76
C ILE C 80 9.42 -51.59 -8.73
N THR C 81 10.06 -52.62 -8.17
CA THR C 81 10.83 -53.59 -8.97
C THR C 81 10.50 -55.01 -8.52
N PRO C 82 9.30 -55.51 -8.83
CA PRO C 82 9.00 -56.90 -8.53
C PRO C 82 9.53 -57.82 -9.62
N ASP C 83 10.02 -58.98 -9.22
CA ASP C 83 10.47 -59.94 -10.21
C ASP C 83 9.28 -60.45 -11.01
N LYS C 84 9.57 -60.97 -12.21
CA LYS C 84 8.53 -61.50 -13.08
C LYS C 84 7.67 -62.56 -12.41
N ALA C 85 8.25 -63.32 -11.47
CA ALA C 85 7.49 -64.37 -10.78
C ALA C 85 6.31 -63.77 -10.03
N PHE C 86 6.55 -62.68 -9.29
CA PHE C 86 5.44 -61.99 -8.64
C PHE C 86 4.52 -61.35 -9.66
N GLN C 87 5.12 -60.81 -10.72
CA GLN C 87 4.37 -60.13 -11.77
C GLN C 87 3.31 -61.05 -12.38
N ASP C 88 3.62 -62.34 -12.49
CA ASP C 88 2.71 -63.29 -13.10
C ASP C 88 1.58 -63.72 -12.18
N LYS C 89 1.62 -63.34 -10.90
CA LYS C 89 0.50 -63.61 -10.00
C LYS C 89 -0.68 -62.70 -10.26
N LEU C 90 -0.47 -61.59 -10.96
CA LEU C 90 -1.51 -60.59 -11.16
C LEU C 90 -1.83 -60.45 -12.64
N TYR C 91 -3.05 -60.01 -12.93
CA TYR C 91 -3.50 -59.92 -14.32
C TYR C 91 -2.69 -58.86 -15.06
N PRO C 92 -2.21 -59.16 -16.27
CA PRO C 92 -1.36 -58.19 -16.98
C PRO C 92 -1.99 -56.83 -17.22
N PHE C 93 -3.30 -56.75 -17.42
CA PHE C 93 -3.93 -55.46 -17.70
C PHE C 93 -3.91 -54.54 -16.48
N THR C 94 -3.95 -55.12 -15.27
CA THR C 94 -3.82 -54.27 -14.08
C THR C 94 -2.40 -53.74 -13.95
N TRP C 95 -1.40 -54.50 -14.40
CA TRP C 95 -0.04 -54.00 -14.44
C TRP C 95 0.10 -52.84 -15.41
N ASP C 96 -0.65 -52.90 -16.53
CA ASP C 96 -0.59 -51.81 -17.49
C ASP C 96 -1.19 -50.53 -16.91
N ALA C 97 -2.14 -50.66 -15.98
CA ALA C 97 -2.74 -49.48 -15.36
C ALA C 97 -1.75 -48.73 -14.48
N VAL C 98 -0.74 -49.41 -13.96
CA VAL C 98 0.23 -48.80 -13.06
C VAL C 98 1.58 -48.60 -13.75
N ARG C 99 1.62 -48.70 -15.06
CA ARG C 99 2.82 -48.37 -15.83
C ARG C 99 2.72 -46.93 -16.31
N TYR C 100 3.80 -46.17 -16.12
CA TYR C 100 3.85 -44.79 -16.58
C TYR C 100 5.26 -44.50 -17.06
N ASN C 101 5.38 -44.14 -18.34
CA ASN C 101 6.66 -43.96 -19.01
C ASN C 101 7.58 -45.16 -18.78
N GLY C 102 7.09 -46.33 -19.18
CA GLY C 102 7.86 -47.56 -19.12
C GLY C 102 8.25 -48.03 -17.73
N LYS C 103 7.77 -47.34 -16.71
CA LYS C 103 8.07 -47.68 -15.33
C LYS C 103 6.79 -48.06 -14.60
N LEU C 104 6.89 -49.05 -13.72
CA LEU C 104 5.81 -49.41 -12.82
C LEU C 104 5.92 -48.56 -11.57
N ILE C 105 4.81 -47.97 -11.14
CA ILE C 105 4.83 -46.98 -10.07
C ILE C 105 3.89 -47.34 -8.93
N ALA C 106 3.29 -48.53 -8.96
CA ALA C 106 2.40 -48.95 -7.90
C ALA C 106 2.09 -50.43 -8.07
N TYR C 107 1.59 -51.03 -6.99
CA TYR C 107 1.08 -52.39 -7.01
C TYR C 107 -0.41 -52.37 -7.23
N PRO C 108 -0.93 -53.09 -8.23
CA PRO C 108 -2.39 -53.15 -8.41
C PRO C 108 -3.03 -54.05 -7.37
N ILE C 109 -4.17 -53.61 -6.86
CA ILE C 109 -4.91 -54.34 -5.82
C ILE C 109 -6.22 -54.91 -6.36
N ALA C 110 -7.08 -54.05 -6.89
CA ALA C 110 -8.40 -54.49 -7.32
C ALA C 110 -8.91 -53.62 -8.47
N VAL C 111 -9.79 -54.21 -9.26
CA VAL C 111 -10.46 -53.52 -10.35
C VAL C 111 -11.86 -53.17 -9.88
N GLU C 112 -12.18 -51.87 -9.91
CA GLU C 112 -13.47 -51.38 -9.43
C GLU C 112 -14.24 -50.73 -10.57
N ALA C 113 -15.53 -51.04 -10.63
CA ALA C 113 -16.41 -50.46 -11.64
C ALA C 113 -17.79 -50.27 -11.03
N LEU C 114 -18.43 -49.16 -11.37
CA LEU C 114 -19.77 -48.88 -10.88
C LEU C 114 -20.77 -49.88 -11.45
N SER C 115 -21.83 -50.15 -10.68
CA SER C 115 -22.89 -51.03 -11.13
C SER C 115 -24.23 -50.51 -10.65
N LEU C 116 -25.29 -50.97 -11.31
CA LEU C 116 -26.65 -50.63 -10.91
C LEU C 116 -27.09 -51.59 -9.81
N ILE C 117 -27.49 -51.04 -8.67
CA ILE C 117 -27.90 -51.83 -7.51
C ILE C 117 -29.36 -51.53 -7.24
N TYR C 118 -30.19 -52.59 -7.22
CA TYR C 118 -31.63 -52.42 -7.16
C TYR C 118 -32.25 -53.26 -6.05
N ASN C 119 -33.35 -52.75 -5.50
CA ASN C 119 -34.12 -53.44 -4.47
C ASN C 119 -35.06 -54.44 -5.14
N LYS C 120 -34.78 -55.73 -4.98
CA LYS C 120 -35.55 -56.76 -5.68
C LYS C 120 -37.02 -56.78 -5.24
N ASP C 121 -37.30 -56.37 -4.00
CA ASP C 121 -38.69 -56.39 -3.53
C ASP C 121 -39.52 -55.27 -4.14
N LEU C 122 -38.92 -54.12 -4.42
CA LEU C 122 -39.69 -53.01 -4.98
C LEU C 122 -39.73 -52.97 -6.50
N LEU C 123 -38.82 -53.65 -7.19
CA LEU C 123 -38.83 -53.75 -8.67
C LEU C 123 -37.96 -54.91 -9.15
N PRO C 124 -38.55 -56.02 -9.62
CA PRO C 124 -37.76 -57.19 -9.96
C PRO C 124 -36.92 -57.10 -11.22
N ASN C 125 -37.27 -56.21 -12.15
CA ASN C 125 -36.62 -56.10 -13.46
C ASN C 125 -36.18 -54.67 -13.62
N PRO C 126 -34.95 -54.34 -13.26
CA PRO C 126 -34.50 -52.97 -13.37
C PRO C 126 -34.53 -52.54 -14.82
N PRO C 127 -34.70 -51.24 -15.07
CA PRO C 127 -34.75 -50.78 -16.46
C PRO C 127 -33.40 -50.98 -17.12
N LYS C 128 -33.46 -51.49 -18.35
CA LYS C 128 -32.25 -51.67 -19.13
C LYS C 128 -31.78 -50.36 -19.74
N THR C 129 -32.64 -49.36 -19.78
CA THR C 129 -32.29 -48.08 -20.38
C THR C 129 -32.57 -46.93 -19.43
N TRP C 130 -31.79 -45.87 -19.53
CA TRP C 130 -31.96 -44.71 -18.66
C TRP C 130 -33.32 -44.05 -18.86
N GLU C 131 -33.79 -43.98 -20.11
CA GLU C 131 -35.01 -43.23 -20.36
C GLU C 131 -36.24 -43.87 -19.72
N GLU C 132 -36.15 -45.12 -19.27
CA GLU C 132 -37.27 -45.70 -18.54
C GLU C 132 -37.40 -45.12 -17.13
N ILE C 133 -36.41 -44.36 -16.67
CA ILE C 133 -36.34 -43.93 -15.28
C ILE C 133 -37.35 -42.82 -15.00
N PRO C 134 -37.52 -41.81 -15.87
CA PRO C 134 -38.57 -40.82 -15.59
C PRO C 134 -39.95 -41.42 -15.45
N ALA C 135 -40.37 -42.27 -16.39
CA ALA C 135 -41.68 -42.91 -16.28
C ALA C 135 -41.73 -43.84 -15.08
N LEU C 136 -40.64 -44.55 -14.79
CA LEU C 136 -40.64 -45.46 -13.66
C LEU C 136 -40.52 -44.70 -12.34
N ASP C 137 -39.85 -43.54 -12.35
CA ASP C 137 -39.80 -42.69 -11.16
C ASP C 137 -41.17 -42.14 -10.86
N LYS C 138 -41.87 -41.65 -11.89
CA LYS C 138 -43.23 -41.16 -11.74
C LYS C 138 -44.12 -42.18 -11.03
N GLU C 139 -43.90 -43.46 -11.33
CA GLU C 139 -44.74 -44.54 -10.83
C GLU C 139 -44.44 -44.88 -9.37
N LEU C 140 -43.16 -44.94 -9.00
CA LEU C 140 -42.81 -45.26 -7.63
C LEU C 140 -43.10 -44.10 -6.69
N LYS C 141 -43.06 -42.86 -7.19
CA LYS C 141 -43.33 -41.69 -6.37
C LYS C 141 -44.74 -41.69 -5.78
N ALA C 142 -45.68 -42.39 -6.40
CA ALA C 142 -47.03 -42.47 -5.86
C ALA C 142 -47.10 -43.20 -4.52
N LYS C 143 -46.14 -44.08 -4.20
CA LYS C 143 -46.16 -44.83 -2.94
C LYS C 143 -45.22 -44.28 -1.87
N GLY C 144 -44.66 -43.10 -2.04
CA GLY C 144 -43.73 -42.57 -1.05
C GLY C 144 -42.29 -42.99 -1.23
N LYS C 145 -41.92 -43.51 -2.41
CA LYS C 145 -40.57 -43.97 -2.71
C LYS C 145 -39.99 -43.18 -3.88
N SER C 146 -38.78 -43.53 -4.29
CA SER C 146 -38.11 -42.90 -5.41
C SER C 146 -37.38 -43.95 -6.23
N ALA C 147 -37.18 -43.65 -7.51
CA ALA C 147 -36.58 -44.64 -8.42
C ALA C 147 -35.07 -44.74 -8.23
N LEU C 148 -34.37 -43.61 -8.28
CA LEU C 148 -32.91 -43.65 -8.33
C LEU C 148 -32.32 -42.49 -7.56
N MET C 149 -31.32 -42.78 -6.72
CA MET C 149 -30.52 -41.78 -6.05
C MET C 149 -29.08 -42.27 -5.95
N PHE C 150 -28.15 -41.44 -6.41
CA PHE C 150 -26.74 -41.74 -6.31
C PHE C 150 -25.98 -40.43 -6.13
N ASN C 151 -24.69 -40.53 -5.83
CA ASN C 151 -23.87 -39.38 -5.50
C ASN C 151 -23.64 -38.52 -6.73
N LEU C 152 -24.37 -37.40 -6.83
CA LEU C 152 -24.17 -36.50 -7.95
C LEU C 152 -22.97 -35.59 -7.77
N GLN C 153 -22.36 -35.57 -6.58
CA GLN C 153 -21.34 -34.57 -6.27
C GLN C 153 -19.93 -34.98 -6.66
N GLU C 154 -19.73 -36.20 -7.14
CA GLU C 154 -18.47 -36.64 -7.72
C GLU C 154 -18.70 -37.13 -9.14
N PRO C 155 -17.97 -36.62 -10.13
CA PRO C 155 -18.23 -37.01 -11.51
C PRO C 155 -17.97 -38.48 -11.81
N TYR C 156 -17.22 -39.19 -10.96
CA TYR C 156 -17.05 -40.63 -11.12
C TYR C 156 -18.39 -41.34 -11.28
N PHE C 157 -19.42 -40.87 -10.58
CA PHE C 157 -20.72 -41.52 -10.66
C PHE C 157 -21.53 -41.02 -11.85
N THR C 158 -21.32 -39.77 -12.27
CA THR C 158 -22.04 -39.21 -13.40
C THR C 158 -21.39 -39.54 -14.74
N TRP C 159 -20.10 -39.88 -14.74
CA TRP C 159 -19.40 -40.11 -16.01
C TRP C 159 -19.96 -41.27 -16.85
N PRO C 160 -20.42 -42.38 -16.29
CA PRO C 160 -20.94 -43.45 -17.15
C PRO C 160 -22.04 -42.99 -18.09
N LEU C 161 -22.88 -42.07 -17.65
CA LEU C 161 -23.95 -41.56 -18.49
C LEU C 161 -23.46 -40.52 -19.49
N ILE C 162 -22.47 -39.72 -19.13
CA ILE C 162 -21.94 -38.71 -20.04
C ILE C 162 -21.18 -39.37 -21.19
N ALA C 163 -20.32 -40.33 -20.88
CA ALA C 163 -19.51 -40.98 -21.89
C ALA C 163 -20.30 -41.97 -22.74
N ALA C 164 -21.53 -42.29 -22.34
CA ALA C 164 -22.30 -43.32 -23.03
C ALA C 164 -22.43 -43.02 -24.51
N ASP C 165 -22.82 -41.78 -24.85
CA ASP C 165 -23.09 -41.40 -26.23
C ASP C 165 -21.91 -40.67 -26.86
N GLY C 166 -20.70 -40.86 -26.35
CA GLY C 166 -19.51 -40.37 -27.03
C GLY C 166 -18.64 -39.42 -26.25
N GLY C 167 -19.00 -39.05 -25.03
CA GLY C 167 -18.08 -38.28 -24.22
C GLY C 167 -16.82 -39.07 -23.93
N TYR C 168 -15.69 -38.37 -23.91
CA TYR C 168 -14.42 -39.02 -23.59
C TYR C 168 -13.47 -37.99 -22.99
N ALA C 169 -12.49 -38.50 -22.25
CA ALA C 169 -11.49 -37.65 -21.62
C ALA C 169 -10.50 -37.15 -22.65
N PHE C 170 -9.53 -37.99 -22.99
CA PHE C 170 -8.53 -37.68 -23.99
C PHE C 170 -8.59 -38.72 -25.10
N LYS C 171 -8.33 -38.28 -26.33
CA LYS C 171 -8.37 -39.20 -27.46
C LYS C 171 -7.16 -40.11 -27.41
N TYR C 172 -7.39 -41.41 -27.25
CA TYR C 172 -6.33 -42.41 -27.26
C TYR C 172 -6.22 -43.00 -28.65
N GLU C 173 -5.05 -42.87 -29.25
CA GLU C 173 -4.77 -43.43 -30.56
C GLU C 173 -3.27 -43.71 -30.63
N ASN C 174 -2.93 -44.83 -31.25
CA ASN C 174 -1.54 -45.24 -31.46
C ASN C 174 -0.75 -45.21 -30.15
N GLY C 175 -1.26 -45.95 -29.16
CA GLY C 175 -0.53 -46.22 -27.95
C GLY C 175 -0.45 -45.11 -26.92
N LYS C 176 -1.04 -43.94 -27.16
CA LYS C 176 -0.94 -42.87 -26.19
C LYS C 176 -2.12 -41.92 -26.33
N TYR C 177 -2.15 -40.93 -25.44
CA TYR C 177 -3.27 -40.00 -25.31
C TYR C 177 -2.91 -38.65 -25.88
N ASP C 178 -3.84 -38.04 -26.60
CA ASP C 178 -3.65 -36.73 -27.21
C ASP C 178 -4.25 -35.72 -26.23
N ILE C 179 -3.39 -35.04 -25.47
CA ILE C 179 -3.84 -34.16 -24.40
C ILE C 179 -4.43 -32.87 -24.97
N LYS C 180 -4.42 -32.74 -26.29
CA LYS C 180 -4.93 -31.57 -26.96
C LYS C 180 -6.35 -31.75 -27.49
N ASP C 181 -6.78 -32.98 -27.77
CA ASP C 181 -8.16 -33.25 -28.20
C ASP C 181 -8.94 -33.75 -27.00
N VAL C 182 -9.70 -32.85 -26.38
CA VAL C 182 -10.52 -33.15 -25.21
C VAL C 182 -11.95 -33.33 -25.69
N GLY C 183 -12.58 -34.42 -25.29
CA GLY C 183 -13.91 -34.72 -25.78
C GLY C 183 -15.01 -34.59 -24.74
N VAL C 184 -14.83 -33.69 -23.78
CA VAL C 184 -15.88 -33.45 -22.79
C VAL C 184 -16.96 -32.52 -23.31
N ASP C 185 -16.78 -31.93 -24.48
CA ASP C 185 -17.70 -30.93 -25.02
C ASP C 185 -18.26 -31.34 -26.38
N ASN C 186 -18.25 -32.63 -26.69
CA ASN C 186 -18.80 -33.08 -27.97
C ASN C 186 -20.30 -33.30 -27.82
N ALA C 187 -20.93 -33.77 -28.91
CA ALA C 187 -22.38 -33.90 -28.90
C ALA C 187 -22.85 -34.92 -27.88
N GLY C 188 -22.13 -36.04 -27.76
CA GLY C 188 -22.52 -37.07 -26.81
C GLY C 188 -22.42 -36.62 -25.37
N ALA C 189 -21.36 -35.87 -25.04
CA ALA C 189 -21.22 -35.34 -23.70
C ALA C 189 -22.39 -34.42 -23.35
N LYS C 190 -22.70 -33.46 -24.22
CA LYS C 190 -23.85 -32.60 -24.01
C LYS C 190 -25.13 -33.42 -23.88
N ALA C 191 -25.28 -34.47 -24.70
CA ALA C 191 -26.48 -35.28 -24.66
C ALA C 191 -26.65 -36.01 -23.33
N GLY C 192 -25.56 -36.59 -22.82
CA GLY C 192 -25.66 -37.33 -21.58
C GLY C 192 -25.90 -36.45 -20.38
N LEU C 193 -25.18 -35.32 -20.30
CA LEU C 193 -25.36 -34.43 -19.17
C LEU C 193 -26.70 -33.69 -19.23
N THR C 194 -27.24 -33.47 -20.42
CA THR C 194 -28.57 -32.91 -20.53
C THR C 194 -29.61 -33.85 -19.92
N PHE C 195 -29.50 -35.14 -20.21
CA PHE C 195 -30.45 -36.11 -19.65
C PHE C 195 -30.48 -36.06 -18.13
N LEU C 196 -29.32 -35.91 -17.50
CA LEU C 196 -29.30 -35.95 -16.04
C LEU C 196 -29.87 -34.66 -15.45
N VAL C 197 -29.63 -33.51 -16.09
CA VAL C 197 -30.19 -32.27 -15.59
C VAL C 197 -31.70 -32.24 -15.79
N ASP C 198 -32.18 -32.73 -16.94
CA ASP C 198 -33.63 -32.87 -17.14
C ASP C 198 -34.23 -33.74 -16.06
N LEU C 199 -33.52 -34.81 -15.67
CA LEU C 199 -33.95 -35.64 -14.56
C LEU C 199 -34.10 -34.81 -13.29
N ILE C 200 -33.25 -33.82 -13.10
CA ILE C 200 -33.33 -32.97 -11.91
C ILE C 200 -34.47 -31.98 -12.02
N LYS C 201 -34.61 -31.34 -13.19
CA LYS C 201 -35.62 -30.30 -13.34
C LYS C 201 -37.03 -30.88 -13.29
N ASN C 202 -37.21 -32.13 -13.71
CA ASN C 202 -38.49 -32.82 -13.58
C ASN C 202 -38.65 -33.54 -12.24
N LYS C 203 -37.88 -33.12 -11.22
CA LYS C 203 -38.01 -33.65 -9.86
C LYS C 203 -37.88 -35.17 -9.80
N HIS C 204 -37.05 -35.74 -10.67
CA HIS C 204 -36.70 -37.15 -10.55
C HIS C 204 -35.43 -37.35 -9.72
N MET C 205 -34.63 -36.31 -9.54
CA MET C 205 -33.48 -36.34 -8.64
C MET C 205 -33.28 -34.94 -8.06
N ASN C 206 -32.57 -34.87 -6.94
CA ASN C 206 -32.22 -33.60 -6.31
C ASN C 206 -30.74 -33.33 -6.51
N ALA C 207 -30.40 -32.11 -6.90
CA ALA C 207 -29.02 -31.75 -7.17
C ALA C 207 -28.12 -31.86 -5.94
N ASP C 208 -28.69 -31.84 -4.74
CA ASP C 208 -27.89 -31.86 -3.52
C ASP C 208 -27.53 -33.26 -3.04
N THR C 209 -28.11 -34.31 -3.63
CA THR C 209 -27.88 -35.65 -3.09
C THR C 209 -26.41 -36.02 -3.20
N ASP C 210 -25.87 -36.56 -2.11
CA ASP C 210 -24.47 -36.94 -2.04
C ASP C 210 -24.35 -38.41 -1.66
N TYR C 211 -23.12 -38.84 -1.38
CA TYR C 211 -22.87 -40.24 -1.08
C TYR C 211 -23.61 -40.67 0.19
N SER C 212 -23.58 -39.85 1.23
CA SER C 212 -24.19 -40.24 2.50
C SER C 212 -25.70 -40.33 2.37
N ILE C 213 -26.32 -39.38 1.67
CA ILE C 213 -27.77 -39.37 1.52
C ILE C 213 -28.23 -40.55 0.67
N ALA C 214 -27.57 -40.78 -0.47
CA ALA C 214 -28.01 -41.81 -1.40
C ALA C 214 -27.96 -43.20 -0.77
N GLU C 215 -26.83 -43.55 -0.14
CA GLU C 215 -26.68 -44.90 0.38
C GLU C 215 -27.56 -45.14 1.60
N ALA C 216 -27.80 -44.11 2.42
CA ALA C 216 -28.69 -44.27 3.56
C ALA C 216 -30.11 -44.59 3.12
N ALA C 217 -30.59 -43.90 2.09
CA ALA C 217 -31.96 -44.13 1.61
C ALA C 217 -32.12 -45.53 1.05
N PHE C 218 -31.16 -45.99 0.25
CA PHE C 218 -31.27 -47.33 -0.32
C PHE C 218 -31.27 -48.39 0.78
N ASN C 219 -30.43 -48.20 1.80
CA ASN C 219 -30.41 -49.11 2.93
C ASN C 219 -31.63 -48.96 3.83
N LYS C 220 -32.40 -47.88 3.66
CA LYS C 220 -33.66 -47.69 4.38
C LYS C 220 -34.86 -48.09 3.55
N GLY C 221 -34.65 -48.66 2.36
CA GLY C 221 -35.75 -49.07 1.52
C GLY C 221 -36.56 -47.92 0.96
N GLU C 222 -35.97 -46.74 0.86
CA GLU C 222 -36.66 -45.56 0.36
C GLU C 222 -36.45 -45.31 -1.13
N THR C 223 -35.38 -45.86 -1.71
CA THR C 223 -35.13 -45.73 -3.14
C THR C 223 -34.91 -47.11 -3.73
N ALA C 224 -35.31 -47.26 -4.99
CA ALA C 224 -35.21 -48.56 -5.64
C ALA C 224 -33.80 -48.83 -6.19
N MET C 225 -33.10 -47.81 -6.64
CA MET C 225 -31.82 -48.01 -7.31
C MET C 225 -30.78 -47.00 -6.84
N THR C 226 -29.52 -47.43 -6.88
CA THR C 226 -28.36 -46.58 -6.69
C THR C 226 -27.26 -47.06 -7.61
N ILE C 227 -26.22 -46.24 -7.77
CA ILE C 227 -25.05 -46.58 -8.55
C ILE C 227 -23.85 -46.51 -7.61
N ASN C 228 -23.12 -47.62 -7.51
CA ASN C 228 -22.02 -47.68 -6.56
C ASN C 228 -21.11 -48.84 -6.92
N GLY C 229 -19.95 -48.88 -6.25
CA GLY C 229 -18.96 -49.90 -6.49
C GLY C 229 -19.04 -51.00 -5.46
N PRO C 230 -18.19 -52.02 -5.59
CA PRO C 230 -18.30 -53.19 -4.72
C PRO C 230 -18.12 -52.88 -3.25
N TRP C 231 -17.39 -51.82 -2.90
CA TRP C 231 -17.20 -51.44 -1.50
C TRP C 231 -18.53 -51.18 -0.80
N ALA C 232 -19.57 -50.85 -1.54
CA ALA C 232 -20.86 -50.50 -0.94
C ALA C 232 -21.65 -51.71 -0.47
N TRP C 233 -21.34 -52.91 -0.96
CA TRP C 233 -22.18 -54.08 -0.71
C TRP C 233 -22.23 -54.46 0.76
N SER C 234 -21.19 -54.11 1.53
CA SER C 234 -21.16 -54.53 2.93
C SER C 234 -22.25 -53.85 3.75
N ASN C 235 -22.49 -52.56 3.52
CA ASN C 235 -23.51 -51.87 4.29
C ASN C 235 -24.91 -52.27 3.86
N ILE C 236 -25.07 -52.67 2.60
CA ILE C 236 -26.37 -53.15 2.13
C ILE C 236 -26.68 -54.51 2.74
N ASP C 237 -25.67 -55.35 2.96
CA ASP C 237 -25.87 -56.67 3.55
C ASP C 237 -26.53 -56.56 4.93
N THR C 238 -25.93 -55.80 5.84
CA THR C 238 -26.45 -55.70 7.20
C THR C 238 -27.86 -55.11 7.21
N SER C 239 -28.12 -54.12 6.34
CA SER C 239 -29.42 -53.46 6.30
C SER C 239 -30.56 -54.38 5.89
N LYS C 240 -30.26 -55.63 5.52
CA LYS C 240 -31.26 -56.67 5.28
C LYS C 240 -31.97 -56.46 3.94
N VAL C 241 -31.82 -55.29 3.34
CA VAL C 241 -32.43 -55.05 2.03
C VAL C 241 -32.00 -56.14 1.08
N ASN C 242 -32.96 -56.77 0.42
CA ASN C 242 -32.68 -57.83 -0.54
C ASN C 242 -32.47 -57.19 -1.91
N TYR C 243 -31.23 -57.16 -2.36
CA TYR C 243 -30.78 -56.35 -3.49
C TYR C 243 -30.15 -57.23 -4.56
N GLY C 244 -29.91 -56.61 -5.72
CA GLY C 244 -29.17 -57.27 -6.77
C GLY C 244 -28.19 -56.31 -7.40
N VAL C 245 -27.23 -56.87 -8.12
CA VAL C 245 -26.20 -56.10 -8.82
C VAL C 245 -26.22 -56.51 -10.28
N THR C 246 -26.47 -55.54 -11.16
CA THR C 246 -26.65 -55.82 -12.58
C THR C 246 -25.95 -54.73 -13.39
N VAL C 247 -26.22 -54.72 -14.68
CA VAL C 247 -25.58 -53.78 -15.60
C VAL C 247 -26.25 -52.42 -15.51
N LEU C 248 -25.46 -51.36 -15.70
CA LEU C 248 -25.97 -50.01 -15.72
C LEU C 248 -26.90 -49.84 -16.91
N PRO C 249 -27.96 -49.04 -16.78
CA PRO C 249 -28.86 -48.84 -17.92
C PRO C 249 -28.12 -48.20 -19.08
N THR C 250 -28.59 -48.48 -20.29
CA THR C 250 -28.00 -47.87 -21.48
C THR C 250 -28.71 -46.57 -21.80
N PHE C 251 -28.04 -45.75 -22.59
CA PHE C 251 -28.54 -44.41 -22.93
C PHE C 251 -28.39 -44.18 -24.43
N LYS C 252 -29.51 -43.90 -25.10
CA LYS C 252 -29.55 -43.74 -26.56
C LYS C 252 -28.94 -44.93 -27.28
N GLY C 253 -29.27 -46.13 -26.82
CA GLY C 253 -28.77 -47.35 -27.41
C GLY C 253 -27.32 -47.67 -27.11
N GLN C 254 -26.57 -46.75 -26.58
CA GLN C 254 -25.17 -47.00 -26.25
C GLN C 254 -25.06 -47.46 -24.79
N PRO C 255 -24.22 -48.44 -24.50
CA PRO C 255 -24.09 -48.90 -23.11
C PRO C 255 -23.42 -47.83 -22.25
N SER C 256 -23.66 -47.92 -20.94
CA SER C 256 -22.97 -47.02 -20.03
C SER C 256 -21.49 -47.37 -19.98
N LYS C 257 -20.65 -46.34 -20.00
CA LYS C 257 -19.21 -46.51 -20.12
C LYS C 257 -18.56 -45.93 -18.86
N PRO C 258 -18.59 -46.67 -17.75
CA PRO C 258 -17.97 -46.16 -16.52
C PRO C 258 -16.46 -46.14 -16.63
N PHE C 259 -15.85 -45.12 -16.05
CA PHE C 259 -14.40 -45.13 -15.88
C PHE C 259 -14.02 -46.17 -14.84
N VAL C 260 -13.13 -47.07 -15.23
CA VAL C 260 -12.74 -48.19 -14.38
C VAL C 260 -11.48 -47.81 -13.62
N GLY C 261 -11.49 -48.05 -12.31
CA GLY C 261 -10.36 -47.76 -11.44
C GLY C 261 -9.67 -49.04 -11.01
N VAL C 262 -8.34 -49.02 -11.03
CA VAL C 262 -7.53 -50.10 -10.49
C VAL C 262 -6.98 -49.62 -9.16
N LEU C 263 -7.55 -50.11 -8.06
CA LEU C 263 -7.05 -49.74 -6.76
C LEU C 263 -5.60 -50.17 -6.63
N SER C 264 -4.73 -49.23 -6.29
CA SER C 264 -3.29 -49.45 -6.36
C SER C 264 -2.63 -48.90 -5.11
N ALA C 265 -1.46 -49.46 -4.80
CA ALA C 265 -0.67 -49.07 -3.64
C ALA C 265 0.65 -48.50 -4.13
N GLY C 266 0.86 -47.20 -3.89
CA GLY C 266 2.11 -46.56 -4.21
C GLY C 266 2.96 -46.35 -2.97
N ILE C 267 4.25 -46.18 -3.19
CA ILE C 267 5.22 -46.03 -2.11
C ILE C 267 5.85 -44.64 -2.23
N ASP C 268 6.00 -43.96 -1.10
CA ASP C 268 6.61 -42.64 -1.10
C ASP C 268 8.07 -42.75 -1.50
N ALA C 269 8.47 -41.96 -2.50
CA ALA C 269 9.83 -42.05 -3.02
C ALA C 269 10.89 -41.68 -2.01
N ALA C 270 10.52 -40.95 -0.95
CA ALA C 270 11.50 -40.52 0.04
C ALA C 270 11.39 -41.29 1.36
N SER C 271 10.56 -42.33 1.40
CA SER C 271 10.39 -43.07 2.63
C SER C 271 11.63 -43.91 2.91
N PRO C 272 12.14 -43.91 4.15
CA PRO C 272 13.20 -44.85 4.52
C PRO C 272 12.72 -46.29 4.59
N ASN C 273 11.43 -46.56 4.41
CA ASN C 273 10.87 -47.88 4.63
C ASN C 273 10.40 -48.54 3.33
N LYS C 274 11.02 -48.19 2.20
CA LYS C 274 10.62 -48.79 0.93
C LYS C 274 10.77 -50.30 0.97
N GLU C 275 11.88 -50.78 1.53
CA GLU C 275 12.12 -52.21 1.65
C GLU C 275 11.04 -52.87 2.49
N LEU C 276 10.59 -52.20 3.54
CA LEU C 276 9.52 -52.75 4.37
C LEU C 276 8.17 -52.69 3.65
N ALA C 277 7.91 -51.58 2.96
CA ALA C 277 6.66 -51.46 2.20
C ALA C 277 6.58 -52.52 1.10
N LYS C 278 7.68 -52.69 0.35
CA LYS C 278 7.73 -53.73 -0.68
C LYS C 278 7.49 -55.11 -0.08
N GLU C 279 8.07 -55.38 1.09
CA GLU C 279 7.80 -56.63 1.79
C GLU C 279 6.33 -56.78 2.16
N PHE C 280 5.73 -55.71 2.67
CA PHE C 280 4.34 -55.76 3.11
C PHE C 280 3.39 -56.04 1.94
N LEU C 281 3.54 -55.27 0.86
CA LEU C 281 2.62 -55.39 -0.27
C LEU C 281 2.75 -56.73 -0.98
N GLU C 282 3.98 -57.18 -1.23
CA GLU C 282 4.18 -58.38 -2.02
C GLU C 282 3.86 -59.66 -1.25
N ASN C 283 4.28 -59.74 0.02
CA ASN C 283 4.21 -60.99 0.76
C ASN C 283 3.09 -61.06 1.78
N TYR C 284 2.42 -59.95 2.10
CA TYR C 284 1.36 -59.99 3.09
C TYR C 284 0.00 -59.58 2.55
N LEU C 285 -0.07 -58.49 1.78
CA LEU C 285 -1.37 -58.02 1.35
C LEU C 285 -1.81 -58.71 0.05
N LEU C 286 -0.91 -58.80 -0.92
CA LEU C 286 -1.25 -59.42 -2.21
C LEU C 286 -1.11 -60.94 -2.13
N THR C 287 -1.86 -61.52 -1.20
CA THR C 287 -2.03 -62.96 -1.06
C THR C 287 -3.51 -63.27 -0.87
N ASP C 288 -3.86 -64.55 -0.97
CA ASP C 288 -5.23 -64.97 -0.74
C ASP C 288 -5.73 -64.52 0.63
N GLU C 289 -4.95 -64.82 1.69
CA GLU C 289 -5.40 -64.41 3.02
C GLU C 289 -5.36 -62.90 3.18
N GLY C 290 -4.37 -62.25 2.57
CA GLY C 290 -4.28 -60.80 2.68
C GLY C 290 -5.47 -60.10 2.08
N LEU C 291 -5.84 -60.48 0.85
CA LEU C 291 -6.99 -59.87 0.21
C LEU C 291 -8.30 -60.37 0.80
N GLU C 292 -8.34 -61.58 1.35
CA GLU C 292 -9.55 -62.02 2.04
C GLU C 292 -9.80 -61.18 3.28
N ALA C 293 -8.73 -60.81 3.98
CA ALA C 293 -8.89 -59.98 5.18
C ALA C 293 -9.50 -58.63 4.84
N VAL C 294 -9.05 -58.02 3.73
CA VAL C 294 -9.61 -56.74 3.32
C VAL C 294 -11.03 -56.92 2.81
N ASN C 295 -11.25 -57.95 1.99
CA ASN C 295 -12.55 -58.11 1.33
C ASN C 295 -13.68 -58.38 2.31
N LYS C 296 -13.38 -59.08 3.42
CA LYS C 296 -14.42 -59.35 4.41
C LYS C 296 -14.88 -58.09 5.12
N ASP C 297 -14.05 -57.06 5.16
CA ASP C 297 -14.46 -55.77 5.72
C ASP C 297 -15.36 -55.02 4.74
N LYS C 298 -14.82 -54.69 3.57
CA LYS C 298 -15.58 -54.12 2.47
C LYS C 298 -15.09 -54.80 1.20
N PRO C 299 -16.00 -55.21 0.31
CA PRO C 299 -15.57 -55.96 -0.88
C PRO C 299 -14.65 -55.14 -1.78
N LEU C 300 -13.57 -55.77 -2.21
CA LEU C 300 -12.61 -55.12 -3.09
C LEU C 300 -13.06 -55.08 -4.54
N GLY C 301 -13.99 -55.94 -4.94
CA GLY C 301 -14.34 -56.07 -6.33
C GLY C 301 -13.59 -57.19 -7.00
N ALA C 302 -13.14 -56.97 -8.23
CA ALA C 302 -12.37 -57.97 -8.97
C ALA C 302 -10.90 -57.71 -8.67
N VAL C 303 -10.33 -58.54 -7.80
CA VAL C 303 -8.97 -58.29 -7.32
C VAL C 303 -7.96 -58.59 -8.40
N ALA C 304 -6.80 -57.94 -8.32
CA ALA C 304 -5.75 -58.15 -9.30
C ALA C 304 -5.03 -59.47 -9.13
N LEU C 305 -5.18 -60.13 -7.97
CA LEU C 305 -4.48 -61.38 -7.71
C LEU C 305 -5.26 -62.53 -8.34
N LYS C 306 -4.64 -63.20 -9.30
CA LYS C 306 -5.35 -64.19 -10.12
C LYS C 306 -6.01 -65.26 -9.25
N SER C 307 -5.26 -65.83 -8.29
CA SER C 307 -5.76 -66.96 -7.53
C SER C 307 -7.02 -66.60 -6.75
N TYR C 308 -7.03 -65.44 -6.09
CA TYR C 308 -8.18 -65.08 -5.27
C TYR C 308 -9.36 -64.68 -6.14
N GLU C 309 -9.10 -64.13 -7.32
CA GLU C 309 -10.19 -63.67 -8.19
C GLU C 309 -10.90 -64.84 -8.86
N GLU C 310 -10.19 -65.95 -9.06
CA GLU C 310 -10.80 -67.14 -9.62
C GLU C 310 -11.79 -67.79 -8.66
N GLU C 311 -11.69 -67.50 -7.36
CA GLU C 311 -12.73 -67.87 -6.41
C GLU C 311 -13.83 -66.82 -6.36
N LEU C 312 -13.46 -65.55 -6.44
CA LEU C 312 -14.42 -64.45 -6.43
C LEU C 312 -15.31 -64.46 -7.67
N ALA C 313 -14.83 -64.99 -8.78
CA ALA C 313 -15.54 -64.86 -10.05
C ALA C 313 -16.85 -65.63 -10.12
N LYS C 314 -17.13 -66.53 -9.19
CA LYS C 314 -18.42 -67.20 -9.18
C LYS C 314 -19.49 -66.44 -8.41
N ASP C 315 -19.18 -65.25 -7.93
CA ASP C 315 -20.19 -64.39 -7.32
C ASP C 315 -20.87 -63.61 -8.42
N PRO C 316 -22.19 -63.70 -8.57
CA PRO C 316 -22.87 -62.94 -9.62
C PRO C 316 -22.65 -61.43 -9.54
N ARG C 317 -22.45 -60.87 -8.34
CA ARG C 317 -22.20 -59.44 -8.24
C ARG C 317 -20.86 -59.06 -8.86
N ILE C 318 -19.83 -59.87 -8.65
CA ILE C 318 -18.54 -59.57 -9.29
C ILE C 318 -18.61 -59.84 -10.78
N ALA C 319 -19.40 -60.83 -11.20
CA ALA C 319 -19.63 -61.03 -12.63
C ALA C 319 -20.26 -59.78 -13.24
N ALA C 320 -21.24 -59.19 -12.54
CA ALA C 320 -21.84 -57.94 -13.02
C ALA C 320 -20.83 -56.81 -13.00
N THR C 321 -20.04 -56.70 -11.93
CA THR C 321 -18.99 -55.68 -11.87
C THR C 321 -18.01 -55.85 -13.03
N MET C 322 -17.60 -57.09 -13.29
CA MET C 322 -16.79 -57.38 -14.47
C MET C 322 -17.47 -56.87 -15.74
N GLU C 323 -18.77 -57.15 -15.88
CA GLU C 323 -19.47 -56.85 -17.13
C GLU C 323 -19.58 -55.34 -17.34
N ASN C 324 -19.93 -54.59 -16.30
CA ASN C 324 -19.92 -53.13 -16.40
C ASN C 324 -18.51 -52.60 -16.67
N ALA C 325 -17.49 -53.26 -16.11
CA ALA C 325 -16.11 -52.83 -16.31
C ALA C 325 -15.69 -52.92 -17.77
N GLN C 326 -16.14 -53.97 -18.47
CA GLN C 326 -15.75 -54.14 -19.87
C GLN C 326 -16.46 -53.13 -20.77
N LYS C 327 -17.74 -52.84 -20.48
CA LYS C 327 -18.46 -51.83 -21.24
C LYS C 327 -17.85 -50.44 -21.08
N GLY C 328 -17.18 -50.20 -19.95
CA GLY C 328 -16.47 -48.96 -19.73
C GLY C 328 -15.05 -49.03 -20.24
N GLU C 329 -14.24 -48.10 -19.76
CA GLU C 329 -12.87 -47.96 -20.21
C GLU C 329 -11.95 -47.86 -19.00
N ILE C 330 -10.73 -48.37 -19.14
CA ILE C 330 -9.73 -48.18 -18.09
C ILE C 330 -9.35 -46.70 -18.06
N MET C 331 -9.22 -46.14 -16.86
CA MET C 331 -8.85 -44.74 -16.76
C MET C 331 -7.42 -44.54 -17.23
N PRO C 332 -7.13 -43.44 -17.91
CA PRO C 332 -5.74 -43.05 -18.12
C PRO C 332 -5.09 -42.71 -16.79
N ASN C 333 -3.78 -42.94 -16.72
CA ASN C 333 -3.01 -42.54 -15.55
C ASN C 333 -2.16 -41.31 -15.83
N ILE C 334 -2.39 -40.63 -16.94
CA ILE C 334 -1.56 -39.50 -17.35
C ILE C 334 -1.78 -38.36 -16.37
N PRO C 335 -0.81 -37.47 -16.18
CA PRO C 335 -0.97 -36.39 -15.19
C PRO C 335 -2.17 -35.50 -15.43
N GLN C 336 -2.61 -35.37 -16.68
CA GLN C 336 -3.74 -34.50 -16.98
C GLN C 336 -5.06 -35.02 -16.43
N MET C 337 -5.10 -36.25 -15.90
CA MET C 337 -6.32 -36.75 -15.30
C MET C 337 -6.75 -35.93 -14.09
N SER C 338 -5.78 -35.37 -13.37
CA SER C 338 -6.12 -34.49 -12.25
C SER C 338 -6.91 -33.28 -12.72
N ALA C 339 -6.47 -32.65 -13.80
CA ALA C 339 -7.20 -31.53 -14.38
C ALA C 339 -8.57 -31.97 -14.89
N PHE C 340 -8.64 -33.16 -15.50
CA PHE C 340 -9.88 -33.64 -16.10
C PHE C 340 -11.00 -33.73 -15.07
N TRP C 341 -10.71 -34.29 -13.89
CA TRP C 341 -11.77 -34.51 -12.91
C TRP C 341 -12.34 -33.20 -12.37
N TYR C 342 -11.48 -32.21 -12.08
CA TYR C 342 -11.99 -30.95 -11.51
C TYR C 342 -12.82 -30.18 -12.52
N ALA C 343 -12.41 -30.19 -13.78
CA ALA C 343 -13.21 -29.54 -14.80
C ALA C 343 -14.58 -30.19 -14.94
N VAL C 344 -14.61 -31.52 -14.95
CA VAL C 344 -15.88 -32.23 -15.07
C VAL C 344 -16.67 -32.14 -13.77
N ARG C 345 -16.00 -32.16 -12.63
CA ARG C 345 -16.70 -31.99 -11.36
C ARG C 345 -17.45 -30.67 -11.33
N THR C 346 -16.77 -29.59 -11.73
CA THR C 346 -17.43 -28.28 -11.77
C THR C 346 -18.56 -28.24 -12.79
N ALA C 347 -18.35 -28.82 -13.97
CA ALA C 347 -19.32 -28.68 -15.04
C ALA C 347 -20.67 -29.27 -14.67
N VAL C 348 -20.68 -30.52 -14.18
CA VAL C 348 -21.96 -31.14 -13.84
C VAL C 348 -22.54 -30.53 -12.58
N ILE C 349 -21.70 -30.08 -11.65
CA ILE C 349 -22.24 -29.40 -10.46
C ILE C 349 -22.94 -28.11 -10.87
N ASN C 350 -22.32 -27.35 -11.78
CA ASN C 350 -22.94 -26.11 -12.22
C ASN C 350 -24.18 -26.37 -13.05
N ALA C 351 -24.13 -27.38 -13.93
CA ALA C 351 -25.30 -27.73 -14.72
C ALA C 351 -26.42 -28.28 -13.85
N ALA C 352 -26.09 -29.12 -12.87
CA ALA C 352 -27.12 -29.70 -12.01
C ALA C 352 -27.76 -28.65 -11.12
N SER C 353 -26.98 -27.67 -10.66
CA SER C 353 -27.51 -26.62 -9.81
C SER C 353 -28.10 -25.45 -10.58
N GLY C 354 -27.88 -25.37 -11.89
CA GLY C 354 -28.52 -24.33 -12.68
C GLY C 354 -27.72 -23.06 -12.87
N ARG C 355 -26.47 -22.99 -12.39
CA ARG C 355 -25.72 -21.74 -12.49
C ARG C 355 -25.26 -21.46 -13.91
N GLN C 356 -25.06 -22.48 -14.72
CA GLN C 356 -24.82 -22.31 -16.14
C GLN C 356 -25.49 -23.46 -16.87
N THR C 357 -25.65 -23.31 -18.18
CA THR C 357 -26.22 -24.39 -18.96
C THR C 357 -25.21 -25.50 -19.16
N VAL C 358 -25.72 -26.67 -19.55
CA VAL C 358 -24.86 -27.80 -19.88
C VAL C 358 -23.89 -27.41 -20.99
N ASP C 359 -24.35 -26.60 -21.95
CA ASP C 359 -23.48 -26.20 -23.05
C ASP C 359 -22.41 -25.24 -22.58
N GLU C 360 -22.75 -24.33 -21.67
CA GLU C 360 -21.74 -23.44 -21.11
C GLU C 360 -20.81 -24.19 -20.16
N ALA C 361 -21.37 -25.12 -19.39
CA ALA C 361 -20.57 -25.83 -18.39
C ALA C 361 -19.51 -26.70 -19.03
N LEU C 362 -19.88 -27.45 -20.07
CA LEU C 362 -18.91 -28.34 -20.69
C LEU C 362 -17.90 -27.59 -21.55
N LYS C 363 -18.27 -26.43 -22.10
CA LYS C 363 -17.31 -25.62 -22.83
C LYS C 363 -16.21 -25.14 -21.90
N ASP C 364 -16.58 -24.63 -20.73
CA ASP C 364 -15.58 -24.20 -19.75
C ASP C 364 -14.79 -25.40 -19.24
N ALA C 365 -15.46 -26.54 -19.05
CA ALA C 365 -14.76 -27.77 -18.69
C ALA C 365 -13.72 -28.13 -19.76
N GLN C 366 -14.07 -27.98 -21.04
CA GLN C 366 -13.12 -28.31 -22.09
C GLN C 366 -11.98 -27.32 -22.11
N THR C 367 -12.27 -26.05 -21.84
CA THR C 367 -11.24 -25.02 -21.83
C THR C 367 -10.27 -25.21 -20.67
N ARG C 368 -10.80 -25.48 -19.48
CA ARG C 368 -9.96 -25.68 -18.31
C ARG C 368 -8.90 -26.76 -18.54
N ILE C 369 -9.29 -27.88 -19.16
CA ILE C 369 -8.38 -29.01 -19.26
C ILE C 369 -7.27 -28.72 -20.26
N THR C 370 -7.61 -28.17 -21.42
CA THR C 370 -6.63 -27.96 -22.47
C THR C 370 -5.61 -26.88 -22.13
N VAL C 371 -5.86 -26.07 -21.10
CA VAL C 371 -4.89 -25.09 -20.62
C VAL C 371 -4.09 -25.60 -19.41
N SER C 372 -4.53 -26.67 -18.77
CA SER C 372 -3.82 -27.17 -17.59
C SER C 372 -2.36 -27.53 -17.83
N PRO C 373 -1.92 -28.01 -19.00
CA PRO C 373 -0.46 -28.18 -19.20
C PRO C 373 0.32 -26.89 -19.03
N PHE C 374 -0.24 -25.76 -19.46
CA PHE C 374 0.30 -24.47 -19.06
C PHE C 374 0.30 -24.37 -17.54
N GLY C 375 1.11 -23.47 -17.02
CA GLY C 375 1.23 -23.37 -15.57
C GLY C 375 -0.08 -23.01 -14.91
N GLY C 376 -0.14 -23.27 -13.61
CA GLY C 376 -1.29 -22.84 -12.86
C GLY C 376 -1.36 -21.35 -12.66
N LEU C 377 -0.36 -20.64 -13.18
CA LEU C 377 -0.22 -19.20 -13.03
C LEU C 377 0.14 -18.60 -14.38
N LYS C 378 -0.59 -17.57 -14.76
CA LYS C 378 -0.43 -16.94 -16.06
C LYS C 378 0.82 -16.06 -16.10
N ARG C 379 1.15 -15.43 -14.97
CA ARG C 379 2.05 -14.29 -14.86
C ARG C 379 2.29 -14.10 -13.37
N LEU C 380 3.14 -13.12 -12.98
CA LEU C 380 2.84 -12.82 -11.58
C LEU C 380 1.64 -11.91 -11.49
N PRO C 381 0.84 -12.10 -10.44
CA PRO C 381 -0.29 -11.20 -10.19
C PRO C 381 0.14 -9.75 -10.33
N ALA C 382 -0.76 -8.93 -10.86
CA ALA C 382 -0.45 -7.52 -11.04
C ALA C 382 -0.01 -6.90 -9.72
N GLY C 383 1.09 -6.16 -9.77
CA GLY C 383 1.57 -5.47 -8.60
C GLY C 383 2.27 -6.33 -7.56
N LEU C 384 2.54 -7.60 -7.85
CA LEU C 384 3.22 -8.43 -6.85
C LEU C 384 4.65 -7.97 -6.62
N LEU C 385 5.37 -7.65 -7.69
CA LEU C 385 6.74 -7.17 -7.55
C LEU C 385 6.83 -5.75 -7.00
N LEU C 386 5.70 -5.09 -6.75
CA LEU C 386 5.67 -3.80 -6.08
C LEU C 386 5.04 -3.87 -4.70
N GLY C 387 4.89 -5.07 -4.15
CA GLY C 387 4.44 -5.22 -2.78
C GLY C 387 2.96 -5.46 -2.60
N HIS C 388 2.19 -5.49 -3.68
CA HIS C 388 0.75 -5.70 -3.59
C HIS C 388 0.46 -7.19 -3.73
N GLY C 389 -0.29 -7.73 -2.77
CA GLY C 389 -0.65 -9.12 -2.81
C GLY C 389 -0.70 -9.73 -1.42
N PRO C 390 -1.18 -10.97 -1.32
CA PRO C 390 -1.18 -11.64 -0.01
C PRO C 390 0.24 -11.74 0.53
N ILE C 391 0.33 -11.73 1.87
CA ILE C 391 1.63 -11.58 2.54
C ILE C 391 2.57 -12.73 2.20
N ARG C 392 2.04 -13.95 2.12
CA ARG C 392 2.92 -15.09 1.89
C ARG C 392 3.53 -15.05 0.50
N MET C 393 2.74 -14.65 -0.50
CA MET C 393 3.29 -14.56 -1.85
C MET C 393 4.28 -13.42 -1.97
N VAL C 394 4.10 -12.35 -1.19
CA VAL C 394 5.01 -11.22 -1.23
C VAL C 394 6.35 -11.58 -0.58
N LEU C 395 6.31 -12.33 0.52
CA LEU C 395 7.56 -12.83 1.08
C LEU C 395 8.13 -13.94 0.20
N ALA C 396 7.28 -14.74 -0.44
CA ALA C 396 7.76 -15.73 -1.40
C ALA C 396 8.49 -15.06 -2.56
N ILE C 397 7.93 -13.95 -3.08
CA ILE C 397 8.58 -13.26 -4.20
C ILE C 397 9.86 -12.59 -3.76
N LEU C 398 9.96 -12.13 -2.52
CA LEU C 398 11.22 -11.61 -1.99
C LEU C 398 12.27 -12.70 -1.87
N ALA C 399 11.87 -13.86 -1.37
CA ALA C 399 12.79 -14.99 -1.34
C ALA C 399 13.28 -15.33 -2.74
N PHE C 400 12.40 -15.27 -3.73
CA PHE C 400 12.80 -15.54 -5.10
C PHE C 400 13.85 -14.53 -5.57
N LEU C 401 13.65 -13.24 -5.26
CA LEU C 401 14.60 -12.23 -5.68
C LEU C 401 15.92 -12.34 -4.92
N ARG C 402 15.88 -12.84 -3.68
CA ARG C 402 17.12 -13.08 -2.95
C ARG C 402 17.86 -14.28 -3.52
N PHE C 403 17.13 -15.34 -3.88
CA PHE C 403 17.76 -16.50 -4.49
C PHE C 403 18.51 -16.14 -5.76
N THR C 404 17.95 -15.26 -6.57
CA THR C 404 18.48 -14.93 -7.88
C THR C 404 19.37 -13.69 -7.88
N ALA C 405 19.57 -13.05 -6.72
CA ALA C 405 20.36 -11.83 -6.60
C ALA C 405 19.82 -10.73 -7.52
N ILE C 406 18.54 -10.44 -7.36
CA ILE C 406 17.86 -9.35 -8.07
C ILE C 406 17.38 -8.35 -7.03
N LYS C 407 17.65 -7.08 -7.26
CA LYS C 407 17.33 -6.06 -6.26
C LYS C 407 15.82 -5.87 -6.21
N PRO C 408 15.18 -6.06 -5.06
CA PRO C 408 13.72 -5.94 -4.99
C PRO C 408 13.28 -4.48 -5.12
N SER C 409 12.02 -4.33 -5.49
CA SER C 409 11.41 -3.02 -5.64
C SER C 409 11.30 -2.33 -4.29
N LEU C 410 11.03 -1.02 -4.34
CA LEU C 410 10.88 -0.26 -3.11
C LEU C 410 9.58 -0.61 -2.41
N GLY C 411 8.56 -1.00 -3.17
CA GLY C 411 7.32 -1.50 -2.58
C GLY C 411 7.50 -2.80 -1.82
N LEU C 412 8.26 -3.74 -2.40
CA LEU C 412 8.53 -5.00 -1.71
C LEU C 412 9.27 -4.76 -0.40
N ILE C 413 10.22 -3.83 -0.41
CA ILE C 413 10.99 -3.51 0.78
C ILE C 413 10.07 -2.95 1.86
N ASN C 414 9.00 -2.26 1.45
CA ASN C 414 8.08 -1.67 2.43
C ASN C 414 7.21 -2.74 3.09
N ARG C 415 6.77 -3.75 2.34
CA ARG C 415 6.11 -4.89 2.96
C ARG C 415 7.07 -5.64 3.87
N TRP C 416 8.33 -5.79 3.43
CA TRP C 416 9.33 -6.49 4.22
C TRP C 416 9.60 -5.79 5.56
N GLY C 417 9.50 -4.46 5.59
CA GLY C 417 9.73 -3.74 6.83
C GLY C 417 8.54 -3.68 7.75
N SER C 418 7.33 -3.87 7.22
CA SER C 418 6.10 -3.65 7.99
C SER C 418 5.43 -4.93 8.48
N VAL C 419 5.84 -6.10 7.99
CA VAL C 419 5.16 -7.34 8.38
C VAL C 419 5.43 -7.64 9.84
N GLY C 420 4.48 -8.31 10.48
CA GLY C 420 4.65 -8.70 11.87
C GLY C 420 5.78 -9.69 12.02
N LYS C 421 6.57 -9.50 13.09
CA LYS C 421 7.75 -10.32 13.31
C LYS C 421 7.38 -11.81 13.40
N LYS C 422 6.38 -12.13 14.22
CA LYS C 422 6.05 -13.53 14.47
C LYS C 422 5.40 -14.18 13.26
N GLU C 423 4.58 -13.44 12.52
CA GLU C 423 3.93 -14.01 11.35
C GLU C 423 4.94 -14.31 10.25
N ALA C 424 5.88 -13.39 10.02
CA ALA C 424 6.86 -13.60 8.95
C ALA C 424 7.74 -14.80 9.25
N MET C 425 8.11 -14.99 10.52
CA MET C 425 8.96 -16.13 10.85
C MET C 425 8.23 -17.44 10.61
N GLU C 426 6.93 -17.48 10.92
CA GLU C 426 6.15 -18.69 10.65
C GLU C 426 6.10 -18.99 9.16
N ILE C 427 5.97 -17.94 8.33
CA ILE C 427 5.88 -18.16 6.88
C ILE C 427 7.19 -18.67 6.33
N ILE C 428 8.31 -18.12 6.79
CA ILE C 428 9.60 -18.52 6.24
C ILE C 428 10.06 -19.85 6.80
N LYS C 429 9.66 -20.21 8.03
CA LYS C 429 9.95 -21.56 8.51
C LYS C 429 9.20 -22.61 7.70
N LYS C 430 8.07 -22.22 7.09
CA LYS C 430 7.43 -23.10 6.13
C LYS C 430 8.25 -23.20 4.85
N PHE C 431 8.83 -22.09 4.40
CA PHE C 431 9.66 -22.11 3.21
C PHE C 431 10.87 -23.03 3.39
N LYS C 432 11.50 -22.96 4.57
CA LYS C 432 12.60 -23.86 4.87
C LYS C 432 12.14 -25.31 4.80
N LYS C 433 10.98 -25.58 5.39
CA LYS C 433 10.39 -26.91 5.36
C LYS C 433 10.08 -27.38 3.95
N ASP C 434 9.76 -26.44 3.04
CA ASP C 434 9.42 -26.80 1.68
C ASP C 434 10.67 -27.16 0.87
N LEU C 435 11.74 -26.37 1.02
CA LEU C 435 12.98 -26.72 0.32
C LEU C 435 13.54 -28.03 0.84
N ALA C 436 13.39 -28.29 2.14
CA ALA C 436 13.74 -29.60 2.68
C ALA C 436 12.98 -30.71 1.97
N ALA C 437 11.69 -30.48 1.68
CA ALA C 437 10.92 -31.46 0.92
C ALA C 437 11.45 -31.59 -0.49
N MET C 438 11.73 -30.46 -1.14
CA MET C 438 12.33 -30.49 -2.48
C MET C 438 13.64 -31.27 -2.47
N LEU C 439 14.44 -31.12 -1.41
CA LEU C 439 15.73 -31.80 -1.33
C LEU C 439 15.54 -33.31 -1.29
N ARG C 440 14.60 -33.80 -0.49
CA ARG C 440 14.38 -35.24 -0.40
C ARG C 440 13.81 -35.81 -1.69
N ILE C 441 12.90 -35.08 -2.35
CA ILE C 441 12.35 -35.55 -3.61
C ILE C 441 13.45 -35.75 -4.64
N ILE C 442 14.34 -34.77 -4.77
CA ILE C 442 15.40 -34.88 -5.76
C ILE C 442 16.41 -35.94 -5.36
N ASN C 443 16.73 -36.04 -4.07
CA ASN C 443 17.70 -37.01 -3.59
C ASN C 443 17.19 -38.44 -3.70
N ALA C 444 15.89 -38.63 -3.91
CA ALA C 444 15.29 -39.95 -4.01
C ALA C 444 15.44 -40.60 -5.38
N ARG C 445 16.03 -39.91 -6.37
CA ARG C 445 16.16 -40.51 -7.69
C ARG C 445 17.32 -41.50 -7.74
N GLY D 6 -38.22 1.83 16.21
CA GLY D 6 -37.95 1.02 15.04
C GLY D 6 -38.84 1.33 13.86
N LYS D 7 -38.26 1.34 12.67
CA LYS D 7 -38.99 1.62 11.44
C LYS D 7 -38.19 1.14 10.24
N LEU D 8 -38.86 0.96 9.11
CA LEU D 8 -38.16 0.52 7.90
C LEU D 8 -38.47 1.49 6.78
N VAL D 9 -37.44 1.93 6.07
CA VAL D 9 -37.58 2.76 4.89
C VAL D 9 -36.97 1.99 3.72
N ILE D 10 -37.77 1.76 2.68
CA ILE D 10 -37.38 0.93 1.55
C ILE D 10 -37.30 1.78 0.30
N TRP D 11 -36.25 1.56 -0.50
CA TRP D 11 -36.07 2.21 -1.79
C TRP D 11 -36.12 1.15 -2.89
N ILE D 12 -36.92 1.41 -3.93
CA ILE D 12 -37.06 0.49 -5.05
C ILE D 12 -37.31 1.31 -6.30
N ASN D 13 -36.91 0.76 -7.44
CA ASN D 13 -37.02 1.49 -8.70
C ASN D 13 -38.48 1.70 -9.10
N GLY D 14 -38.74 2.79 -9.82
CA GLY D 14 -40.10 3.18 -10.14
C GLY D 14 -40.79 2.28 -11.13
N ASP D 15 -40.05 1.49 -11.91
CA ASP D 15 -40.66 0.58 -12.88
C ASP D 15 -40.99 -0.77 -12.28
N LYS D 16 -40.65 -1.01 -11.02
CA LYS D 16 -41.00 -2.24 -10.33
C LYS D 16 -42.27 -2.04 -9.51
N GLY D 17 -42.82 -3.15 -9.05
CA GLY D 17 -44.09 -3.12 -8.33
C GLY D 17 -44.00 -2.60 -6.91
N TYR D 18 -43.73 -1.30 -6.75
CA TYR D 18 -43.54 -0.75 -5.42
C TYR D 18 -44.84 -0.67 -4.63
N ASN D 19 -45.99 -0.63 -5.29
CA ASN D 19 -47.25 -0.67 -4.56
C ASN D 19 -47.49 -2.05 -3.96
N GLY D 20 -47.18 -3.10 -4.72
CA GLY D 20 -47.27 -4.45 -4.17
C GLY D 20 -46.35 -4.65 -2.99
N LEU D 21 -45.13 -4.11 -3.07
CA LEU D 21 -44.20 -4.18 -1.94
C LEU D 21 -44.74 -3.43 -0.73
N ALA D 22 -45.42 -2.30 -0.96
CA ALA D 22 -46.02 -1.57 0.15
C ALA D 22 -47.08 -2.39 0.85
N GLU D 23 -47.72 -3.33 0.15
CA GLU D 23 -48.73 -4.17 0.79
C GLU D 23 -48.12 -5.20 1.74
N VAL D 24 -46.97 -5.78 1.37
CA VAL D 24 -46.29 -6.67 2.30
C VAL D 24 -45.75 -5.86 3.48
N GLY D 25 -45.36 -4.61 3.25
CA GLY D 25 -44.95 -3.76 4.36
C GLY D 25 -46.08 -3.47 5.32
N LYS D 26 -47.28 -3.23 4.79
CA LYS D 26 -48.43 -3.02 5.67
C LYS D 26 -48.89 -4.32 6.31
N LYS D 27 -48.64 -5.46 5.66
CA LYS D 27 -48.75 -6.74 6.33
C LYS D 27 -47.77 -6.86 7.49
N PHE D 28 -46.53 -6.43 7.27
CA PHE D 28 -45.53 -6.45 8.33
C PHE D 28 -45.96 -5.58 9.51
N GLU D 29 -46.47 -4.38 9.23
CA GLU D 29 -46.86 -3.47 10.29
C GLU D 29 -48.01 -4.01 11.13
N LYS D 30 -49.01 -4.62 10.50
CA LYS D 30 -50.12 -5.21 11.26
C LYS D 30 -49.61 -6.26 12.24
N ASP D 31 -48.61 -7.05 11.81
CA ASP D 31 -48.07 -8.11 12.63
C ASP D 31 -47.08 -7.60 13.68
N THR D 32 -46.43 -6.46 13.45
CA THR D 32 -45.33 -6.02 14.30
C THR D 32 -45.50 -4.64 14.89
N GLY D 33 -46.37 -3.79 14.33
CA GLY D 33 -46.41 -2.41 14.76
C GLY D 33 -45.28 -1.56 14.25
N ILE D 34 -44.43 -2.09 13.38
CA ILE D 34 -43.31 -1.35 12.83
C ILE D 34 -43.73 -0.71 11.51
N LYS D 35 -43.55 0.61 11.41
CA LYS D 35 -43.88 1.32 10.18
C LYS D 35 -42.93 0.93 9.06
N VAL D 36 -43.46 0.82 7.85
CA VAL D 36 -42.68 0.52 6.65
C VAL D 36 -43.04 1.53 5.58
N THR D 37 -42.02 2.17 4.99
CA THR D 37 -42.21 3.18 3.96
C THR D 37 -41.38 2.81 2.73
N VAL D 38 -42.05 2.63 1.59
CA VAL D 38 -41.37 2.32 0.34
C VAL D 38 -41.38 3.58 -0.54
N GLU D 39 -40.21 3.93 -1.07
CA GLU D 39 -40.07 5.10 -1.92
C GLU D 39 -39.38 4.69 -3.21
N HIS D 40 -39.67 5.44 -4.28
CA HIS D 40 -39.08 5.18 -5.59
C HIS D 40 -38.45 6.47 -6.11
N PRO D 41 -37.34 6.88 -5.51
CA PRO D 41 -36.64 8.07 -6.03
C PRO D 41 -35.91 7.74 -7.31
N ASP D 42 -35.72 8.75 -8.14
CA ASP D 42 -34.97 8.60 -9.37
C ASP D 42 -33.48 8.59 -9.08
N LYS D 43 -32.75 7.82 -9.87
CA LYS D 43 -31.31 7.66 -9.69
C LYS D 43 -30.98 7.23 -8.27
N LEU D 44 -31.80 6.32 -7.73
CA LEU D 44 -31.61 5.87 -6.36
C LEU D 44 -30.33 5.06 -6.21
N GLU D 45 -29.91 4.37 -7.28
CA GLU D 45 -28.66 3.62 -7.22
C GLU D 45 -27.46 4.56 -7.11
N GLU D 46 -27.60 5.78 -7.61
CA GLU D 46 -26.56 6.79 -7.46
C GLU D 46 -26.66 7.50 -6.11
N LYS D 47 -27.89 7.67 -5.62
CA LYS D 47 -28.09 8.40 -4.37
C LYS D 47 -27.63 7.61 -3.15
N PHE D 48 -27.73 6.28 -3.21
CA PHE D 48 -27.46 5.46 -2.02
C PHE D 48 -26.08 5.70 -1.43
N PRO D 49 -24.98 5.63 -2.19
CA PRO D 49 -23.66 5.89 -1.58
C PRO D 49 -23.56 7.28 -0.97
N GLN D 50 -24.36 8.23 -1.44
CA GLN D 50 -24.36 9.57 -0.88
C GLN D 50 -25.14 9.67 0.42
N VAL D 51 -26.10 8.78 0.67
CA VAL D 51 -26.95 8.87 1.84
C VAL D 51 -26.73 7.74 2.83
N ALA D 52 -25.92 6.74 2.49
CA ALA D 52 -25.66 5.63 3.41
C ALA D 52 -24.99 6.14 4.68
N ALA D 53 -25.47 5.63 5.81
CA ALA D 53 -24.96 5.96 7.14
C ALA D 53 -25.18 7.43 7.51
N THR D 54 -26.15 8.09 6.89
CA THR D 54 -26.47 9.47 7.22
C THR D 54 -27.80 9.64 7.91
N GLY D 55 -28.62 8.60 7.99
CA GLY D 55 -29.97 8.74 8.48
C GLY D 55 -30.94 9.32 7.48
N ASP D 56 -30.46 9.75 6.31
CA ASP D 56 -31.28 10.25 5.23
C ASP D 56 -31.55 9.21 4.16
N GLY D 57 -31.06 7.98 4.35
CA GLY D 57 -31.21 6.95 3.34
C GLY D 57 -32.13 5.84 3.80
N PRO D 58 -32.26 4.81 2.98
CA PRO D 58 -33.12 3.68 3.32
C PRO D 58 -32.42 2.66 4.19
N ASP D 59 -33.22 1.88 4.90
CA ASP D 59 -32.70 0.68 5.54
C ASP D 59 -32.52 -0.45 4.53
N ILE D 60 -33.33 -0.46 3.47
CA ILE D 60 -33.29 -1.50 2.46
C ILE D 60 -33.32 -0.85 1.08
N ILE D 61 -32.42 -1.27 0.20
CA ILE D 61 -32.31 -0.75 -1.16
C ILE D 61 -32.52 -1.89 -2.14
N PHE D 62 -33.39 -1.67 -3.12
CA PHE D 62 -33.69 -2.64 -4.16
C PHE D 62 -33.11 -2.17 -5.49
N TRP D 63 -32.20 -2.97 -6.05
CA TRP D 63 -31.65 -2.70 -7.37
C TRP D 63 -31.12 -4.01 -7.92
N ALA D 64 -30.78 -3.99 -9.22
CA ALA D 64 -30.09 -5.12 -9.81
C ALA D 64 -28.75 -5.34 -9.11
N HIS D 65 -28.32 -6.60 -9.08
CA HIS D 65 -27.16 -6.99 -8.28
C HIS D 65 -25.87 -6.31 -8.72
N ASP D 66 -25.82 -5.79 -9.95
CA ASP D 66 -24.56 -5.32 -10.50
C ASP D 66 -24.00 -4.12 -9.74
N ARG D 67 -24.86 -3.34 -9.09
CA ARG D 67 -24.40 -2.15 -8.38
C ARG D 67 -23.91 -2.42 -6.97
N PHE D 68 -24.20 -3.59 -6.41
CA PHE D 68 -23.97 -3.84 -4.99
C PHE D 68 -22.50 -4.07 -4.66
N GLY D 69 -21.69 -4.51 -5.60
CA GLY D 69 -20.28 -4.71 -5.32
C GLY D 69 -19.56 -3.41 -5.02
N GLY D 70 -19.91 -2.34 -5.74
CA GLY D 70 -19.36 -1.03 -5.43
C GLY D 70 -19.77 -0.55 -4.05
N TYR D 71 -21.03 -0.78 -3.67
CA TYR D 71 -21.47 -0.44 -2.33
C TYR D 71 -20.67 -1.20 -1.28
N ALA D 72 -20.44 -2.49 -1.52
CA ALA D 72 -19.74 -3.32 -0.55
C ALA D 72 -18.28 -2.91 -0.40
N GLN D 73 -17.61 -2.58 -1.51
CA GLN D 73 -16.21 -2.19 -1.44
C GLN D 73 -16.03 -0.90 -0.66
N SER D 74 -17.04 -0.06 -0.59
CA SER D 74 -17.02 1.13 0.26
C SER D 74 -17.51 0.83 1.67
N GLY D 75 -17.89 -0.42 1.96
CA GLY D 75 -18.32 -0.79 3.29
C GLY D 75 -19.69 -0.29 3.67
N LEU D 76 -20.59 -0.10 2.69
CA LEU D 76 -21.92 0.45 2.94
C LEU D 76 -23.00 -0.61 3.15
N LEU D 77 -22.77 -1.84 2.71
CA LEU D 77 -23.77 -2.88 2.81
C LEU D 77 -23.51 -3.78 4.02
N ALA D 78 -24.58 -4.10 4.76
CA ALA D 78 -24.49 -5.08 5.82
C ALA D 78 -24.38 -6.49 5.23
N GLU D 79 -23.51 -7.29 5.80
CA GLU D 79 -23.40 -8.68 5.40
C GLU D 79 -24.54 -9.48 6.01
N ILE D 80 -25.20 -10.26 5.19
CA ILE D 80 -26.39 -11.02 5.61
C ILE D 80 -25.95 -12.39 6.10
N THR D 81 -26.73 -12.95 7.02
CA THR D 81 -26.41 -14.20 7.70
C THR D 81 -27.64 -15.11 7.68
N PRO D 82 -27.96 -15.69 6.53
CA PRO D 82 -29.12 -16.58 6.45
C PRO D 82 -28.83 -18.00 6.92
N ASP D 83 -29.85 -18.58 7.52
CA ASP D 83 -29.83 -19.98 7.93
C ASP D 83 -29.74 -20.90 6.71
N LYS D 84 -29.11 -22.06 6.91
CA LYS D 84 -29.03 -23.07 5.86
C LYS D 84 -30.41 -23.39 5.31
N ALA D 85 -31.41 -23.48 6.18
CA ALA D 85 -32.77 -23.76 5.73
C ALA D 85 -33.28 -22.66 4.80
N PHE D 86 -33.08 -21.40 5.20
CA PHE D 86 -33.49 -20.31 4.32
C PHE D 86 -32.62 -20.26 3.07
N GLN D 87 -31.33 -20.55 3.20
CA GLN D 87 -30.42 -20.52 2.06
C GLN D 87 -30.90 -21.45 0.95
N ASP D 88 -31.46 -22.60 1.32
CA ASP D 88 -31.90 -23.58 0.34
C ASP D 88 -33.28 -23.25 -0.24
N LYS D 89 -33.96 -22.22 0.27
CA LYS D 89 -35.22 -21.81 -0.32
C LYS D 89 -35.04 -21.09 -1.65
N LEU D 90 -33.84 -20.62 -1.94
CA LEU D 90 -33.57 -19.86 -3.17
C LEU D 90 -32.58 -20.58 -4.05
N TYR D 91 -32.69 -20.29 -5.35
CA TYR D 91 -31.88 -20.95 -6.35
C TYR D 91 -30.41 -20.57 -6.19
N PRO D 92 -29.49 -21.55 -6.30
CA PRO D 92 -28.06 -21.25 -6.15
C PRO D 92 -27.56 -20.19 -7.11
N PHE D 93 -28.17 -20.08 -8.30
CA PHE D 93 -27.72 -19.11 -9.28
C PHE D 93 -27.97 -17.69 -8.81
N THR D 94 -29.06 -17.47 -8.07
CA THR D 94 -29.34 -16.15 -7.53
C THR D 94 -28.45 -15.80 -6.33
N TRP D 95 -28.06 -16.79 -5.52
CA TRP D 95 -27.16 -16.50 -4.41
C TRP D 95 -25.79 -16.05 -4.89
N ASP D 96 -25.31 -16.60 -6.00
CA ASP D 96 -24.00 -16.21 -6.52
C ASP D 96 -24.00 -14.77 -7.00
N ALA D 97 -25.16 -14.26 -7.45
CA ALA D 97 -25.22 -12.88 -7.92
C ALA D 97 -25.01 -11.88 -6.78
N VAL D 98 -25.32 -12.26 -5.56
CA VAL D 98 -25.20 -11.36 -4.41
C VAL D 98 -24.00 -11.72 -3.55
N ARG D 99 -23.09 -12.54 -4.07
CA ARG D 99 -21.85 -12.84 -3.38
C ARG D 99 -20.74 -11.96 -3.93
N TYR D 100 -19.96 -11.37 -3.02
CA TYR D 100 -18.84 -10.51 -3.39
C TYR D 100 -17.73 -10.73 -2.39
N ASN D 101 -16.58 -11.19 -2.88
CA ASN D 101 -15.45 -11.58 -2.03
C ASN D 101 -15.89 -12.50 -0.89
N GLY D 102 -16.48 -13.63 -1.27
CA GLY D 102 -16.87 -14.67 -0.36
C GLY D 102 -17.94 -14.33 0.65
N LYS D 103 -18.50 -13.13 0.58
CA LYS D 103 -19.54 -12.69 1.50
C LYS D 103 -20.81 -12.39 0.72
N LEU D 104 -21.96 -12.70 1.32
CA LEU D 104 -23.25 -12.33 0.77
C LEU D 104 -23.58 -10.92 1.24
N ILE D 105 -24.02 -10.06 0.31
CA ILE D 105 -24.20 -8.64 0.60
C ILE D 105 -25.61 -8.18 0.29
N ALA D 106 -26.52 -9.08 -0.05
CA ALA D 106 -27.90 -8.74 -0.33
C ALA D 106 -28.70 -10.03 -0.43
N TYR D 107 -30.02 -9.90 -0.38
CA TYR D 107 -30.91 -11.01 -0.67
C TYR D 107 -31.34 -10.96 -2.12
N PRO D 108 -31.13 -12.02 -2.90
CA PRO D 108 -31.62 -12.04 -4.28
C PRO D 108 -33.12 -12.26 -4.32
N ILE D 109 -33.80 -11.56 -5.22
CA ILE D 109 -35.25 -11.59 -5.32
C ILE D 109 -35.72 -12.28 -6.59
N ALA D 110 -35.32 -11.77 -7.76
CA ALA D 110 -35.84 -12.30 -9.01
C ALA D 110 -34.83 -12.08 -10.13
N VAL D 111 -34.92 -12.92 -11.16
CA VAL D 111 -34.08 -12.87 -12.34
C VAL D 111 -34.86 -12.18 -13.46
N GLU D 112 -34.33 -11.08 -13.98
CA GLU D 112 -34.95 -10.32 -15.03
C GLU D 112 -34.06 -10.31 -16.26
N ALA D 113 -34.67 -10.50 -17.44
CA ALA D 113 -33.95 -10.50 -18.69
C ALA D 113 -34.82 -9.90 -19.78
N LEU D 114 -34.21 -9.13 -20.67
CA LEU D 114 -34.95 -8.52 -21.76
C LEU D 114 -35.46 -9.58 -22.73
N SER D 115 -36.61 -9.28 -23.34
CA SER D 115 -37.20 -10.14 -24.35
C SER D 115 -37.88 -9.27 -25.40
N LEU D 116 -38.14 -9.88 -26.56
CA LEU D 116 -38.84 -9.18 -27.63
C LEU D 116 -40.34 -9.27 -27.40
N ILE D 117 -41.00 -8.12 -27.39
CA ILE D 117 -42.44 -8.04 -27.19
C ILE D 117 -43.04 -7.52 -28.48
N TYR D 118 -43.97 -8.29 -29.06
CA TYR D 118 -44.49 -7.98 -30.38
C TYR D 118 -46.01 -7.98 -30.35
N ASN D 119 -46.59 -7.12 -31.20
CA ASN D 119 -48.04 -7.00 -31.33
C ASN D 119 -48.54 -8.07 -32.29
N LYS D 120 -49.26 -9.06 -31.76
CA LYS D 120 -49.70 -10.20 -32.56
C LYS D 120 -50.62 -9.80 -33.70
N ASP D 121 -51.37 -8.71 -33.52
CA ASP D 121 -52.28 -8.26 -34.57
C ASP D 121 -51.54 -7.56 -35.70
N LEU D 122 -50.47 -6.84 -35.39
CA LEU D 122 -49.68 -6.16 -36.41
C LEU D 122 -48.61 -7.04 -37.00
N LEU D 123 -48.24 -8.11 -36.31
CA LEU D 123 -47.17 -8.95 -36.81
C LEU D 123 -47.29 -10.34 -36.18
N PRO D 124 -47.99 -11.26 -36.84
CA PRO D 124 -48.20 -12.59 -36.25
C PRO D 124 -46.95 -13.45 -36.23
N ASN D 125 -45.97 -13.13 -37.08
CA ASN D 125 -44.74 -13.90 -37.17
C ASN D 125 -43.59 -12.93 -36.99
N PRO D 126 -43.12 -12.75 -35.76
CA PRO D 126 -42.05 -11.79 -35.52
C PRO D 126 -40.79 -12.21 -36.20
N PRO D 127 -39.92 -11.28 -36.59
CA PRO D 127 -38.69 -11.62 -37.29
C PRO D 127 -37.72 -12.37 -36.39
N LYS D 128 -37.09 -13.41 -36.94
CA LYS D 128 -36.11 -14.17 -36.19
C LYS D 128 -34.73 -13.53 -36.21
N THR D 129 -34.47 -12.61 -37.13
CA THR D 129 -33.17 -11.97 -37.25
C THR D 129 -33.34 -10.45 -37.23
N TRP D 130 -32.29 -9.76 -36.77
CA TRP D 130 -32.30 -8.30 -36.79
C TRP D 130 -32.39 -7.75 -38.21
N GLU D 131 -31.71 -8.40 -39.16
CA GLU D 131 -31.63 -7.87 -40.52
C GLU D 131 -32.98 -7.87 -41.25
N GLU D 132 -33.97 -8.62 -40.75
CA GLU D 132 -35.30 -8.56 -41.37
C GLU D 132 -36.05 -7.27 -41.05
N ILE D 133 -35.57 -6.49 -40.09
CA ILE D 133 -36.34 -5.38 -39.54
C ILE D 133 -36.37 -4.17 -40.48
N PRO D 134 -35.26 -3.79 -41.14
CA PRO D 134 -35.37 -2.69 -42.12
C PRO D 134 -36.42 -2.94 -43.19
N ALA D 135 -36.40 -4.10 -43.84
CA ALA D 135 -37.45 -4.41 -44.81
C ALA D 135 -38.82 -4.48 -44.15
N LEU D 136 -38.87 -4.94 -42.89
CA LEU D 136 -40.13 -5.04 -42.18
C LEU D 136 -40.66 -3.68 -41.75
N ASP D 137 -39.78 -2.75 -41.41
CA ASP D 137 -40.24 -1.42 -41.03
C ASP D 137 -40.84 -0.69 -42.23
N LYS D 138 -40.14 -0.73 -43.37
CA LYS D 138 -40.68 -0.11 -44.59
C LYS D 138 -42.07 -0.62 -44.90
N GLU D 139 -42.34 -1.90 -44.63
CA GLU D 139 -43.63 -2.47 -44.97
C GLU D 139 -44.72 -1.99 -44.01
N LEU D 140 -44.41 -1.91 -42.72
CA LEU D 140 -45.39 -1.40 -41.77
C LEU D 140 -45.55 0.11 -41.85
N LYS D 141 -44.50 0.83 -42.24
CA LYS D 141 -44.63 2.28 -42.39
C LYS D 141 -45.62 2.64 -43.49
N ALA D 142 -45.76 1.79 -44.50
CA ALA D 142 -46.79 2.01 -45.51
C ALA D 142 -48.19 1.83 -44.95
N LYS D 143 -48.33 1.10 -43.86
CA LYS D 143 -49.62 0.87 -43.22
C LYS D 143 -49.84 1.76 -42.00
N GLY D 144 -49.01 2.79 -41.82
CA GLY D 144 -49.18 3.70 -40.72
C GLY D 144 -48.61 3.24 -39.39
N LYS D 145 -47.77 2.22 -39.39
CA LYS D 145 -47.20 1.64 -38.19
C LYS D 145 -45.67 1.74 -38.25
N SER D 146 -45.02 1.16 -37.25
CA SER D 146 -43.57 1.07 -37.21
C SER D 146 -43.19 -0.31 -36.71
N ALA D 147 -41.99 -0.76 -37.07
CA ALA D 147 -41.59 -2.12 -36.73
C ALA D 147 -41.18 -2.23 -35.27
N LEU D 148 -40.27 -1.37 -34.81
CA LEU D 148 -39.64 -1.58 -33.51
C LEU D 148 -39.37 -0.23 -32.87
N MET D 149 -39.67 -0.12 -31.58
CA MET D 149 -39.34 1.06 -30.79
C MET D 149 -38.93 0.60 -29.40
N PHE D 150 -37.74 1.02 -28.95
CA PHE D 150 -37.32 0.73 -27.59
C PHE D 150 -36.43 1.86 -27.08
N ASN D 151 -36.15 1.82 -25.79
CA ASN D 151 -35.41 2.88 -25.10
C ASN D 151 -33.94 2.85 -25.53
N LEU D 152 -33.55 3.76 -26.42
CA LEU D 152 -32.16 3.82 -26.88
C LEU D 152 -31.22 4.53 -25.93
N GLN D 153 -31.73 5.28 -24.96
CA GLN D 153 -30.86 6.13 -24.15
C GLN D 153 -30.37 5.45 -22.87
N GLU D 154 -30.76 4.21 -22.64
CA GLU D 154 -30.19 3.42 -21.55
C GLU D 154 -29.49 2.22 -22.18
N PRO D 155 -28.20 2.02 -21.91
CA PRO D 155 -27.45 0.96 -22.60
C PRO D 155 -27.90 -0.44 -22.26
N TYR D 156 -28.61 -0.64 -21.14
CA TYR D 156 -29.19 -1.93 -20.82
C TYR D 156 -30.00 -2.49 -22.00
N PHE D 157 -30.68 -1.62 -22.73
CA PHE D 157 -31.53 -2.06 -23.83
C PHE D 157 -30.75 -2.26 -25.14
N THR D 158 -29.68 -1.51 -25.34
CA THR D 158 -28.87 -1.62 -26.54
C THR D 158 -27.83 -2.72 -26.47
N TRP D 159 -27.46 -3.15 -25.26
CA TRP D 159 -26.36 -4.09 -25.11
C TRP D 159 -26.59 -5.47 -25.74
N PRO D 160 -27.80 -6.06 -25.73
CA PRO D 160 -27.93 -7.40 -26.31
C PRO D 160 -27.47 -7.52 -27.75
N LEU D 161 -27.68 -6.47 -28.56
CA LEU D 161 -27.22 -6.49 -29.94
C LEU D 161 -25.73 -6.20 -30.03
N ILE D 162 -25.21 -5.36 -29.15
CA ILE D 162 -23.79 -5.03 -29.16
C ILE D 162 -22.96 -6.25 -28.80
N ALA D 163 -23.38 -6.98 -27.76
CA ALA D 163 -22.65 -8.16 -27.34
C ALA D 163 -22.91 -9.37 -28.23
N ALA D 164 -23.90 -9.30 -29.12
CA ALA D 164 -24.32 -10.46 -29.90
C ALA D 164 -23.15 -11.07 -30.67
N ASP D 165 -22.39 -10.26 -31.39
CA ASP D 165 -21.32 -10.74 -32.24
C ASP D 165 -19.94 -10.57 -31.59
N GLY D 166 -19.89 -10.49 -30.26
CA GLY D 166 -18.61 -10.54 -29.56
C GLY D 166 -18.26 -9.40 -28.62
N GLY D 167 -19.12 -8.39 -28.53
CA GLY D 167 -18.91 -7.37 -27.51
C GLY D 167 -19.01 -7.94 -26.11
N TYR D 168 -18.18 -7.43 -25.21
CA TYR D 168 -18.22 -7.85 -23.81
C TYR D 168 -17.69 -6.73 -22.92
N ALA D 169 -18.04 -6.80 -21.64
CA ALA D 169 -17.59 -5.82 -20.67
C ALA D 169 -16.15 -6.07 -20.25
N PHE D 170 -15.96 -7.02 -19.34
CA PHE D 170 -14.64 -7.41 -18.86
C PHE D 170 -14.44 -8.89 -19.15
N LYS D 171 -13.26 -9.26 -19.65
CA LYS D 171 -13.02 -10.65 -19.96
C LYS D 171 -13.00 -11.48 -18.68
N TYR D 172 -13.66 -12.63 -18.74
CA TYR D 172 -13.87 -13.50 -17.58
C TYR D 172 -13.17 -14.83 -17.87
N GLU D 173 -11.99 -15.05 -17.28
CA GLU D 173 -11.21 -16.27 -17.47
C GLU D 173 -11.00 -16.98 -16.15
N ASN D 174 -11.44 -18.24 -16.09
CA ASN D 174 -11.19 -19.15 -14.96
C ASN D 174 -11.55 -18.48 -13.62
N GLY D 175 -12.80 -18.03 -13.54
CA GLY D 175 -13.37 -17.59 -12.30
C GLY D 175 -12.98 -16.22 -11.79
N LYS D 176 -12.38 -15.35 -12.61
CA LYS D 176 -12.11 -13.99 -12.19
C LYS D 176 -12.31 -13.04 -13.35
N TYR D 177 -12.63 -11.79 -13.03
CA TYR D 177 -12.78 -10.74 -14.02
C TYR D 177 -11.48 -9.97 -14.19
N ASP D 178 -11.13 -9.69 -15.44
CA ASP D 178 -9.93 -8.95 -15.81
C ASP D 178 -10.32 -7.49 -16.02
N ILE D 179 -10.00 -6.63 -15.06
CA ILE D 179 -10.47 -5.25 -15.11
C ILE D 179 -9.80 -4.44 -16.21
N LYS D 180 -8.73 -4.97 -16.82
CA LYS D 180 -8.00 -4.26 -17.85
C LYS D 180 -8.25 -4.78 -19.25
N ASP D 181 -8.82 -5.99 -19.39
CA ASP D 181 -9.24 -6.50 -20.69
C ASP D 181 -10.68 -6.07 -20.87
N VAL D 182 -10.87 -4.92 -21.52
CA VAL D 182 -12.19 -4.35 -21.76
C VAL D 182 -12.54 -4.57 -23.22
N GLY D 183 -13.71 -5.16 -23.47
CA GLY D 183 -14.07 -5.51 -24.83
C GLY D 183 -15.21 -4.73 -25.46
N VAL D 184 -15.39 -3.47 -25.09
CA VAL D 184 -16.43 -2.66 -25.70
C VAL D 184 -16.03 -2.12 -27.06
N ASP D 185 -14.78 -2.31 -27.46
CA ASP D 185 -14.24 -1.69 -28.67
C ASP D 185 -13.72 -2.71 -29.67
N ASN D 186 -14.16 -3.96 -29.58
CA ASN D 186 -13.71 -4.98 -30.50
C ASN D 186 -14.61 -5.02 -31.74
N ALA D 187 -14.32 -5.95 -32.64
CA ALA D 187 -15.00 -6.00 -33.93
C ALA D 187 -16.49 -6.27 -33.75
N GLY D 188 -16.85 -7.19 -32.86
CA GLY D 188 -18.25 -7.51 -32.68
C GLY D 188 -19.06 -6.35 -32.11
N ALA D 189 -18.48 -5.63 -31.16
CA ALA D 189 -19.15 -4.45 -30.63
C ALA D 189 -19.40 -3.41 -31.71
N LYS D 190 -18.36 -3.11 -32.50
CA LYS D 190 -18.53 -2.20 -33.62
C LYS D 190 -19.58 -2.70 -34.61
N ALA D 191 -19.64 -4.03 -34.82
CA ALA D 191 -20.60 -4.57 -35.78
C ALA D 191 -22.03 -4.31 -35.31
N GLY D 192 -22.30 -4.54 -34.03
CA GLY D 192 -23.64 -4.35 -33.52
C GLY D 192 -24.04 -2.89 -33.44
N LEU D 193 -23.14 -2.03 -32.98
CA LEU D 193 -23.49 -0.62 -32.83
C LEU D 193 -23.56 0.08 -34.19
N THR D 194 -22.79 -0.38 -35.18
CA THR D 194 -22.94 0.15 -36.53
C THR D 194 -24.31 -0.17 -37.09
N PHE D 195 -24.75 -1.42 -36.92
CA PHE D 195 -26.07 -1.82 -37.40
C PHE D 195 -27.16 -0.95 -36.78
N LEU D 196 -27.02 -0.63 -35.49
CA LEU D 196 -28.07 0.12 -34.81
C LEU D 196 -28.10 1.56 -35.29
N VAL D 197 -26.94 2.16 -35.57
CA VAL D 197 -26.91 3.53 -36.08
C VAL D 197 -27.45 3.58 -37.50
N ASP D 198 -27.14 2.55 -38.32
CA ASP D 198 -27.69 2.49 -39.67
C ASP D 198 -29.21 2.47 -39.66
N LEU D 199 -29.81 1.76 -38.70
CA LEU D 199 -31.27 1.79 -38.56
C LEU D 199 -31.77 3.20 -38.36
N ILE D 200 -31.03 4.01 -37.61
CA ILE D 200 -31.46 5.38 -37.33
C ILE D 200 -31.25 6.28 -38.55
N LYS D 201 -30.13 6.11 -39.25
CA LYS D 201 -29.89 6.90 -40.45
C LYS D 201 -30.92 6.60 -41.52
N ASN D 202 -31.29 5.34 -41.68
CA ASN D 202 -32.32 4.96 -42.63
C ASN D 202 -33.72 5.17 -42.10
N LYS D 203 -33.86 6.00 -41.07
CA LYS D 203 -35.16 6.42 -40.53
C LYS D 203 -36.04 5.23 -40.16
N HIS D 204 -35.41 4.14 -39.69
CA HIS D 204 -36.14 3.03 -39.11
C HIS D 204 -36.33 3.19 -37.60
N MET D 205 -35.54 4.06 -36.97
CA MET D 205 -35.70 4.39 -35.57
C MET D 205 -35.28 5.83 -35.35
N ASN D 206 -35.73 6.40 -34.22
CA ASN D 206 -35.37 7.76 -33.83
C ASN D 206 -34.38 7.69 -32.68
N ALA D 207 -33.27 8.42 -32.80
CA ALA D 207 -32.22 8.38 -31.79
C ALA D 207 -32.67 8.94 -30.44
N ASP D 208 -33.71 9.76 -30.41
CA ASP D 208 -34.14 10.39 -29.18
C ASP D 208 -35.14 9.55 -28.38
N THR D 209 -35.59 8.42 -28.91
CA THR D 209 -36.63 7.65 -28.26
C THR D 209 -36.17 7.15 -26.89
N ASP D 210 -37.06 7.28 -25.91
CA ASP D 210 -36.78 6.87 -24.54
C ASP D 210 -37.80 5.82 -24.09
N TYR D 211 -37.78 5.51 -22.79
CA TYR D 211 -38.63 4.46 -22.25
C TYR D 211 -40.12 4.80 -22.39
N SER D 212 -40.51 6.02 -22.01
CA SER D 212 -41.92 6.35 -22.03
C SER D 212 -42.47 6.42 -23.44
N ILE D 213 -41.71 6.97 -24.39
CA ILE D 213 -42.19 7.07 -25.77
C ILE D 213 -42.38 5.68 -26.35
N ALA D 214 -41.40 4.80 -26.15
CA ALA D 214 -41.49 3.44 -26.67
C ALA D 214 -42.67 2.68 -26.08
N GLU D 215 -42.82 2.74 -24.75
CA GLU D 215 -43.87 1.95 -24.10
C GLU D 215 -45.25 2.51 -24.41
N ALA D 216 -45.38 3.83 -24.52
CA ALA D 216 -46.64 4.42 -24.94
C ALA D 216 -46.98 4.02 -26.36
N ALA D 217 -45.97 4.03 -27.24
CA ALA D 217 -46.20 3.69 -28.64
C ALA D 217 -46.65 2.24 -28.78
N PHE D 218 -46.01 1.32 -28.08
CA PHE D 218 -46.40 -0.08 -28.20
C PHE D 218 -47.79 -0.32 -27.62
N ASN D 219 -48.09 0.29 -26.46
CA ASN D 219 -49.41 0.11 -25.86
C ASN D 219 -50.51 0.84 -26.60
N LYS D 220 -50.16 1.75 -27.52
CA LYS D 220 -51.15 2.42 -28.36
C LYS D 220 -51.31 1.74 -29.70
N GLY D 221 -50.66 0.59 -29.91
CA GLY D 221 -50.75 -0.11 -31.18
C GLY D 221 -50.09 0.60 -32.33
N GLU D 222 -49.13 1.48 -32.06
CA GLU D 222 -48.45 2.25 -33.10
C GLU D 222 -47.15 1.60 -33.56
N THR D 223 -46.57 0.72 -32.75
CA THR D 223 -45.36 0.01 -33.13
C THR D 223 -45.58 -1.49 -32.95
N ALA D 224 -44.94 -2.28 -33.82
CA ALA D 224 -45.14 -3.72 -33.81
C ALA D 224 -44.31 -4.41 -32.73
N MET D 225 -43.11 -3.92 -32.44
CA MET D 225 -42.21 -4.59 -31.52
C MET D 225 -41.58 -3.59 -30.57
N THR D 226 -41.26 -4.07 -29.37
CA THR D 226 -40.45 -3.34 -28.41
C THR D 226 -39.57 -4.35 -27.68
N ILE D 227 -38.58 -3.83 -26.95
CA ILE D 227 -37.70 -4.64 -26.14
C ILE D 227 -37.84 -4.16 -24.70
N ASN D 228 -38.19 -5.07 -23.79
CA ASN D 228 -38.44 -4.68 -22.41
C ASN D 228 -38.41 -5.93 -21.54
N GLY D 229 -38.43 -5.69 -20.22
CA GLY D 229 -38.38 -6.75 -19.24
C GLY D 229 -39.75 -7.10 -18.71
N PRO D 230 -39.81 -8.07 -17.80
CA PRO D 230 -41.11 -8.58 -17.34
C PRO D 230 -41.98 -7.53 -16.68
N TRP D 231 -41.39 -6.51 -16.08
CA TRP D 231 -42.16 -5.45 -15.43
C TRP D 231 -43.13 -4.77 -16.39
N ALA D 232 -42.87 -4.81 -17.70
CA ALA D 232 -43.71 -4.11 -18.66
C ALA D 232 -45.03 -4.83 -18.92
N TRP D 233 -45.12 -6.13 -18.60
CA TRP D 233 -46.27 -6.92 -19.02
C TRP D 233 -47.57 -6.42 -18.40
N SER D 234 -47.50 -5.78 -17.23
CA SER D 234 -48.73 -5.38 -16.54
C SER D 234 -49.47 -4.30 -17.32
N ASN D 235 -48.75 -3.32 -17.85
CA ASN D 235 -49.40 -2.23 -18.57
C ASN D 235 -49.85 -2.66 -19.96
N ILE D 236 -49.19 -3.65 -20.56
CA ILE D 236 -49.69 -4.16 -21.83
C ILE D 236 -50.98 -4.94 -21.60
N ASP D 237 -51.10 -5.61 -20.46
CA ASP D 237 -52.34 -6.29 -20.11
C ASP D 237 -53.51 -5.31 -20.06
N THR D 238 -53.36 -4.22 -19.30
CA THR D 238 -54.44 -3.25 -19.20
C THR D 238 -54.76 -2.63 -20.55
N SER D 239 -53.74 -2.35 -21.37
CA SER D 239 -53.96 -1.73 -22.67
C SER D 239 -54.67 -2.64 -23.64
N LYS D 240 -54.80 -3.93 -23.33
CA LYS D 240 -55.53 -4.90 -24.14
C LYS D 240 -54.90 -5.08 -25.52
N VAL D 241 -53.65 -4.63 -25.69
CA VAL D 241 -52.84 -5.06 -26.83
C VAL D 241 -52.70 -6.57 -26.80
N ASN D 242 -52.90 -7.19 -27.95
CA ASN D 242 -52.74 -8.64 -28.07
C ASN D 242 -51.27 -8.89 -28.40
N TYR D 243 -50.50 -9.29 -27.41
CA TYR D 243 -49.05 -9.29 -27.52
C TYR D 243 -48.48 -10.67 -27.23
N GLY D 244 -47.20 -10.83 -27.54
CA GLY D 244 -46.46 -12.02 -27.18
C GLY D 244 -45.07 -11.64 -26.71
N VAL D 245 -44.43 -12.59 -26.05
CA VAL D 245 -43.07 -12.43 -25.53
C VAL D 245 -42.25 -13.58 -26.06
N THR D 246 -41.20 -13.28 -26.81
CA THR D 246 -40.41 -14.31 -27.48
C THR D 246 -38.93 -13.97 -27.36
N VAL D 247 -38.10 -14.71 -28.07
CA VAL D 247 -36.65 -14.54 -28.03
C VAL D 247 -36.25 -13.37 -28.92
N LEU D 248 -35.21 -12.66 -28.51
CA LEU D 248 -34.71 -11.54 -29.28
C LEU D 248 -34.16 -12.01 -30.63
N PRO D 249 -34.29 -11.18 -31.67
CA PRO D 249 -33.78 -11.57 -32.98
C PRO D 249 -32.27 -11.79 -32.93
N THR D 250 -31.79 -12.61 -33.85
CA THR D 250 -30.36 -12.87 -33.94
C THR D 250 -29.71 -11.85 -34.87
N PHE D 251 -28.40 -11.70 -34.72
CA PHE D 251 -27.64 -10.74 -35.50
C PHE D 251 -26.38 -11.43 -36.00
N LYS D 252 -26.18 -11.43 -37.32
CA LYS D 252 -25.11 -12.18 -37.94
C LYS D 252 -25.15 -13.64 -37.50
N GLY D 253 -26.37 -14.19 -37.43
CA GLY D 253 -26.58 -15.55 -37.01
C GLY D 253 -26.39 -15.80 -35.53
N GLN D 254 -25.83 -14.87 -34.80
CA GLN D 254 -25.57 -15.10 -33.39
C GLN D 254 -26.74 -14.57 -32.56
N PRO D 255 -27.17 -15.27 -31.51
CA PRO D 255 -28.28 -14.77 -30.71
C PRO D 255 -27.89 -13.53 -29.92
N SER D 256 -28.90 -12.74 -29.57
CA SER D 256 -28.69 -11.56 -28.74
C SER D 256 -28.39 -11.99 -27.30
N LYS D 257 -27.45 -11.31 -26.67
CA LYS D 257 -26.90 -11.68 -25.37
C LYS D 257 -27.23 -10.59 -24.36
N PRO D 258 -28.43 -10.58 -23.79
CA PRO D 258 -28.78 -9.57 -22.80
C PRO D 258 -28.01 -9.76 -21.50
N PHE D 259 -27.63 -8.65 -20.90
CA PHE D 259 -27.10 -8.69 -19.54
C PHE D 259 -28.22 -9.08 -18.58
N VAL D 260 -27.97 -10.11 -17.77
CA VAL D 260 -28.98 -10.64 -16.88
C VAL D 260 -28.87 -9.95 -15.54
N GLY D 261 -29.98 -9.46 -15.02
CA GLY D 261 -30.03 -8.77 -13.74
C GLY D 261 -30.76 -9.62 -12.70
N VAL D 262 -30.21 -9.67 -11.51
CA VAL D 262 -30.85 -10.28 -10.35
C VAL D 262 -31.28 -9.17 -9.41
N LEU D 263 -32.58 -8.87 -9.37
CA LEU D 263 -33.06 -7.85 -8.44
C LEU D 263 -32.79 -8.29 -7.01
N SER D 264 -32.16 -7.41 -6.24
CA SER D 264 -31.65 -7.78 -4.92
C SER D 264 -31.97 -6.68 -3.92
N ALA D 265 -32.03 -7.08 -2.65
CA ALA D 265 -32.33 -6.16 -1.55
C ALA D 265 -31.14 -6.12 -0.61
N GLY D 266 -30.50 -4.96 -0.51
CA GLY D 266 -29.40 -4.76 0.41
C GLY D 266 -29.82 -3.96 1.63
N ILE D 267 -29.05 -4.11 2.71
CA ILE D 267 -29.32 -3.45 3.97
C ILE D 267 -28.15 -2.52 4.28
N ASP D 268 -28.47 -1.32 4.76
CA ASP D 268 -27.43 -0.35 5.09
C ASP D 268 -26.61 -0.87 6.27
N ALA D 269 -25.29 -0.89 6.10
CA ALA D 269 -24.42 -1.46 7.10
C ALA D 269 -24.49 -0.74 8.44
N ALA D 270 -24.95 0.51 8.45
CA ALA D 270 -25.02 1.30 9.67
C ALA D 270 -26.45 1.51 10.15
N SER D 271 -27.41 0.83 9.56
CA SER D 271 -28.81 1.06 9.93
C SER D 271 -29.09 0.50 11.32
N PRO D 272 -29.79 1.27 12.16
CA PRO D 272 -30.25 0.74 13.45
C PRO D 272 -31.32 -0.33 13.35
N ASN D 273 -31.84 -0.59 12.15
CA ASN D 273 -32.96 -1.50 11.94
C ASN D 273 -32.54 -2.73 11.15
N LYS D 274 -31.29 -3.16 11.30
CA LYS D 274 -30.78 -4.32 10.56
C LYS D 274 -31.65 -5.55 10.80
N GLU D 275 -31.87 -5.91 12.07
CA GLU D 275 -32.59 -7.14 12.38
C GLU D 275 -34.05 -7.05 11.97
N LEU D 276 -34.65 -5.87 12.03
CA LEU D 276 -35.97 -5.69 11.45
C LEU D 276 -35.93 -5.88 9.93
N ALA D 277 -34.88 -5.35 9.29
CA ALA D 277 -34.76 -5.50 7.85
C ALA D 277 -34.63 -6.97 7.45
N LYS D 278 -33.74 -7.71 8.11
CA LYS D 278 -33.58 -9.12 7.79
C LYS D 278 -34.87 -9.89 8.01
N GLU D 279 -35.61 -9.55 9.07
CA GLU D 279 -36.87 -10.24 9.35
C GLU D 279 -37.90 -9.95 8.27
N PHE D 280 -38.00 -8.69 7.83
CA PHE D 280 -38.94 -8.35 6.77
C PHE D 280 -38.58 -9.08 5.48
N LEU D 281 -37.30 -9.05 5.11
CA LEU D 281 -36.87 -9.67 3.86
C LEU D 281 -37.04 -11.19 3.91
N GLU D 282 -36.62 -11.82 5.00
CA GLU D 282 -36.64 -13.28 5.06
C GLU D 282 -38.03 -13.84 5.31
N ASN D 283 -38.82 -13.22 6.18
CA ASN D 283 -40.05 -13.83 6.66
C ASN D 283 -41.31 -13.23 6.05
N TYR D 284 -41.22 -12.10 5.38
CA TYR D 284 -42.41 -11.47 4.79
C TYR D 284 -42.32 -11.35 3.28
N LEU D 285 -41.21 -10.86 2.73
CA LEU D 285 -41.20 -10.62 1.30
C LEU D 285 -40.80 -11.88 0.53
N LEU D 286 -39.73 -12.54 0.93
CA LEU D 286 -39.29 -13.74 0.22
C LEU D 286 -40.04 -14.97 0.73
N THR D 287 -41.35 -14.88 0.59
CA THR D 287 -42.29 -15.97 0.80
C THR D 287 -43.19 -16.03 -0.41
N ASP D 288 -43.95 -17.11 -0.55
CA ASP D 288 -44.87 -17.21 -1.67
C ASP D 288 -45.81 -16.00 -1.72
N GLU D 289 -46.44 -15.69 -0.58
CA GLU D 289 -47.41 -14.60 -0.54
C GLU D 289 -46.73 -13.25 -0.74
N GLY D 290 -45.52 -13.08 -0.22
CA GLY D 290 -44.84 -11.80 -0.36
C GLY D 290 -44.51 -11.46 -1.81
N LEU D 291 -43.93 -12.43 -2.52
CA LEU D 291 -43.55 -12.17 -3.91
C LEU D 291 -44.74 -12.15 -4.84
N GLU D 292 -45.81 -12.89 -4.52
CA GLU D 292 -47.03 -12.80 -5.30
C GLU D 292 -47.67 -11.41 -5.16
N ALA D 293 -47.52 -10.78 -4.01
CA ALA D 293 -48.04 -9.42 -3.84
C ALA D 293 -47.31 -8.44 -4.73
N VAL D 294 -45.99 -8.55 -4.83
CA VAL D 294 -45.23 -7.69 -5.73
C VAL D 294 -45.49 -8.06 -7.18
N ASN D 295 -45.57 -9.37 -7.47
CA ASN D 295 -45.71 -9.83 -8.84
C ASN D 295 -47.02 -9.37 -9.46
N LYS D 296 -48.09 -9.29 -8.65
CA LYS D 296 -49.37 -8.86 -9.18
C LYS D 296 -49.34 -7.43 -9.66
N ASP D 297 -48.61 -6.56 -8.97
CA ASP D 297 -48.51 -5.18 -9.43
C ASP D 297 -47.67 -5.09 -10.70
N LYS D 298 -46.40 -5.53 -10.62
CA LYS D 298 -45.55 -5.66 -11.79
C LYS D 298 -44.78 -6.97 -11.71
N PRO D 299 -44.70 -7.72 -12.82
CA PRO D 299 -44.05 -9.04 -12.78
C PRO D 299 -42.58 -8.93 -12.45
N LEU D 300 -42.13 -9.79 -11.52
CA LEU D 300 -40.73 -9.80 -11.11
C LEU D 300 -39.82 -10.54 -12.09
N GLY D 301 -40.38 -11.40 -12.93
CA GLY D 301 -39.57 -12.27 -13.76
C GLY D 301 -39.44 -13.64 -13.14
N ALA D 302 -38.25 -14.22 -13.22
CA ALA D 302 -37.99 -15.54 -12.63
C ALA D 302 -37.49 -15.34 -11.21
N VAL D 303 -38.36 -15.58 -10.24
CA VAL D 303 -38.03 -15.29 -8.86
C VAL D 303 -37.04 -16.31 -8.32
N ALA D 304 -36.27 -15.90 -7.32
CA ALA D 304 -35.27 -16.75 -6.70
C ALA D 304 -35.89 -17.80 -5.78
N LEU D 305 -37.15 -17.62 -5.39
CA LEU D 305 -37.77 -18.53 -4.43
C LEU D 305 -38.30 -19.76 -5.17
N LYS D 306 -37.75 -20.92 -4.85
CA LYS D 306 -38.03 -22.14 -5.61
C LYS D 306 -39.52 -22.45 -5.68
N SER D 307 -40.21 -22.38 -4.55
CA SER D 307 -41.61 -22.81 -4.51
C SER D 307 -42.47 -21.98 -5.46
N TYR D 308 -42.26 -20.66 -5.46
CA TYR D 308 -43.06 -19.80 -6.32
C TYR D 308 -42.62 -19.87 -7.77
N GLU D 309 -41.33 -20.11 -8.01
CA GLU D 309 -40.86 -20.09 -9.40
C GLU D 309 -41.26 -21.36 -10.15
N GLU D 310 -41.48 -22.46 -9.44
CA GLU D 310 -41.96 -23.66 -10.11
C GLU D 310 -43.38 -23.50 -10.62
N GLU D 311 -44.13 -22.55 -10.06
CA GLU D 311 -45.43 -22.17 -10.62
C GLU D 311 -45.28 -21.10 -11.71
N LEU D 312 -44.36 -20.16 -11.52
CA LEU D 312 -44.15 -19.11 -12.51
C LEU D 312 -43.62 -19.67 -13.83
N ALA D 313 -42.87 -20.78 -13.77
CA ALA D 313 -42.21 -21.31 -14.96
C ALA D 313 -43.18 -21.86 -15.98
N LYS D 314 -44.46 -22.01 -15.64
CA LYS D 314 -45.45 -22.50 -16.59
C LYS D 314 -46.06 -21.40 -17.46
N ASP D 315 -45.64 -20.14 -17.29
CA ASP D 315 -46.06 -19.06 -18.17
C ASP D 315 -45.10 -18.96 -19.33
N PRO D 316 -45.57 -19.02 -20.58
CA PRO D 316 -44.66 -18.87 -21.72
C PRO D 316 -43.86 -17.58 -21.69
N ARG D 317 -44.40 -16.49 -21.10
CA ARG D 317 -43.61 -15.27 -21.01
C ARG D 317 -42.39 -15.46 -20.12
N ILE D 318 -42.54 -16.21 -19.02
CA ILE D 318 -41.40 -16.48 -18.17
C ILE D 318 -40.45 -17.46 -18.86
N ALA D 319 -41.00 -18.40 -19.63
CA ALA D 319 -40.16 -19.30 -20.41
C ALA D 319 -39.31 -18.54 -21.42
N ALA D 320 -39.89 -17.57 -22.11
CA ALA D 320 -39.13 -16.75 -23.04
C ALA D 320 -38.06 -15.95 -22.33
N THR D 321 -38.38 -15.39 -21.17
CA THR D 321 -37.40 -14.64 -20.39
C THR D 321 -36.22 -15.52 -20.02
N MET D 322 -36.48 -16.74 -19.53
CA MET D 322 -35.40 -17.64 -19.16
C MET D 322 -34.55 -18.02 -20.37
N GLU D 323 -35.18 -18.19 -21.53
CA GLU D 323 -34.42 -18.57 -22.72
C GLU D 323 -33.53 -17.41 -23.18
N ASN D 324 -34.05 -16.18 -23.20
CA ASN D 324 -33.20 -15.03 -23.47
C ASN D 324 -32.13 -14.86 -22.40
N ALA D 325 -32.47 -15.20 -21.15
CA ALA D 325 -31.50 -15.08 -20.07
C ALA D 325 -30.32 -16.03 -20.24
N GLN D 326 -30.57 -17.25 -20.72
CA GLN D 326 -29.48 -18.21 -20.91
C GLN D 326 -28.61 -17.82 -22.09
N LYS D 327 -29.21 -17.25 -23.14
CA LYS D 327 -28.42 -16.78 -24.27
C LYS D 327 -27.48 -15.65 -23.85
N GLY D 328 -27.87 -14.87 -22.85
CA GLY D 328 -27.04 -13.82 -22.29
C GLY D 328 -26.16 -14.31 -21.16
N GLU D 329 -25.63 -13.36 -20.41
CA GLU D 329 -24.74 -13.67 -19.30
C GLU D 329 -25.10 -12.82 -18.08
N ILE D 330 -24.75 -13.34 -16.90
CA ILE D 330 -24.95 -12.61 -15.66
C ILE D 330 -24.06 -11.38 -15.64
N MET D 331 -24.60 -10.26 -15.16
CA MET D 331 -23.80 -9.06 -15.05
C MET D 331 -22.71 -9.27 -14.01
N PRO D 332 -21.52 -8.74 -14.23
CA PRO D 332 -20.54 -8.67 -13.14
C PRO D 332 -21.03 -7.72 -12.06
N ASN D 333 -20.63 -8.00 -10.82
CA ASN D 333 -20.94 -7.10 -9.73
C ASN D 333 -19.72 -6.31 -9.26
N ILE D 334 -18.64 -6.31 -10.05
CA ILE D 334 -17.42 -5.62 -9.64
C ILE D 334 -17.69 -4.11 -9.65
N PRO D 335 -17.01 -3.32 -8.83
CA PRO D 335 -17.32 -1.88 -8.76
C PRO D 335 -17.15 -1.14 -10.08
N GLN D 336 -16.31 -1.64 -10.97
CA GLN D 336 -16.06 -0.98 -12.24
C GLN D 336 -17.27 -0.98 -13.17
N MET D 337 -18.34 -1.70 -12.82
CA MET D 337 -19.53 -1.75 -13.67
C MET D 337 -20.16 -0.38 -13.86
N SER D 338 -20.10 0.49 -12.84
CA SER D 338 -20.63 1.83 -12.99
C SER D 338 -19.91 2.59 -14.10
N ALA D 339 -18.58 2.50 -14.13
CA ALA D 339 -17.84 3.10 -15.24
C ALA D 339 -18.23 2.46 -16.56
N PHE D 340 -18.42 1.14 -16.57
CA PHE D 340 -18.79 0.45 -17.80
C PHE D 340 -20.11 0.96 -18.34
N TRP D 341 -21.12 1.09 -17.48
CA TRP D 341 -22.43 1.53 -17.94
C TRP D 341 -22.40 2.99 -18.39
N TYR D 342 -21.75 3.86 -17.63
CA TYR D 342 -21.74 5.28 -17.96
C TYR D 342 -21.01 5.53 -19.27
N ALA D 343 -19.86 4.88 -19.48
CA ALA D 343 -19.13 5.04 -20.73
C ALA D 343 -19.93 4.51 -21.91
N VAL D 344 -20.58 3.36 -21.74
CA VAL D 344 -21.33 2.77 -22.84
C VAL D 344 -22.60 3.57 -23.12
N ARG D 345 -23.21 4.15 -22.08
CA ARG D 345 -24.33 5.06 -22.31
C ARG D 345 -23.92 6.23 -23.18
N THR D 346 -22.75 6.81 -22.88
CA THR D 346 -22.25 7.94 -23.67
C THR D 346 -22.00 7.52 -25.11
N ALA D 347 -21.35 6.37 -25.31
CA ALA D 347 -20.98 5.93 -26.64
C ALA D 347 -22.20 5.70 -27.53
N VAL D 348 -23.21 5.01 -27.00
CA VAL D 348 -24.36 4.66 -27.83
C VAL D 348 -25.17 5.89 -28.18
N ILE D 349 -25.31 6.83 -27.24
CA ILE D 349 -26.09 8.04 -27.52
C ILE D 349 -25.34 8.93 -28.51
N ASN D 350 -24.02 9.06 -28.36
CA ASN D 350 -23.26 9.91 -29.26
C ASN D 350 -23.24 9.35 -30.67
N ALA D 351 -23.07 8.03 -30.80
CA ALA D 351 -23.09 7.42 -32.13
C ALA D 351 -24.47 7.51 -32.76
N ALA D 352 -25.52 7.27 -31.97
CA ALA D 352 -26.87 7.31 -32.52
C ALA D 352 -27.29 8.71 -32.93
N SER D 353 -26.84 9.72 -32.19
CA SER D 353 -27.16 11.10 -32.50
C SER D 353 -26.22 11.69 -33.54
N GLY D 354 -25.14 11.00 -33.88
CA GLY D 354 -24.25 11.45 -34.92
C GLY D 354 -23.08 12.29 -34.44
N ARG D 355 -22.94 12.50 -33.13
CA ARG D 355 -21.87 13.36 -32.66
C ARG D 355 -20.50 12.69 -32.76
N GLN D 356 -20.43 11.36 -32.81
CA GLN D 356 -19.19 10.67 -33.13
C GLN D 356 -19.48 9.46 -34.01
N THR D 357 -18.43 8.96 -34.64
CA THR D 357 -18.53 7.71 -35.38
C THR D 357 -18.55 6.55 -34.40
N VAL D 358 -18.99 5.38 -34.88
CA VAL D 358 -19.00 4.19 -34.04
C VAL D 358 -17.61 3.89 -33.50
N ASP D 359 -16.57 4.07 -34.33
CA ASP D 359 -15.22 3.78 -33.87
C ASP D 359 -14.75 4.81 -32.86
N GLU D 360 -15.12 6.07 -33.02
CA GLU D 360 -14.71 7.09 -32.05
C GLU D 360 -15.46 6.90 -30.74
N ALA D 361 -16.73 6.55 -30.81
CA ALA D 361 -17.54 6.45 -29.59
C ALA D 361 -17.07 5.30 -28.70
N LEU D 362 -16.82 4.13 -29.29
CA LEU D 362 -16.46 2.97 -28.48
C LEU D 362 -15.03 3.03 -27.95
N LYS D 363 -14.12 3.67 -28.67
CA LYS D 363 -12.77 3.84 -28.16
C LYS D 363 -12.76 4.73 -26.93
N ASP D 364 -13.50 5.84 -26.98
CA ASP D 364 -13.60 6.68 -25.80
C ASP D 364 -14.28 5.93 -24.67
N ALA D 365 -15.30 5.13 -24.99
CA ALA D 365 -15.92 4.28 -23.98
C ALA D 365 -14.90 3.37 -23.32
N GLN D 366 -13.96 2.84 -24.10
CA GLN D 366 -12.95 1.96 -23.52
C GLN D 366 -11.97 2.73 -22.64
N THR D 367 -11.61 3.95 -23.05
CA THR D 367 -10.66 4.73 -22.26
C THR D 367 -11.27 5.17 -20.93
N ARG D 368 -12.56 5.51 -20.92
CA ARG D 368 -13.22 5.83 -19.66
C ARG D 368 -13.14 4.66 -18.69
N ILE D 369 -13.41 3.44 -19.18
CA ILE D 369 -13.47 2.27 -18.30
C ILE D 369 -12.11 1.99 -17.68
N THR D 370 -11.07 1.96 -18.50
CA THR D 370 -9.73 1.63 -17.97
C THR D 370 -9.12 2.79 -17.19
N VAL D 371 -9.64 4.01 -17.34
CA VAL D 371 -9.13 5.14 -16.58
C VAL D 371 -10.00 5.50 -15.37
N SER D 372 -11.26 5.08 -15.33
CA SER D 372 -12.12 5.43 -14.21
C SER D 372 -11.64 4.95 -12.84
N PRO D 373 -10.97 3.81 -12.69
CA PRO D 373 -10.44 3.45 -11.36
C PRO D 373 -9.50 4.48 -10.76
N PHE D 374 -9.07 5.49 -11.51
CA PHE D 374 -8.19 6.52 -10.98
C PHE D 374 -8.93 7.63 -10.25
N GLY D 375 -10.27 7.59 -10.22
CA GLY D 375 -11.03 8.54 -9.44
C GLY D 375 -11.46 9.75 -10.23
N GLY D 376 -12.43 10.47 -9.66
CA GLY D 376 -12.96 11.69 -10.25
C GLY D 376 -12.06 12.90 -10.18
N LEU D 377 -10.88 12.80 -9.57
CA LEU D 377 -10.02 13.97 -9.39
C LEU D 377 -8.60 13.58 -9.74
N LYS D 378 -7.99 14.31 -10.69
CA LYS D 378 -6.60 14.10 -11.01
C LYS D 378 -5.68 15.02 -10.22
N ARG D 379 -6.20 16.14 -9.74
CA ARG D 379 -5.43 17.21 -9.13
C ARG D 379 -6.42 18.29 -8.68
N LEU D 380 -6.14 18.87 -7.53
CA LEU D 380 -6.97 19.96 -7.01
C LEU D 380 -7.15 21.02 -8.10
N PRO D 381 -8.34 21.62 -8.22
CA PRO D 381 -8.53 22.68 -9.21
C PRO D 381 -7.45 23.74 -9.15
N ALA D 382 -7.09 24.25 -10.33
CA ALA D 382 -6.04 25.26 -10.44
C ALA D 382 -6.35 26.46 -9.54
N GLY D 383 -5.33 26.89 -8.80
CA GLY D 383 -5.44 28.06 -7.96
C GLY D 383 -6.23 27.88 -6.68
N LEU D 384 -6.65 26.66 -6.34
CA LEU D 384 -7.42 26.46 -5.12
C LEU D 384 -6.58 26.69 -3.87
N LEU D 385 -5.36 26.13 -3.85
CA LEU D 385 -4.53 26.32 -2.67
C LEU D 385 -4.00 27.74 -2.54
N LEU D 386 -4.33 28.62 -3.49
CA LEU D 386 -4.05 30.04 -3.38
C LEU D 386 -5.33 30.85 -3.21
N GLY D 387 -6.45 30.21 -2.90
CA GLY D 387 -7.67 30.89 -2.53
C GLY D 387 -8.69 31.08 -3.61
N HIS D 388 -8.46 30.60 -4.83
CA HIS D 388 -9.38 30.79 -5.93
C HIS D 388 -10.36 29.62 -6.02
N GLY D 389 -11.66 29.93 -6.03
CA GLY D 389 -12.68 28.92 -6.17
C GLY D 389 -13.92 29.24 -5.38
N PRO D 390 -14.98 28.46 -5.59
CA PRO D 390 -16.21 28.64 -4.80
C PRO D 390 -15.96 28.42 -3.32
N ILE D 391 -16.71 29.14 -2.49
CA ILE D 391 -16.41 29.19 -1.06
C ILE D 391 -16.54 27.80 -0.43
N ARG D 392 -17.51 27.01 -0.89
CA ARG D 392 -17.72 25.69 -0.30
C ARG D 392 -16.50 24.80 -0.50
N MET D 393 -15.91 24.83 -1.70
CA MET D 393 -14.69 24.08 -1.93
C MET D 393 -13.50 24.72 -1.22
N VAL D 394 -13.55 26.04 -1.01
CA VAL D 394 -12.47 26.71 -0.30
C VAL D 394 -12.47 26.33 1.17
N LEU D 395 -13.66 26.22 1.78
CA LEU D 395 -13.72 25.77 3.16
C LEU D 395 -13.32 24.31 3.30
N ALA D 396 -13.61 23.49 2.28
CA ALA D 396 -13.19 22.08 2.33
C ALA D 396 -11.68 21.96 2.38
N ILE D 397 -10.96 22.72 1.56
CA ILE D 397 -9.51 22.64 1.55
C ILE D 397 -8.93 23.26 2.82
N LEU D 398 -9.60 24.26 3.40
CA LEU D 398 -9.16 24.80 4.68
C LEU D 398 -9.30 23.75 5.78
N ALA D 399 -10.42 23.03 5.79
CA ALA D 399 -10.59 21.92 6.71
C ALA D 399 -9.51 20.87 6.52
N PHE D 400 -9.17 20.58 5.26
CA PHE D 400 -8.14 19.59 4.96
C PHE D 400 -6.79 20.02 5.52
N LEU D 401 -6.42 21.29 5.34
CA LEU D 401 -5.12 21.76 5.81
C LEU D 401 -5.06 21.83 7.33
N ARG D 402 -6.20 22.06 7.98
CA ARG D 402 -6.23 22.01 9.44
C ARG D 402 -6.09 20.59 9.94
N PHE D 403 -6.76 19.64 9.27
CA PHE D 403 -6.63 18.23 9.62
C PHE D 403 -5.19 17.77 9.57
N THR D 404 -4.43 18.25 8.58
CA THR D 404 -3.07 17.80 8.34
C THR D 404 -2.03 18.71 9.00
N ALA D 405 -2.46 19.77 9.67
CA ALA D 405 -1.56 20.74 10.29
C ALA D 405 -0.58 21.32 9.28
N ILE D 406 -1.13 21.85 8.19
CA ILE D 406 -0.36 22.53 7.16
C ILE D 406 -0.80 23.98 7.14
N LYS D 407 0.16 24.88 7.10
CA LYS D 407 -0.16 26.30 7.13
C LYS D 407 -0.74 26.72 5.78
N PRO D 408 -1.96 27.26 5.74
CA PRO D 408 -2.55 27.63 4.45
C PRO D 408 -1.92 28.89 3.88
N SER D 409 -2.09 29.05 2.58
CA SER D 409 -1.59 30.24 1.91
C SER D 409 -2.37 31.47 2.38
N LEU D 410 -1.81 32.64 2.08
CA LEU D 410 -2.45 33.89 2.47
C LEU D 410 -3.72 34.15 1.66
N GLY D 411 -3.77 33.66 0.42
CA GLY D 411 -4.99 33.77 -0.34
C GLY D 411 -6.14 33.03 0.31
N LEU D 412 -5.87 31.83 0.82
CA LEU D 412 -6.90 31.09 1.55
C LEU D 412 -7.30 31.83 2.81
N ILE D 413 -6.33 32.38 3.53
CA ILE D 413 -6.62 33.10 4.77
C ILE D 413 -7.45 34.36 4.48
N ASN D 414 -7.25 34.99 3.33
CA ASN D 414 -8.08 36.14 3.01
C ASN D 414 -9.49 35.71 2.65
N ARG D 415 -9.62 34.58 1.96
CA ARG D 415 -10.94 33.98 1.77
C ARG D 415 -11.56 33.56 3.09
N TRP D 416 -10.73 33.01 3.99
CA TRP D 416 -11.21 32.62 5.31
C TRP D 416 -11.72 33.80 6.11
N GLY D 417 -11.13 34.98 5.91
CA GLY D 417 -11.55 36.16 6.64
C GLY D 417 -12.75 36.87 6.08
N SER D 418 -13.05 36.66 4.80
CA SER D 418 -14.10 37.43 4.13
C SER D 418 -15.42 36.70 3.98
N VAL D 419 -15.47 35.39 4.23
CA VAL D 419 -16.71 34.66 4.05
C VAL D 419 -17.70 35.03 5.14
N GLY D 420 -18.98 35.01 4.80
CA GLY D 420 -20.02 35.36 5.75
C GLY D 420 -20.09 34.39 6.91
N LYS D 421 -20.32 34.95 8.10
CA LYS D 421 -20.37 34.16 9.33
C LYS D 421 -21.44 33.07 9.25
N LYS D 422 -22.68 33.47 8.96
CA LYS D 422 -23.79 32.54 8.94
C LYS D 422 -23.63 31.48 7.84
N GLU D 423 -23.05 31.85 6.70
CA GLU D 423 -22.93 30.91 5.59
C GLU D 423 -21.79 29.91 5.83
N ALA D 424 -20.64 30.39 6.31
CA ALA D 424 -19.53 29.49 6.58
C ALA D 424 -19.86 28.51 7.70
N MET D 425 -20.62 28.96 8.70
CA MET D 425 -20.95 28.07 9.81
C MET D 425 -21.78 26.88 9.33
N GLU D 426 -22.84 27.14 8.57
CA GLU D 426 -23.72 26.05 8.15
C GLU D 426 -23.02 25.11 7.17
N ILE D 427 -22.10 25.62 6.35
CA ILE D 427 -21.32 24.76 5.47
C ILE D 427 -20.44 23.83 6.28
N ILE D 428 -19.82 24.37 7.34
CA ILE D 428 -18.89 23.58 8.13
C ILE D 428 -19.64 22.61 9.04
N LYS D 429 -20.87 22.94 9.43
CA LYS D 429 -21.71 21.98 10.15
C LYS D 429 -22.08 20.80 9.26
N LYS D 430 -22.30 21.05 7.98
CA LYS D 430 -22.51 19.97 7.03
C LYS D 430 -21.28 19.08 6.92
N PHE D 431 -20.09 19.69 6.94
CA PHE D 431 -18.86 18.90 6.97
C PHE D 431 -18.83 17.98 8.18
N LYS D 432 -19.25 18.47 9.34
CA LYS D 432 -19.32 17.62 10.52
C LYS D 432 -20.29 16.47 10.32
N LYS D 433 -21.43 16.73 9.68
CA LYS D 433 -22.37 15.65 9.38
C LYS D 433 -21.77 14.65 8.41
N ASP D 434 -20.87 15.11 7.53
CA ASP D 434 -20.18 14.17 6.65
C ASP D 434 -19.23 13.27 7.42
N LEU D 435 -18.47 13.84 8.37
CA LEU D 435 -17.58 13.02 9.18
C LEU D 435 -18.36 12.09 10.09
N ALA D 436 -19.51 12.54 10.60
CA ALA D 436 -20.36 11.67 11.40
C ALA D 436 -20.72 10.40 10.62
N ALA D 437 -21.01 10.54 9.33
CA ALA D 437 -21.28 9.38 8.49
C ALA D 437 -20.02 8.52 8.33
N MET D 438 -18.88 9.14 8.10
CA MET D 438 -17.63 8.38 8.01
C MET D 438 -17.40 7.57 9.27
N LEU D 439 -17.68 8.14 10.44
CA LEU D 439 -17.53 7.38 11.68
C LEU D 439 -18.47 6.18 11.72
N ARG D 440 -19.73 6.36 11.32
CA ARG D 440 -20.67 5.25 11.40
C ARG D 440 -20.31 4.13 10.44
N ILE D 441 -19.82 4.48 9.24
CA ILE D 441 -19.43 3.45 8.28
C ILE D 441 -18.35 2.55 8.88
N ILE D 442 -17.35 3.14 9.53
CA ILE D 442 -16.26 2.34 10.09
C ILE D 442 -16.75 1.54 11.29
N ASN D 443 -17.55 2.15 12.17
CA ASN D 443 -17.97 1.42 13.36
C ASN D 443 -18.89 0.26 13.01
N ALA D 444 -19.45 0.26 11.81
CA ALA D 444 -20.28 -0.83 11.33
C ALA D 444 -19.45 -1.97 10.74
N ARG D 445 -18.13 -1.82 10.69
CA ARG D 445 -17.27 -2.84 10.11
C ARG D 445 -17.02 -3.99 11.10
C1 GLC E . 11.83 37.11 25.51
C2 GLC E . 11.09 38.28 24.87
C3 GLC E . 10.54 37.90 23.51
C4 GLC E . 11.62 37.24 22.65
C5 GLC E . 12.31 36.13 23.43
C6 GLC E . 13.45 35.54 22.60
O1 GLC E . 10.90 36.08 25.77
O2 GLC E . 10.01 38.65 25.70
O3 GLC E . 10.10 39.07 22.87
O4 GLC E . 11.07 36.73 21.46
O5 GLC E . 12.83 36.64 24.63
O6 GLC E . 13.89 34.34 23.21
C1 GLC E . 11.36 37.42 20.26
C2 GLC E . 10.10 37.58 19.44
C3 GLC E . 9.56 36.21 19.08
C4 GLC E . 10.63 35.43 18.34
C5 GLC E . 11.93 35.40 19.14
C6 GLC E . 13.04 34.76 18.31
O2 GLC E . 9.14 38.29 20.18
O3 GLC E . 8.42 36.35 18.26
O4 GLC E . 10.18 34.11 18.12
O5 GLC E . 12.32 36.70 19.52
O6 GLC E . 14.22 34.73 19.07
C1 GLC F . 36.18 7.88 -0.97
C2 GLC F . 35.14 8.54 -0.07
C3 GLC F . 33.76 7.99 -0.41
C4 GLC F . 33.48 8.21 -1.88
C5 GLC F . 34.61 7.60 -2.72
C6 GLC F . 34.39 7.90 -4.19
O1 GLC F . 36.20 6.50 -0.71
O2 GLC F . 35.43 8.27 1.28
O3 GLC F . 32.80 8.67 0.36
O4 GLC F . 32.25 7.61 -2.24
O5 GLC F . 35.85 8.12 -2.32
O6 GLC F . 35.11 6.97 -4.97
C1 GLC F . 31.13 8.43 -2.38
C2 GLC F . 29.93 7.81 -1.68
C3 GLC F . 29.54 6.51 -2.36
C4 GLC F . 29.30 6.76 -3.84
C5 GLC F . 30.52 7.43 -4.45
C6 GLC F . 30.24 7.76 -5.91
O2 GLC F . 30.27 7.55 -0.34
O3 GLC F . 28.35 6.01 -1.77
O4 GLC F . 29.07 5.53 -4.49
O5 GLC F . 30.83 8.62 -3.76
O6 GLC F . 31.45 8.08 -6.56
C1 GLC G . -14.03 -44.65 -4.96
C2 GLC G . -13.17 -45.21 -6.09
C3 GLC G . -12.32 -44.12 -6.73
C4 GLC G . -13.18 -42.91 -7.09
C5 GLC G . -13.97 -42.47 -5.86
C6 GLC G . -14.85 -41.29 -6.18
O1 GLC G . -13.20 -44.25 -3.90
O2 GLC G . -12.33 -46.20 -5.57
O3 GLC G . -11.73 -44.65 -7.89
O4 GLC G . -12.38 -41.83 -7.52
O5 GLC G . -14.77 -43.54 -5.42
O6 GLC G . -15.44 -40.83 -4.99
C1 GLC G . -12.32 -41.60 -8.91
C2 GLC G . -10.88 -41.36 -9.33
C3 GLC G . -10.35 -40.10 -8.69
C4 GLC G . -11.24 -38.93 -9.07
C5 GLC G . -12.70 -39.24 -8.75
C6 GLC G . -13.58 -38.13 -9.33
O2 GLC G . -10.08 -42.45 -8.90
O3 GLC G . -9.04 -39.85 -9.12
O4 GLC G . -10.84 -37.79 -8.38
O5 GLC G . -13.10 -40.48 -9.28
O6 GLC G . -14.94 -38.37 -9.04
C1 GLC H . -34.55 -1.84 -15.18
C2 GLC H . -33.68 -2.98 -14.66
C3 GLC H . -32.25 -2.53 -14.39
C4 GLC H . -31.69 -1.75 -15.57
C5 GLC H . -32.67 -0.65 -15.99
C6 GLC H . -32.16 0.09 -17.21
O1 GLC H . -34.73 -0.92 -14.13
O2 GLC H . -34.23 -3.44 -13.45
O3 GLC H . -31.43 -3.66 -14.17
O4 GLC H . -30.45 -1.18 -15.23
O5 GLC H . -33.93 -1.20 -16.27
O6 GLC H . -32.85 1.31 -17.33
C1 GLC H . -29.27 -1.83 -15.68
C2 GLC H . -28.32 -1.95 -14.51
C3 GLC H . -27.87 -0.57 -14.06
C4 GLC H . -27.28 0.17 -15.25
C5 GLC H . -28.29 0.20 -16.39
C6 GLC H . -27.68 0.89 -17.61
O2 GLC H . -28.98 -2.59 -13.44
O3 GLC H . -26.90 -0.69 -13.04
O4 GLC H . -26.97 1.50 -14.87
O5 GLC H . -28.67 -1.11 -16.73
O6 GLC H . -28.62 0.92 -18.66
#